data_8T98
# 
_entry.id   8T98 
# 
_audit_conform.dict_name       mmcif_pdbx.dic 
_audit_conform.dict_version    5.386 
_audit_conform.dict_location   http://mmcif.pdb.org/dictionaries/ascii/mmcif_pdbx.dic 
# 
loop_
_database_2.database_id 
_database_2.database_code 
_database_2.pdbx_database_accession 
_database_2.pdbx_DOI 
PDB   8T98         pdb_00008t98 10.2210/pdb8t98/pdb 
WWPDB D_1000275308 ?            ?                   
# 
loop_
_pdbx_audit_revision_history.ordinal 
_pdbx_audit_revision_history.data_content_type 
_pdbx_audit_revision_history.major_revision 
_pdbx_audit_revision_history.minor_revision 
_pdbx_audit_revision_history.revision_date 
1 'Structure model' 1 0 2023-11-15 
2 'Structure model' 1 1 2024-01-24 
3 'Structure model' 1 2 2024-02-14 
# 
_pdbx_audit_revision_details.ordinal             1 
_pdbx_audit_revision_details.revision_ordinal    1 
_pdbx_audit_revision_details.data_content_type   'Structure model' 
_pdbx_audit_revision_details.provider            repository 
_pdbx_audit_revision_details.type                'Initial release' 
_pdbx_audit_revision_details.description         ? 
_pdbx_audit_revision_details.details             ? 
# 
loop_
_pdbx_audit_revision_group.ordinal 
_pdbx_audit_revision_group.revision_ordinal 
_pdbx_audit_revision_group.data_content_type 
_pdbx_audit_revision_group.group 
1 2 'Structure model' 'Database references' 
2 3 'Structure model' 'Database references' 
# 
loop_
_pdbx_audit_revision_category.ordinal 
_pdbx_audit_revision_category.revision_ordinal 
_pdbx_audit_revision_category.data_content_type 
_pdbx_audit_revision_category.category 
1 2 'Structure model' citation        
2 2 'Structure model' citation_author 
3 3 'Structure model' citation        
4 3 'Structure model' citation_author 
# 
loop_
_pdbx_audit_revision_item.ordinal 
_pdbx_audit_revision_item.revision_ordinal 
_pdbx_audit_revision_item.data_content_type 
_pdbx_audit_revision_item.item 
1 2 'Structure model' '_citation.pdbx_database_id_DOI'    
2 2 'Structure model' '_citation.pdbx_database_id_PubMed' 
3 2 'Structure model' '_citation.title'                   
4 2 'Structure model' '_citation.year'                    
5 3 'Structure model' '_citation.journal_volume'          
6 3 'Structure model' '_citation.page_first'              
7 3 'Structure model' '_citation.page_last'               
8 3 'Structure model' '_citation_author.identifier_ORCID' 
# 
_pdbx_database_status.status_code                     REL 
_pdbx_database_status.status_code_sf                  REL 
_pdbx_database_status.status_code_mr                  ? 
_pdbx_database_status.entry_id                        8T98 
_pdbx_database_status.recvd_initial_deposition_date   2023-06-23 
_pdbx_database_status.SG_entry                        N 
_pdbx_database_status.deposit_site                    RCSB 
_pdbx_database_status.process_site                    RCSB 
_pdbx_database_status.status_code_cs                  ? 
_pdbx_database_status.status_code_nmr_data            ? 
_pdbx_database_status.methods_development_category    ? 
_pdbx_database_status.pdb_format_compatible           Y 
# 
loop_
_pdbx_contact_author.id 
_pdbx_contact_author.email 
_pdbx_contact_author.name_first 
_pdbx_contact_author.name_last 
_pdbx_contact_author.name_mi 
_pdbx_contact_author.role 
_pdbx_contact_author.identifier_ORCID 
2 huanchen.wang@nih.gov Huanchen Wang   ? 'principal investigator/group leader' 0000-0003-2701-7155 
3 shears@niehs.nih.gov  Stephen  Shears B 'principal investigator/group leader' 0000-0001-7309-8916 
# 
loop_
_audit_author.name 
_audit_author.pdbx_ordinal 
_audit_author.identifier_ORCID 
'Zong, G.'     1 0000-0001-6019-5741 
'Wang, H.'     2 0000-0003-2701-7155 
'Shears, S.B.' 3 0000-0001-7309-8916 
# 
_citation.abstract                  ? 
_citation.abstract_id_CAS           ? 
_citation.book_id_ISBN              ? 
_citation.book_publisher            ? 
_citation.book_publisher_city       ? 
_citation.book_title                ? 
_citation.coordinate_linkage        ? 
_citation.country                   UK 
_citation.database_id_Medline       ? 
_citation.details                   ? 
_citation.id                        primary 
_citation.journal_abbrev            'Embo J.' 
_citation.journal_id_ASTM           EMJODG 
_citation.journal_id_CSD            0897 
_citation.journal_id_ISSN           1460-2075 
_citation.journal_full              ? 
_citation.journal_issue             ? 
_citation.journal_volume            43 
_citation.language                  ? 
_citation.page_first                462 
_citation.page_last                 480 
_citation.title                     
'Biochemical and structural characterization of an inositol pyrophosphate kinase from a giant virus.' 
_citation.year                      2024 
_citation.database_id_CSD           ? 
_citation.pdbx_database_id_DOI      10.1038/s44318-023-00005-0 
_citation.pdbx_database_id_PubMed   38216735 
_citation.pdbx_database_id_patent   ? 
_citation.unpublished_flag          ? 
# 
loop_
_citation_author.citation_id 
_citation_author.name 
_citation_author.ordinal 
_citation_author.identifier_ORCID 
primary 'Zong, G.'           1 ? 
primary 'Desfougeres, Y.'    2 ? 
primary 'Portela-Torres, P.' 3 ? 
primary 'Kwon, Y.U.'         4 ? 
primary 'Saiardi, A.'        5 ? 
primary 'Shears, S.B.'       6 ? 
primary 'Wang, H.'           7 ? 
# 
loop_
_entity.id 
_entity.type 
_entity.src_method 
_entity.pdbx_description 
_entity.formula_weight 
_entity.pdbx_number_of_molecules 
_entity.pdbx_ec 
_entity.pdbx_mutation 
_entity.pdbx_fragment 
_entity.details 
1 polymer     man 'Diphosphoinositol polyphosphate phosphohydrolase 1'                                             17115.367 1   
3.6.1.52,3.6.1.- ? 'residues 1-148' ? 
2 non-polymer syn '(1r,2R,3S,4r,5R,6S)-4-hydroxy-2,3,5,6-tetrakis(phosphonooxy)cyclohexyl trihydrogen diphosphate' 660.035   1   ? 
? ?                ? 
3 non-polymer syn 'MAGNESIUM ION'                                                                                  24.305    3   ? 
? ?                ? 
4 non-polymer syn 'CHLORIDE ION'                                                                                   35.453    2   ? 
? ?                ? 
5 non-polymer nat 'FLUORIDE ION'                                                                                   18.998    1   ? 
? ?                ? 
6 water       nat water                                                                                            18.015    230 ? 
? ?                ? 
# 
_entity_name_com.entity_id   1 
_entity_name_com.name        
;DIPP-1,Diadenosine 5',5'''-P1,P6-hexaphosphate hydrolase 1,Nucleoside diphosphate-linked moiety X motif 3,Nudix motif 3
;
# 
_entity_poly.entity_id                      1 
_entity_poly.type                           'polypeptide(L)' 
_entity_poly.nstd_linkage                   no 
_entity_poly.nstd_monomer                   no 
_entity_poly.pdbx_seq_one_letter_code       
;MMKLKSNQTRTYDGDGYKKRAACLCFRSESEEEVLLVSSSRHPDRWIVPGGGMEPEEEPSVAAVREVCEEAGVKGTLGRL
VGIFENQERKHRTYVYVLIVTEVLEDWEDSVNIGRKREWFKIEDAIKVLQYHKPVQASYFETLRQGYS
;
_entity_poly.pdbx_seq_one_letter_code_can   
;MMKLKSNQTRTYDGDGYKKRAACLCFRSESEEEVLLVSSSRHPDRWIVPGGGMEPEEEPSVAAVREVCEEAGVKGTLGRL
VGIFENQERKHRTYVYVLIVTEVLEDWEDSVNIGRKREWFKIEDAIKVLQYHKPVQASYFETLRQGYS
;
_entity_poly.pdbx_strand_id                 A 
_entity_poly.pdbx_target_identifier         ? 
# 
loop_
_pdbx_entity_nonpoly.entity_id 
_pdbx_entity_nonpoly.name 
_pdbx_entity_nonpoly.comp_id 
2 '(1r,2R,3S,4r,5R,6S)-4-hydroxy-2,3,5,6-tetrakis(phosphonooxy)cyclohexyl trihydrogen diphosphate' U6J 
3 'MAGNESIUM ION'                                                                                  MG  
4 'CHLORIDE ION'                                                                                   CL  
5 'FLUORIDE ION'                                                                                   F   
6 water                                                                                            HOH 
# 
loop_
_entity_poly_seq.entity_id 
_entity_poly_seq.num 
_entity_poly_seq.mon_id 
_entity_poly_seq.hetero 
1 1   MET n 
1 2   MET n 
1 3   LYS n 
1 4   LEU n 
1 5   LYS n 
1 6   SER n 
1 7   ASN n 
1 8   GLN n 
1 9   THR n 
1 10  ARG n 
1 11  THR n 
1 12  TYR n 
1 13  ASP n 
1 14  GLY n 
1 15  ASP n 
1 16  GLY n 
1 17  TYR n 
1 18  LYS n 
1 19  LYS n 
1 20  ARG n 
1 21  ALA n 
1 22  ALA n 
1 23  CYS n 
1 24  LEU n 
1 25  CYS n 
1 26  PHE n 
1 27  ARG n 
1 28  SER n 
1 29  GLU n 
1 30  SER n 
1 31  GLU n 
1 32  GLU n 
1 33  GLU n 
1 34  VAL n 
1 35  LEU n 
1 36  LEU n 
1 37  VAL n 
1 38  SER n 
1 39  SER n 
1 40  SER n 
1 41  ARG n 
1 42  HIS n 
1 43  PRO n 
1 44  ASP n 
1 45  ARG n 
1 46  TRP n 
1 47  ILE n 
1 48  VAL n 
1 49  PRO n 
1 50  GLY n 
1 51  GLY n 
1 52  GLY n 
1 53  MET n 
1 54  GLU n 
1 55  PRO n 
1 56  GLU n 
1 57  GLU n 
1 58  GLU n 
1 59  PRO n 
1 60  SER n 
1 61  VAL n 
1 62  ALA n 
1 63  ALA n 
1 64  VAL n 
1 65  ARG n 
1 66  GLU n 
1 67  VAL n 
1 68  CYS n 
1 69  GLU n 
1 70  GLU n 
1 71  ALA n 
1 72  GLY n 
1 73  VAL n 
1 74  LYS n 
1 75  GLY n 
1 76  THR n 
1 77  LEU n 
1 78  GLY n 
1 79  ARG n 
1 80  LEU n 
1 81  VAL n 
1 82  GLY n 
1 83  ILE n 
1 84  PHE n 
1 85  GLU n 
1 86  ASN n 
1 87  GLN n 
1 88  GLU n 
1 89  ARG n 
1 90  LYS n 
1 91  HIS n 
1 92  ARG n 
1 93  THR n 
1 94  TYR n 
1 95  VAL n 
1 96  TYR n 
1 97  VAL n 
1 98  LEU n 
1 99  ILE n 
1 100 VAL n 
1 101 THR n 
1 102 GLU n 
1 103 VAL n 
1 104 LEU n 
1 105 GLU n 
1 106 ASP n 
1 107 TRP n 
1 108 GLU n 
1 109 ASP n 
1 110 SER n 
1 111 VAL n 
1 112 ASN n 
1 113 ILE n 
1 114 GLY n 
1 115 ARG n 
1 116 LYS n 
1 117 ARG n 
1 118 GLU n 
1 119 TRP n 
1 120 PHE n 
1 121 LYS n 
1 122 ILE n 
1 123 GLU n 
1 124 ASP n 
1 125 ALA n 
1 126 ILE n 
1 127 LYS n 
1 128 VAL n 
1 129 LEU n 
1 130 GLN n 
1 131 TYR n 
1 132 HIS n 
1 133 LYS n 
1 134 PRO n 
1 135 VAL n 
1 136 GLN n 
1 137 ALA n 
1 138 SER n 
1 139 TYR n 
1 140 PHE n 
1 141 GLU n 
1 142 THR n 
1 143 LEU n 
1 144 ARG n 
1 145 GLN n 
1 146 GLY n 
1 147 TYR n 
1 148 SER n 
# 
_entity_src_gen.entity_id                          1 
_entity_src_gen.pdbx_src_id                        1 
_entity_src_gen.pdbx_alt_source_flag               sample 
_entity_src_gen.pdbx_seq_type                      'Biological sequence' 
_entity_src_gen.pdbx_beg_seq_num                   1 
_entity_src_gen.pdbx_end_seq_num                   148 
_entity_src_gen.gene_src_common_name               human 
_entity_src_gen.gene_src_genus                     ? 
_entity_src_gen.pdbx_gene_src_gene                 'NUDT3, DIPP, DIPP1' 
_entity_src_gen.gene_src_species                   ? 
_entity_src_gen.gene_src_strain                    ? 
_entity_src_gen.gene_src_tissue                    ? 
_entity_src_gen.gene_src_tissue_fraction           ? 
_entity_src_gen.gene_src_details                   ? 
_entity_src_gen.pdbx_gene_src_fragment             ? 
_entity_src_gen.pdbx_gene_src_scientific_name      'Homo sapiens' 
_entity_src_gen.pdbx_gene_src_ncbi_taxonomy_id     9606 
_entity_src_gen.pdbx_gene_src_variant              ? 
_entity_src_gen.pdbx_gene_src_cell_line            ? 
_entity_src_gen.pdbx_gene_src_atcc                 ? 
_entity_src_gen.pdbx_gene_src_organ                ? 
_entity_src_gen.pdbx_gene_src_organelle            ? 
_entity_src_gen.pdbx_gene_src_cell                 ? 
_entity_src_gen.pdbx_gene_src_cellular_location    ? 
_entity_src_gen.host_org_common_name               ? 
_entity_src_gen.pdbx_host_org_scientific_name      'Escherichia coli' 
_entity_src_gen.pdbx_host_org_ncbi_taxonomy_id     562 
_entity_src_gen.host_org_genus                     ? 
_entity_src_gen.pdbx_host_org_gene                 ? 
_entity_src_gen.pdbx_host_org_organ                ? 
_entity_src_gen.host_org_species                   ? 
_entity_src_gen.pdbx_host_org_tissue               ? 
_entity_src_gen.pdbx_host_org_tissue_fraction      ? 
_entity_src_gen.pdbx_host_org_strain               ? 
_entity_src_gen.pdbx_host_org_variant              ? 
_entity_src_gen.pdbx_host_org_cell_line            ? 
_entity_src_gen.pdbx_host_org_atcc                 ? 
_entity_src_gen.pdbx_host_org_culture_collection   ? 
_entity_src_gen.pdbx_host_org_cell                 ? 
_entity_src_gen.pdbx_host_org_organelle            ? 
_entity_src_gen.pdbx_host_org_cellular_location    ? 
_entity_src_gen.pdbx_host_org_vector_type          ? 
_entity_src_gen.pdbx_host_org_vector               ? 
_entity_src_gen.host_org_details                   ? 
_entity_src_gen.expression_system_id               ? 
_entity_src_gen.plasmid_name                       ? 
_entity_src_gen.plasmid_details                    ? 
_entity_src_gen.pdbx_description                   ? 
# 
loop_
_chem_comp.id 
_chem_comp.type 
_chem_comp.mon_nstd_flag 
_chem_comp.name 
_chem_comp.pdbx_synonyms 
_chem_comp.formula 
_chem_comp.formula_weight 
ALA 'L-peptide linking' y ALANINE                                                                                          ? 
'C3 H7 N O2'     89.093  
ARG 'L-peptide linking' y ARGININE                                                                                         ? 
'C6 H15 N4 O2 1' 175.209 
ASN 'L-peptide linking' y ASPARAGINE                                                                                       ? 
'C4 H8 N2 O3'    132.118 
ASP 'L-peptide linking' y 'ASPARTIC ACID'                                                                                  ? 
'C4 H7 N O4'     133.103 
CL  non-polymer         . 'CHLORIDE ION'                                                                                   ? 
'Cl -1'          35.453  
CYS 'L-peptide linking' y CYSTEINE                                                                                         ? 
'C3 H7 N O2 S'   121.158 
F   non-polymer         . 'FLUORIDE ION'                                                                                   ? 
'F -1'           18.998  
GLN 'L-peptide linking' y GLUTAMINE                                                                                        ? 
'C5 H10 N2 O3'   146.144 
GLU 'L-peptide linking' y 'GLUTAMIC ACID'                                                                                  ? 
'C5 H9 N O4'     147.129 
GLY 'peptide linking'   y GLYCINE                                                                                          ? 
'C2 H5 N O2'     75.067  
HIS 'L-peptide linking' y HISTIDINE                                                                                        ? 
'C6 H10 N3 O2 1' 156.162 
HOH non-polymer         . WATER                                                                                            ? 
'H2 O'           18.015  
ILE 'L-peptide linking' y ISOLEUCINE                                                                                       ? 
'C6 H13 N O2'    131.173 
LEU 'L-peptide linking' y LEUCINE                                                                                          ? 
'C6 H13 N O2'    131.173 
LYS 'L-peptide linking' y LYSINE                                                                                           ? 
'C6 H15 N2 O2 1' 147.195 
MET 'L-peptide linking' y METHIONINE                                                                                       ? 
'C5 H11 N O2 S'  149.211 
MG  non-polymer         . 'MAGNESIUM ION'                                                                                  ? 
'Mg 2'           24.305  
PHE 'L-peptide linking' y PHENYLALANINE                                                                                    ? 
'C9 H11 N O2'    165.189 
PRO 'L-peptide linking' y PROLINE                                                                                          ? 
'C5 H9 N O2'     115.130 
SER 'L-peptide linking' y SERINE                                                                                           ? 
'C3 H7 N O3'     105.093 
THR 'L-peptide linking' y THREONINE                                                                                        ? 
'C4 H9 N O3'     119.119 
TRP 'L-peptide linking' y TRYPTOPHAN                                                                                       ? 
'C11 H12 N2 O2'  204.225 
TYR 'L-peptide linking' y TYROSINE                                                                                         ? 
'C9 H11 N O3'    181.189 
U6J non-polymer         . '(1r,2R,3S,4r,5R,6S)-4-hydroxy-2,3,5,6-tetrakis(phosphonooxy)cyclohexyl trihydrogen diphosphate' ? 
'C6 H18 O24 P6'  660.035 
VAL 'L-peptide linking' y VALINE                                                                                           ? 
'C5 H11 N O2'    117.146 
# 
loop_
_pdbx_poly_seq_scheme.asym_id 
_pdbx_poly_seq_scheme.entity_id 
_pdbx_poly_seq_scheme.seq_id 
_pdbx_poly_seq_scheme.mon_id 
_pdbx_poly_seq_scheme.ndb_seq_num 
_pdbx_poly_seq_scheme.pdb_seq_num 
_pdbx_poly_seq_scheme.auth_seq_num 
_pdbx_poly_seq_scheme.pdb_mon_id 
_pdbx_poly_seq_scheme.auth_mon_id 
_pdbx_poly_seq_scheme.pdb_strand_id 
_pdbx_poly_seq_scheme.pdb_ins_code 
_pdbx_poly_seq_scheme.hetero 
A 1 1   MET 1   1   ?   ?   ?   A . n 
A 1 2   MET 2   2   ?   ?   ?   A . n 
A 1 3   LYS 3   3   ?   ?   ?   A . n 
A 1 4   LEU 4   4   ?   ?   ?   A . n 
A 1 5   LYS 5   5   ?   ?   ?   A . n 
A 1 6   SER 6   6   ?   ?   ?   A . n 
A 1 7   ASN 7   7   ?   ?   ?   A . n 
A 1 8   GLN 8   8   8   GLN GLN A . n 
A 1 9   THR 9   9   9   THR THR A . n 
A 1 10  ARG 10  10  10  ARG ARG A . n 
A 1 11  THR 11  11  11  THR THR A . n 
A 1 12  TYR 12  12  12  TYR TYR A . n 
A 1 13  ASP 13  13  13  ASP ASP A . n 
A 1 14  GLY 14  14  14  GLY GLY A . n 
A 1 15  ASP 15  15  15  ASP ASP A . n 
A 1 16  GLY 16  16  16  GLY GLY A . n 
A 1 17  TYR 17  17  17  TYR TYR A . n 
A 1 18  LYS 18  18  18  LYS LYS A . n 
A 1 19  LYS 19  19  19  LYS LYS A . n 
A 1 20  ARG 20  20  20  ARG ARG A . n 
A 1 21  ALA 21  21  21  ALA ALA A . n 
A 1 22  ALA 22  22  22  ALA ALA A . n 
A 1 23  CYS 23  23  23  CYS CYS A . n 
A 1 24  LEU 24  24  24  LEU LEU A . n 
A 1 25  CYS 25  25  25  CYS CYS A . n 
A 1 26  PHE 26  26  26  PHE PHE A . n 
A 1 27  ARG 27  27  27  ARG ARG A . n 
A 1 28  SER 28  28  28  SER SER A . n 
A 1 29  GLU 29  29  29  GLU GLU A . n 
A 1 30  SER 30  30  30  SER SER A . n 
A 1 31  GLU 31  31  31  GLU GLU A . n 
A 1 32  GLU 32  32  32  GLU GLU A . n 
A 1 33  GLU 33  33  33  GLU GLU A . n 
A 1 34  VAL 34  34  34  VAL VAL A . n 
A 1 35  LEU 35  35  35  LEU LEU A . n 
A 1 36  LEU 36  36  36  LEU LEU A . n 
A 1 37  VAL 37  37  37  VAL VAL A . n 
A 1 38  SER 38  38  38  SER SER A . n 
A 1 39  SER 39  39  39  SER SER A . n 
A 1 40  SER 40  40  40  SER SER A . n 
A 1 41  ARG 41  41  41  ARG ARG A . n 
A 1 42  HIS 42  42  42  HIS HIS A . n 
A 1 43  PRO 43  43  43  PRO PRO A . n 
A 1 44  ASP 44  44  44  ASP ASP A . n 
A 1 45  ARG 45  45  45  ARG ARG A . n 
A 1 46  TRP 46  46  46  TRP TRP A . n 
A 1 47  ILE 47  47  47  ILE ILE A . n 
A 1 48  VAL 48  48  48  VAL VAL A . n 
A 1 49  PRO 49  49  49  PRO PRO A . n 
A 1 50  GLY 50  50  50  GLY GLY A . n 
A 1 51  GLY 51  51  51  GLY GLY A . n 
A 1 52  GLY 52  52  52  GLY GLY A . n 
A 1 53  MET 53  53  53  MET MET A . n 
A 1 54  GLU 54  54  54  GLU GLU A . n 
A 1 55  PRO 55  55  55  PRO PRO A . n 
A 1 56  GLU 56  56  56  GLU GLU A . n 
A 1 57  GLU 57  57  57  GLU GLU A . n 
A 1 58  GLU 58  58  58  GLU GLU A . n 
A 1 59  PRO 59  59  59  PRO PRO A . n 
A 1 60  SER 60  60  60  SER SER A . n 
A 1 61  VAL 61  61  61  VAL VAL A . n 
A 1 62  ALA 62  62  62  ALA ALA A . n 
A 1 63  ALA 63  63  63  ALA ALA A . n 
A 1 64  VAL 64  64  64  VAL VAL A . n 
A 1 65  ARG 65  65  65  ARG ARG A . n 
A 1 66  GLU 66  66  66  GLU GLU A . n 
A 1 67  VAL 67  67  67  VAL VAL A . n 
A 1 68  CYS 68  68  68  CYS CYS A . n 
A 1 69  GLU 69  69  69  GLU GLU A . n 
A 1 70  GLU 70  70  70  GLU GLU A . n 
A 1 71  ALA 71  71  71  ALA ALA A . n 
A 1 72  GLY 72  72  72  GLY GLY A . n 
A 1 73  VAL 73  73  73  VAL VAL A . n 
A 1 74  LYS 74  74  74  LYS LYS A . n 
A 1 75  GLY 75  75  75  GLY GLY A . n 
A 1 76  THR 76  76  76  THR THR A . n 
A 1 77  LEU 77  77  77  LEU LEU A . n 
A 1 78  GLY 78  78  78  GLY GLY A . n 
A 1 79  ARG 79  79  79  ARG ARG A . n 
A 1 80  LEU 80  80  80  LEU LEU A . n 
A 1 81  VAL 81  81  81  VAL VAL A . n 
A 1 82  GLY 82  82  82  GLY GLY A . n 
A 1 83  ILE 83  83  83  ILE ILE A . n 
A 1 84  PHE 84  84  84  PHE PHE A . n 
A 1 85  GLU 85  85  85  GLU GLU A . n 
A 1 86  ASN 86  86  86  ASN ASN A . n 
A 1 87  GLN 87  87  87  GLN GLN A . n 
A 1 88  GLU 88  88  88  GLU GLU A . n 
A 1 89  ARG 89  89  89  ARG ARG A . n 
A 1 90  LYS 90  90  90  LYS LYS A . n 
A 1 91  HIS 91  91  91  HIS HIS A . n 
A 1 92  ARG 92  92  92  ARG ARG A . n 
A 1 93  THR 93  93  93  THR THR A . n 
A 1 94  TYR 94  94  94  TYR TYR A . n 
A 1 95  VAL 95  95  95  VAL VAL A . n 
A 1 96  TYR 96  96  96  TYR TYR A . n 
A 1 97  VAL 97  97  97  VAL VAL A . n 
A 1 98  LEU 98  98  98  LEU LEU A . n 
A 1 99  ILE 99  99  99  ILE ILE A . n 
A 1 100 VAL 100 100 100 VAL VAL A . n 
A 1 101 THR 101 101 101 THR THR A . n 
A 1 102 GLU 102 102 102 GLU GLU A . n 
A 1 103 VAL 103 103 103 VAL VAL A . n 
A 1 104 LEU 104 104 104 LEU LEU A . n 
A 1 105 GLU 105 105 105 GLU GLU A . n 
A 1 106 ASP 106 106 106 ASP ASP A . n 
A 1 107 TRP 107 107 107 TRP TRP A . n 
A 1 108 GLU 108 108 108 GLU GLU A . n 
A 1 109 ASP 109 109 109 ASP ASP A . n 
A 1 110 SER 110 110 110 SER SER A . n 
A 1 111 VAL 111 111 111 VAL VAL A . n 
A 1 112 ASN 112 112 112 ASN ASN A . n 
A 1 113 ILE 113 113 113 ILE ILE A . n 
A 1 114 GLY 114 114 114 GLY GLY A . n 
A 1 115 ARG 115 115 115 ARG ARG A . n 
A 1 116 LYS 116 116 116 LYS LYS A . n 
A 1 117 ARG 117 117 117 ARG ARG A . n 
A 1 118 GLU 118 118 118 GLU GLU A . n 
A 1 119 TRP 119 119 119 TRP TRP A . n 
A 1 120 PHE 120 120 120 PHE PHE A . n 
A 1 121 LYS 121 121 121 LYS LYS A . n 
A 1 122 ILE 122 122 122 ILE ILE A . n 
A 1 123 GLU 123 123 123 GLU GLU A . n 
A 1 124 ASP 124 124 124 ASP ASP A . n 
A 1 125 ALA 125 125 125 ALA ALA A . n 
A 1 126 ILE 126 126 126 ILE ILE A . n 
A 1 127 LYS 127 127 127 LYS LYS A . n 
A 1 128 VAL 128 128 128 VAL VAL A . n 
A 1 129 LEU 129 129 129 LEU LEU A . n 
A 1 130 GLN 130 130 130 GLN GLN A . n 
A 1 131 TYR 131 131 131 TYR TYR A . n 
A 1 132 HIS 132 132 132 HIS HIS A . n 
A 1 133 LYS 133 133 133 LYS LYS A . n 
A 1 134 PRO 134 134 134 PRO PRO A . n 
A 1 135 VAL 135 135 135 VAL VAL A . n 
A 1 136 GLN 136 136 136 GLN GLN A . n 
A 1 137 ALA 137 137 137 ALA ALA A . n 
A 1 138 SER 138 138 138 SER SER A . n 
A 1 139 TYR 139 139 139 TYR TYR A . n 
A 1 140 PHE 140 140 140 PHE PHE A . n 
A 1 141 GLU 141 141 141 GLU GLU A . n 
A 1 142 THR 142 142 142 THR THR A . n 
A 1 143 LEU 143 143 ?   ?   ?   A . n 
A 1 144 ARG 144 144 ?   ?   ?   A . n 
A 1 145 GLN 145 145 ?   ?   ?   A . n 
A 1 146 GLY 146 146 ?   ?   ?   A . n 
A 1 147 TYR 147 147 ?   ?   ?   A . n 
A 1 148 SER 148 148 ?   ?   ?   A . n 
# 
loop_
_pdbx_nonpoly_scheme.asym_id 
_pdbx_nonpoly_scheme.entity_id 
_pdbx_nonpoly_scheme.mon_id 
_pdbx_nonpoly_scheme.ndb_seq_num 
_pdbx_nonpoly_scheme.pdb_seq_num 
_pdbx_nonpoly_scheme.auth_seq_num 
_pdbx_nonpoly_scheme.pdb_mon_id 
_pdbx_nonpoly_scheme.auth_mon_id 
_pdbx_nonpoly_scheme.pdb_strand_id 
_pdbx_nonpoly_scheme.pdb_ins_code 
B 2 U6J 1   401 401 U6J SP5 A . 
C 3 MG  1   402 501 MG  MG  A . 
D 3 MG  1   403 502 MG  MG  A . 
E 3 MG  1   404 503 MG  MG  A . 
F 4 CL  1   405 601 CL  CL  A . 
G 4 CL  1   406 602 CL  CL  A . 
H 5 F   1   407 801 F   F   A . 
I 6 HOH 1   501 211 HOH HOH A . 
I 6 HOH 2   502 81  HOH HOH A . 
I 6 HOH 3   503 53  HOH HOH A . 
I 6 HOH 4   504 113 HOH HOH A . 
I 6 HOH 5   505 208 HOH HOH A . 
I 6 HOH 6   506 229 HOH HOH A . 
I 6 HOH 7   507 99  HOH HOH A . 
I 6 HOH 8   508 169 HOH HOH A . 
I 6 HOH 9   509 159 HOH HOH A . 
I 6 HOH 10  510 167 HOH HOH A . 
I 6 HOH 11  511 230 HOH HOH A . 
I 6 HOH 12  512 140 HOH HOH A . 
I 6 HOH 13  513 157 HOH HOH A . 
I 6 HOH 14  514 94  HOH HOH A . 
I 6 HOH 15  515 49  HOH HOH A . 
I 6 HOH 16  516 96  HOH HOH A . 
I 6 HOH 17  517 164 HOH HOH A . 
I 6 HOH 18  518 72  HOH HOH A . 
I 6 HOH 19  519 71  HOH HOH A . 
I 6 HOH 20  520 65  HOH HOH A . 
I 6 HOH 21  521 8   HOH HOH A . 
I 6 HOH 22  522 5   HOH HOH A . 
I 6 HOH 23  523 176 HOH HOH A . 
I 6 HOH 24  524 63  HOH HOH A . 
I 6 HOH 25  525 142 HOH HOH A . 
I 6 HOH 26  526 202 HOH HOH A . 
I 6 HOH 27  527 166 HOH HOH A . 
I 6 HOH 28  528 168 HOH HOH A . 
I 6 HOH 29  529 95  HOH HOH A . 
I 6 HOH 30  530 162 HOH HOH A . 
I 6 HOH 31  531 132 HOH HOH A . 
I 6 HOH 32  532 108 HOH HOH A . 
I 6 HOH 33  533 73  HOH HOH A . 
I 6 HOH 34  534 46  HOH HOH A . 
I 6 HOH 35  535 70  HOH HOH A . 
I 6 HOH 36  536 206 HOH HOH A . 
I 6 HOH 37  537 134 HOH HOH A . 
I 6 HOH 38  538 34  HOH HOH A . 
I 6 HOH 39  539 150 HOH HOH A . 
I 6 HOH 40  540 146 HOH HOH A . 
I 6 HOH 41  541 144 HOH HOH A . 
I 6 HOH 42  542 79  HOH HOH A . 
I 6 HOH 43  543 161 HOH HOH A . 
I 6 HOH 44  544 52  HOH HOH A . 
I 6 HOH 45  545 1   HOH HOH A . 
I 6 HOH 46  546 82  HOH HOH A . 
I 6 HOH 47  547 24  HOH HOH A . 
I 6 HOH 48  548 139 HOH HOH A . 
I 6 HOH 49  549 103 HOH HOH A . 
I 6 HOH 50  550 115 HOH HOH A . 
I 6 HOH 51  551 78  HOH HOH A . 
I 6 HOH 52  552 11  HOH HOH A . 
I 6 HOH 53  553 76  HOH HOH A . 
I 6 HOH 54  554 149 HOH HOH A . 
I 6 HOH 55  555 135 HOH HOH A . 
I 6 HOH 56  556 56  HOH HOH A . 
I 6 HOH 57  557 29  HOH HOH A . 
I 6 HOH 58  558 3   HOH HOH A . 
I 6 HOH 59  559 22  HOH HOH A . 
I 6 HOH 60  560 117 HOH HOH A . 
I 6 HOH 61  561 6   HOH HOH A . 
I 6 HOH 62  562 133 HOH HOH A . 
I 6 HOH 63  563 110 HOH HOH A . 
I 6 HOH 64  564 153 HOH HOH A . 
I 6 HOH 65  565 104 HOH HOH A . 
I 6 HOH 66  566 31  HOH HOH A . 
I 6 HOH 67  567 120 HOH HOH A . 
I 6 HOH 68  568 38  HOH HOH A . 
I 6 HOH 69  569 14  HOH HOH A . 
I 6 HOH 70  570 186 HOH HOH A . 
I 6 HOH 71  571 205 HOH HOH A . 
I 6 HOH 72  572 188 HOH HOH A . 
I 6 HOH 73  573 183 HOH HOH A . 
I 6 HOH 74  574 196 HOH HOH A . 
I 6 HOH 75  575 121 HOH HOH A . 
I 6 HOH 76  576 23  HOH HOH A . 
I 6 HOH 77  577 20  HOH HOH A . 
I 6 HOH 78  578 195 HOH HOH A . 
I 6 HOH 79  579 172 HOH HOH A . 
I 6 HOH 80  580 111 HOH HOH A . 
I 6 HOH 81  581 109 HOH HOH A . 
I 6 HOH 82  582 163 HOH HOH A . 
I 6 HOH 83  583 112 HOH HOH A . 
I 6 HOH 84  584 189 HOH HOH A . 
I 6 HOH 85  585 75  HOH HOH A . 
I 6 HOH 86  586 92  HOH HOH A . 
I 6 HOH 87  587 77  HOH HOH A . 
I 6 HOH 88  588 51  HOH HOH A . 
I 6 HOH 89  589 98  HOH HOH A . 
I 6 HOH 90  590 26  HOH HOH A . 
I 6 HOH 91  591 64  HOH HOH A . 
I 6 HOH 92  592 187 HOH HOH A . 
I 6 HOH 93  593 55  HOH HOH A . 
I 6 HOH 94  594 30  HOH HOH A . 
I 6 HOH 95  595 101 HOH HOH A . 
I 6 HOH 96  596 165 HOH HOH A . 
I 6 HOH 97  597 45  HOH HOH A . 
I 6 HOH 98  598 2   HOH HOH A . 
I 6 HOH 99  599 47  HOH HOH A . 
I 6 HOH 100 600 9   HOH HOH A . 
I 6 HOH 101 601 4   HOH HOH A . 
I 6 HOH 102 602 59  HOH HOH A . 
I 6 HOH 103 603 199 HOH HOH A . 
I 6 HOH 104 604 85  HOH HOH A . 
I 6 HOH 105 605 16  HOH HOH A . 
I 6 HOH 106 606 50  HOH HOH A . 
I 6 HOH 107 607 19  HOH HOH A . 
I 6 HOH 108 608 148 HOH HOH A . 
I 6 HOH 109 609 67  HOH HOH A . 
I 6 HOH 110 610 17  HOH HOH A . 
I 6 HOH 111 611 89  HOH HOH A . 
I 6 HOH 112 612 15  HOH HOH A . 
I 6 HOH 113 613 138 HOH HOH A . 
I 6 HOH 114 614 170 HOH HOH A . 
I 6 HOH 115 615 68  HOH HOH A . 
I 6 HOH 116 616 10  HOH HOH A . 
I 6 HOH 117 617 175 HOH HOH A . 
I 6 HOH 118 618 39  HOH HOH A . 
I 6 HOH 119 619 84  HOH HOH A . 
I 6 HOH 120 620 69  HOH HOH A . 
I 6 HOH 121 621 228 HOH HOH A . 
I 6 HOH 122 622 105 HOH HOH A . 
I 6 HOH 123 623 7   HOH HOH A . 
I 6 HOH 124 624 221 HOH HOH A . 
I 6 HOH 125 625 66  HOH HOH A . 
I 6 HOH 126 626 100 HOH HOH A . 
I 6 HOH 127 627 12  HOH HOH A . 
I 6 HOH 128 628 28  HOH HOH A . 
I 6 HOH 129 629 180 HOH HOH A . 
I 6 HOH 130 630 201 HOH HOH A . 
I 6 HOH 131 631 37  HOH HOH A . 
I 6 HOH 132 632 80  HOH HOH A . 
I 6 HOH 133 633 48  HOH HOH A . 
I 6 HOH 134 634 18  HOH HOH A . 
I 6 HOH 135 635 40  HOH HOH A . 
I 6 HOH 136 636 160 HOH HOH A . 
I 6 HOH 137 637 114 HOH HOH A . 
I 6 HOH 138 638 13  HOH HOH A . 
I 6 HOH 139 639 58  HOH HOH A . 
I 6 HOH 140 640 130 HOH HOH A . 
I 6 HOH 141 641 171 HOH HOH A . 
I 6 HOH 142 642 154 HOH HOH A . 
I 6 HOH 143 643 152 HOH HOH A . 
I 6 HOH 144 644 44  HOH HOH A . 
I 6 HOH 145 645 194 HOH HOH A . 
I 6 HOH 146 646 178 HOH HOH A . 
I 6 HOH 147 647 107 HOH HOH A . 
I 6 HOH 148 648 212 HOH HOH A . 
I 6 HOH 149 649 25  HOH HOH A . 
I 6 HOH 150 650 87  HOH HOH A . 
I 6 HOH 151 651 118 HOH HOH A . 
I 6 HOH 152 652 155 HOH HOH A . 
I 6 HOH 153 653 21  HOH HOH A . 
I 6 HOH 154 654 27  HOH HOH A . 
I 6 HOH 155 655 184 HOH HOH A . 
I 6 HOH 156 656 74  HOH HOH A . 
I 6 HOH 157 657 137 HOH HOH A . 
I 6 HOH 158 658 158 HOH HOH A . 
I 6 HOH 159 659 83  HOH HOH A . 
I 6 HOH 160 660 216 HOH HOH A . 
I 6 HOH 161 661 179 HOH HOH A . 
I 6 HOH 162 662 32  HOH HOH A . 
I 6 HOH 163 663 200 HOH HOH A . 
I 6 HOH 164 664 136 HOH HOH A . 
I 6 HOH 165 665 218 HOH HOH A . 
I 6 HOH 166 666 220 HOH HOH A . 
I 6 HOH 167 667 198 HOH HOH A . 
I 6 HOH 168 668 147 HOH HOH A . 
I 6 HOH 169 669 91  HOH HOH A . 
I 6 HOH 170 670 102 HOH HOH A . 
I 6 HOH 171 671 97  HOH HOH A . 
I 6 HOH 172 672 223 HOH HOH A . 
I 6 HOH 173 673 197 HOH HOH A . 
I 6 HOH 174 674 43  HOH HOH A . 
I 6 HOH 175 675 174 HOH HOH A . 
I 6 HOH 176 676 209 HOH HOH A . 
I 6 HOH 177 677 173 HOH HOH A . 
I 6 HOH 178 678 124 HOH HOH A . 
I 6 HOH 179 679 177 HOH HOH A . 
I 6 HOH 180 680 182 HOH HOH A . 
I 6 HOH 181 681 143 HOH HOH A . 
I 6 HOH 182 682 156 HOH HOH A . 
I 6 HOH 183 683 203 HOH HOH A . 
I 6 HOH 184 684 129 HOH HOH A . 
I 6 HOH 185 685 141 HOH HOH A . 
I 6 HOH 186 686 224 HOH HOH A . 
I 6 HOH 187 687 192 HOH HOH A . 
I 6 HOH 188 688 41  HOH HOH A . 
I 6 HOH 189 689 207 HOH HOH A . 
I 6 HOH 190 690 227 HOH HOH A . 
I 6 HOH 191 691 193 HOH HOH A . 
I 6 HOH 192 692 42  HOH HOH A . 
I 6 HOH 193 693 106 HOH HOH A . 
I 6 HOH 194 694 181 HOH HOH A . 
I 6 HOH 195 695 145 HOH HOH A . 
I 6 HOH 196 696 210 HOH HOH A . 
I 6 HOH 197 697 185 HOH HOH A . 
I 6 HOH 198 698 116 HOH HOH A . 
I 6 HOH 199 699 128 HOH HOH A . 
I 6 HOH 200 700 204 HOH HOH A . 
I 6 HOH 201 701 90  HOH HOH A . 
I 6 HOH 202 702 126 HOH HOH A . 
I 6 HOH 203 703 217 HOH HOH A . 
I 6 HOH 204 704 62  HOH HOH A . 
I 6 HOH 205 705 123 HOH HOH A . 
I 6 HOH 206 706 191 HOH HOH A . 
I 6 HOH 207 707 33  HOH HOH A . 
I 6 HOH 208 708 151 HOH HOH A . 
I 6 HOH 209 709 213 HOH HOH A . 
I 6 HOH 210 710 93  HOH HOH A . 
I 6 HOH 211 711 88  HOH HOH A . 
I 6 HOH 212 712 127 HOH HOH A . 
I 6 HOH 213 713 57  HOH HOH A . 
I 6 HOH 214 714 60  HOH HOH A . 
I 6 HOH 215 715 190 HOH HOH A . 
I 6 HOH 216 716 36  HOH HOH A . 
I 6 HOH 217 717 122 HOH HOH A . 
I 6 HOH 218 718 35  HOH HOH A . 
I 6 HOH 219 719 131 HOH HOH A . 
I 6 HOH 220 720 222 HOH HOH A . 
I 6 HOH 221 721 86  HOH HOH A . 
I 6 HOH 222 722 119 HOH HOH A . 
I 6 HOH 223 723 226 HOH HOH A . 
I 6 HOH 224 724 54  HOH HOH A . 
I 6 HOH 225 725 225 HOH HOH A . 
I 6 HOH 226 726 219 HOH HOH A . 
I 6 HOH 227 727 125 HOH HOH A . 
I 6 HOH 228 728 61  HOH HOH A . 
I 6 HOH 229 729 214 HOH HOH A . 
I 6 HOH 230 730 215 HOH HOH A . 
# 
loop_
_software.citation_id 
_software.classification 
_software.compiler_name 
_software.compiler_version 
_software.contact_author 
_software.contact_author_email 
_software.date 
_software.description 
_software.dependencies 
_software.hardware 
_software.language 
_software.location 
_software.mods 
_software.name 
_software.os 
_software.os_version 
_software.type 
_software.version 
_software.pdbx_ordinal 
? refinement       ? ? ? ? ? ? ? ? ? ? ? REFMAC    ? ? ? 5.8.0238 1 
? 'data scaling'   ? ? ? ? ? ? ? ? ? ? ? SCALEPACK ? ? ? .        2 
? 'data reduction' ? ? ? ? ? ? ? ? ? ? ? DENZO     ? ? ? .        3 
? phasing          ? ? ? ? ? ? ? ? ? ? ? PHASER    ? ? ? .        4 
# 
_cell.angle_alpha                  90.00 
_cell.angle_alpha_esd              ? 
_cell.angle_beta                   90.00 
_cell.angle_beta_esd               ? 
_cell.angle_gamma                  90.00 
_cell.angle_gamma_esd              ? 
_cell.entry_id                     8T98 
_cell.details                      ? 
_cell.formula_units_Z              ? 
_cell.length_a                     46.103 
_cell.length_a_esd                 ? 
_cell.length_b                     59.571 
_cell.length_b_esd                 ? 
_cell.length_c                     62.430 
_cell.length_c_esd                 ? 
_cell.volume                       ? 
_cell.volume_esd                   ? 
_cell.Z_PDB                        4 
_cell.reciprocal_angle_alpha       ? 
_cell.reciprocal_angle_beta        ? 
_cell.reciprocal_angle_gamma       ? 
_cell.reciprocal_angle_alpha_esd   ? 
_cell.reciprocal_angle_beta_esd    ? 
_cell.reciprocal_angle_gamma_esd   ? 
_cell.reciprocal_length_a          ? 
_cell.reciprocal_length_b          ? 
_cell.reciprocal_length_c          ? 
_cell.reciprocal_length_a_esd      ? 
_cell.reciprocal_length_b_esd      ? 
_cell.reciprocal_length_c_esd      ? 
_cell.pdbx_unique_axis             ? 
_cell.pdbx_esd_method              ? 
# 
_symmetry.entry_id                         8T98 
_symmetry.cell_setting                     ? 
_symmetry.Int_Tables_number                19 
_symmetry.space_group_name_Hall            ? 
_symmetry.space_group_name_H-M             'P 21 21 21' 
_symmetry.pdbx_full_space_group_name_H-M   ? 
# 
_exptl.absorpt_coefficient_mu     ? 
_exptl.absorpt_correction_T_max   ? 
_exptl.absorpt_correction_T_min   ? 
_exptl.absorpt_correction_type    ? 
_exptl.absorpt_process_details    ? 
_exptl.entry_id                   8T98 
_exptl.crystals_number            1 
_exptl.details                    ? 
_exptl.method                     'X-RAY DIFFRACTION' 
_exptl.method_details             ? 
# 
_exptl_crystal.colour                       ? 
_exptl_crystal.density_diffrn               ? 
_exptl_crystal.density_Matthews             2.50 
_exptl_crystal.density_method               ? 
_exptl_crystal.density_percent_sol          50.89 
_exptl_crystal.description                  ? 
_exptl_crystal.F_000                        ? 
_exptl_crystal.id                           1 
_exptl_crystal.preparation                  ? 
_exptl_crystal.size_max                     ? 
_exptl_crystal.size_mid                     ? 
_exptl_crystal.size_min                     ? 
_exptl_crystal.size_rad                     ? 
_exptl_crystal.colour_lustre                ? 
_exptl_crystal.colour_modifier              ? 
_exptl_crystal.colour_primary               ? 
_exptl_crystal.density_meas                 ? 
_exptl_crystal.density_meas_esd             ? 
_exptl_crystal.density_meas_gt              ? 
_exptl_crystal.density_meas_lt              ? 
_exptl_crystal.density_meas_temp            ? 
_exptl_crystal.density_meas_temp_esd        ? 
_exptl_crystal.density_meas_temp_gt         ? 
_exptl_crystal.density_meas_temp_lt         ? 
_exptl_crystal.pdbx_crystal_image_url       ? 
_exptl_crystal.pdbx_crystal_image_format    ? 
_exptl_crystal.pdbx_mosaicity               ? 
_exptl_crystal.pdbx_mosaicity_esd           ? 
_exptl_crystal.pdbx_mosaic_method           ? 
_exptl_crystal.pdbx_mosaic_block_size       ? 
_exptl_crystal.pdbx_mosaic_block_size_esd   ? 
# 
_exptl_crystal_grow.apparatus       ? 
_exptl_crystal_grow.atmosphere      ? 
_exptl_crystal_grow.crystal_id      1 
_exptl_crystal_grow.details         ? 
_exptl_crystal_grow.method          'VAPOR DIFFUSION, HANGING DROP' 
_exptl_crystal_grow.method_ref      ? 
_exptl_crystal_grow.pH              ? 
_exptl_crystal_grow.pressure        ? 
_exptl_crystal_grow.pressure_esd    ? 
_exptl_crystal_grow.seeding         ? 
_exptl_crystal_grow.seeding_ref     ? 
_exptl_crystal_grow.temp_details    ? 
_exptl_crystal_grow.temp_esd        ? 
_exptl_crystal_grow.time            ? 
_exptl_crystal_grow.pdbx_details    
;10% w/v PEG8000, 10% v/v isopropanol, 200 mM lithium sulfate, 100 mM sodium acetate, pH 5.0, 5 mM IP6, soaked in 200 mM lithium chloride, 20% w/v PEG8000, 20% v/v isopropanol, 100 mM sodium acetate, pH 5.0, 20 mM magnesium chloride, 100 mM sodium fluoride in presence of TvIPK reaction solution with scyllo-IP5
;
_exptl_crystal_grow.pdbx_pH_range   ? 
_exptl_crystal_grow.temp            298 
# 
_diffrn.ambient_environment              ? 
_diffrn.ambient_temp                     100 
_diffrn.ambient_temp_details             ? 
_diffrn.ambient_temp_esd                 ? 
_diffrn.crystal_id                       1 
_diffrn.crystal_support                  ? 
_diffrn.crystal_treatment                ? 
_diffrn.details                          ? 
_diffrn.id                               1 
_diffrn.ambient_pressure                 ? 
_diffrn.ambient_pressure_esd             ? 
_diffrn.ambient_pressure_gt              ? 
_diffrn.ambient_pressure_lt              ? 
_diffrn.ambient_temp_gt                  ? 
_diffrn.ambient_temp_lt                  ? 
_diffrn.pdbx_serial_crystal_experiment   N 
# 
_diffrn_detector.details                      ? 
_diffrn_detector.detector                     PIXEL 
_diffrn_detector.diffrn_id                    1 
_diffrn_detector.type                         'DECTRIS EIGER X 16M' 
_diffrn_detector.area_resol_mean              ? 
_diffrn_detector.dtime                        ? 
_diffrn_detector.pdbx_frames_total            ? 
_diffrn_detector.pdbx_collection_time_total   ? 
_diffrn_detector.pdbx_collection_date         2021-10-08 
_diffrn_detector.pdbx_frequency               ? 
_diffrn_detector.id                           ? 
_diffrn_detector.number_of_axes               ? 
# 
_diffrn_radiation.collimation                      ? 
_diffrn_radiation.diffrn_id                        1 
_diffrn_radiation.filter_edge                      ? 
_diffrn_radiation.inhomogeneity                    ? 
_diffrn_radiation.monochromator                    ? 
_diffrn_radiation.polarisn_norm                    ? 
_diffrn_radiation.polarisn_ratio                   ? 
_diffrn_radiation.probe                            ? 
_diffrn_radiation.type                             ? 
_diffrn_radiation.xray_symbol                      ? 
_diffrn_radiation.wavelength_id                    1 
_diffrn_radiation.pdbx_monochromatic_or_laue_m_l   M 
_diffrn_radiation.pdbx_wavelength_list             ? 
_diffrn_radiation.pdbx_wavelength                  ? 
_diffrn_radiation.pdbx_diffrn_protocol             'SINGLE WAVELENGTH' 
_diffrn_radiation.pdbx_analyzer                    ? 
_diffrn_radiation.pdbx_scattering_type             x-ray 
# 
_diffrn_radiation_wavelength.id           1 
_diffrn_radiation_wavelength.wavelength   1.0 
_diffrn_radiation_wavelength.wt           1.0 
# 
_diffrn_source.current                     ? 
_diffrn_source.details                     ? 
_diffrn_source.diffrn_id                   1 
_diffrn_source.power                       ? 
_diffrn_source.size                        ? 
_diffrn_source.source                      SYNCHROTRON 
_diffrn_source.target                      ? 
_diffrn_source.type                        'APS BEAMLINE 22-ID' 
_diffrn_source.voltage                     ? 
_diffrn_source.take-off_angle              ? 
_diffrn_source.pdbx_wavelength_list        1.0 
_diffrn_source.pdbx_wavelength             ? 
_diffrn_source.pdbx_synchrotron_beamline   22-ID 
_diffrn_source.pdbx_synchrotron_site       APS 
# 
_reflns.B_iso_Wilson_estimate                          ? 
_reflns.entry_id                                       8T98 
_reflns.data_reduction_details                         ? 
_reflns.data_reduction_method                          ? 
_reflns.d_resolution_high                              1.30 
_reflns.d_resolution_low                               50.00 
_reflns.details                                        ? 
_reflns.limit_h_max                                    ? 
_reflns.limit_h_min                                    ? 
_reflns.limit_k_max                                    ? 
_reflns.limit_k_min                                    ? 
_reflns.limit_l_max                                    ? 
_reflns.limit_l_min                                    ? 
_reflns.number_all                                     ? 
_reflns.number_obs                                     42475 
_reflns.observed_criterion                             ? 
_reflns.observed_criterion_F_max                       ? 
_reflns.observed_criterion_F_min                       ? 
_reflns.observed_criterion_I_max                       ? 
_reflns.observed_criterion_I_min                       ? 
_reflns.observed_criterion_sigma_F                     ? 
_reflns.observed_criterion_sigma_I                     ? 
_reflns.percent_possible_obs                           98.0 
_reflns.R_free_details                                 ? 
_reflns.Rmerge_F_all                                   ? 
_reflns.Rmerge_F_obs                                   ? 
_reflns.Friedel_coverage                               ? 
_reflns.number_gt                                      ? 
_reflns.threshold_expression                           ? 
_reflns.pdbx_redundancy                                10.2 
_reflns.pdbx_netI_over_av_sigmaI                       ? 
_reflns.pdbx_netI_over_sigmaI                          7.1 
_reflns.pdbx_res_netI_over_av_sigmaI_2                 ? 
_reflns.pdbx_res_netI_over_sigmaI_2                    ? 
_reflns.pdbx_chi_squared                               ? 
_reflns.pdbx_scaling_rejects                           ? 
_reflns.pdbx_d_res_high_opt                            ? 
_reflns.pdbx_d_res_low_opt                             ? 
_reflns.pdbx_d_res_opt_method                          ? 
_reflns.phase_calculation_details                      ? 
_reflns.pdbx_Rrim_I_all                                ? 
_reflns.pdbx_Rpim_I_all                                ? 
_reflns.pdbx_d_opt                                     ? 
_reflns.pdbx_number_measured_all                       ? 
_reflns.pdbx_diffrn_id                                 1 
_reflns.pdbx_ordinal                                   1 
_reflns.pdbx_CC_half                                   ? 
_reflns.pdbx_CC_star                                   ? 
_reflns.pdbx_R_split                                   ? 
_reflns.pdbx_Rmerge_I_obs                              0.071 
_reflns.pdbx_Rmerge_I_all                              ? 
_reflns.pdbx_Rsym_value                                ? 
_reflns.pdbx_CC_split_method                           ? 
_reflns.pdbx_aniso_diffraction_limit_axis_1_ortho[1]   ? 
_reflns.pdbx_aniso_diffraction_limit_axis_1_ortho[2]   ? 
_reflns.pdbx_aniso_diffraction_limit_axis_1_ortho[3]   ? 
_reflns.pdbx_aniso_diffraction_limit_axis_2_ortho[1]   ? 
_reflns.pdbx_aniso_diffraction_limit_axis_2_ortho[2]   ? 
_reflns.pdbx_aniso_diffraction_limit_axis_2_ortho[3]   ? 
_reflns.pdbx_aniso_diffraction_limit_axis_3_ortho[1]   ? 
_reflns.pdbx_aniso_diffraction_limit_axis_3_ortho[2]   ? 
_reflns.pdbx_aniso_diffraction_limit_axis_3_ortho[3]   ? 
_reflns.pdbx_aniso_diffraction_limit_1                 ? 
_reflns.pdbx_aniso_diffraction_limit_2                 ? 
_reflns.pdbx_aniso_diffraction_limit_3                 ? 
_reflns.pdbx_aniso_B_tensor_eigenvector_1_ortho[1]     ? 
_reflns.pdbx_aniso_B_tensor_eigenvector_1_ortho[2]     ? 
_reflns.pdbx_aniso_B_tensor_eigenvector_1_ortho[3]     ? 
_reflns.pdbx_aniso_B_tensor_eigenvector_2_ortho[1]     ? 
_reflns.pdbx_aniso_B_tensor_eigenvector_2_ortho[2]     ? 
_reflns.pdbx_aniso_B_tensor_eigenvector_2_ortho[3]     ? 
_reflns.pdbx_aniso_B_tensor_eigenvector_3_ortho[1]     ? 
_reflns.pdbx_aniso_B_tensor_eigenvector_3_ortho[2]     ? 
_reflns.pdbx_aniso_B_tensor_eigenvector_3_ortho[3]     ? 
_reflns.pdbx_aniso_B_tensor_eigenvalue_1               ? 
_reflns.pdbx_aniso_B_tensor_eigenvalue_2               ? 
_reflns.pdbx_aniso_B_tensor_eigenvalue_3               ? 
_reflns.pdbx_orthogonalization_convention              ? 
_reflns.pdbx_percent_possible_ellipsoidal              ? 
_reflns.pdbx_percent_possible_spherical                ? 
_reflns.pdbx_percent_possible_ellipsoidal_anomalous    ? 
_reflns.pdbx_percent_possible_spherical_anomalous      ? 
_reflns.pdbx_redundancy_anomalous                      ? 
_reflns.pdbx_CC_half_anomalous                         ? 
_reflns.pdbx_absDiff_over_sigma_anomalous              ? 
_reflns.pdbx_percent_possible_anomalous                ? 
_reflns.pdbx_observed_signal_threshold                 ? 
_reflns.pdbx_signal_type                               ? 
_reflns.pdbx_signal_details                            ? 
_reflns.pdbx_signal_software_id                        ? 
# 
loop_
_reflns_shell.d_res_high 
_reflns_shell.d_res_low 
_reflns_shell.meanI_over_sigI_all 
_reflns_shell.meanI_over_sigI_obs 
_reflns_shell.number_measured_all 
_reflns_shell.number_measured_obs 
_reflns_shell.number_possible 
_reflns_shell.number_unique_all 
_reflns_shell.number_unique_obs 
_reflns_shell.percent_possible_obs 
_reflns_shell.Rmerge_F_all 
_reflns_shell.Rmerge_F_obs 
_reflns_shell.meanI_over_sigI_gt 
_reflns_shell.meanI_over_uI_all 
_reflns_shell.meanI_over_uI_gt 
_reflns_shell.number_measured_gt 
_reflns_shell.number_unique_gt 
_reflns_shell.percent_possible_gt 
_reflns_shell.Rmerge_F_gt 
_reflns_shell.Rmerge_I_gt 
_reflns_shell.pdbx_redundancy 
_reflns_shell.pdbx_chi_squared 
_reflns_shell.pdbx_netI_over_sigmaI_all 
_reflns_shell.pdbx_netI_over_sigmaI_obs 
_reflns_shell.pdbx_Rrim_I_all 
_reflns_shell.pdbx_Rpim_I_all 
_reflns_shell.pdbx_rejects 
_reflns_shell.pdbx_ordinal 
_reflns_shell.pdbx_diffrn_id 
_reflns_shell.pdbx_CC_half 
_reflns_shell.pdbx_CC_star 
_reflns_shell.pdbx_R_split 
_reflns_shell.percent_possible_all 
_reflns_shell.Rmerge_I_all 
_reflns_shell.Rmerge_I_obs 
_reflns_shell.pdbx_Rsym_value 
_reflns_shell.pdbx_percent_possible_ellipsoidal 
_reflns_shell.pdbx_percent_possible_spherical 
_reflns_shell.pdbx_percent_possible_ellipsoidal_anomalous 
_reflns_shell.pdbx_percent_possible_spherical_anomalous 
_reflns_shell.pdbx_redundancy_anomalous 
_reflns_shell.pdbx_CC_half_anomalous 
_reflns_shell.pdbx_absDiff_over_sigma_anomalous 
_reflns_shell.pdbx_percent_possible_anomalous 
1.30 1.32  ? ? ? ? ? ? 1775 ? ? ? ? ? ? ? ? ? ? ? 9.0  0.407 ? ? 0.466 0.143 ? 1  1 0.939 0.984 ? 82.8  ? 0.442 ? ? ? ? ? ? ? ? ? 
1.32 1.35  ? ? ? ? ? ? 1891 ? ? ? ? ? ? ? ? ? ? ? 9.3  0.396 ? ? 0.432 0.132 ? 2  1 0.958 0.989 ? 88.8  ? 0.410 ? ? ? ? ? ? ? ? ? 
1.35 1.37  ? ? ? ? ? ? 1989 ? ? ? ? ? ? ? ? ? ? ? 9.6  0.403 ? ? 0.402 0.122 ? 3  1 0.964 0.991 ? 93.7  ? 0.382 ? ? ? ? ? ? ? ? ? 
1.37 1.40  ? ? ? ? ? ? 2083 ? ? ? ? ? ? ? ? ? ? ? 9.9  0.423 ? ? 0.354 0.107 ? 4  1 0.972 0.993 ? 97.2  ? 0.336 ? ? ? ? ? ? ? ? ? 
1.40 1.43  ? ? ? ? ? ? 2109 ? ? ? ? ? ? ? ? ? ? ? 10.0 0.423 ? ? 0.335 0.103 ? 5  1 0.976 0.994 ? 99.6  ? 0.319 ? ? ? ? ? ? ? ? ? 
1.43 1.46  ? ? ? ? ? ? 2141 ? ? ? ? ? ? ? ? ? ? ? 10.1 0.438 ? ? 0.290 0.089 ? 6  1 0.977 0.994 ? 99.9  ? 0.275 ? ? ? ? ? ? ? ? ? 
1.46 1.50  ? ? ? ? ? ? 2130 ? ? ? ? ? ? ? ? ? ? ? 10.0 0.460 ? ? 0.248 0.077 ? 7  1 0.984 0.996 ? 99.9  ? 0.235 ? ? ? ? ? ? ? ? ? 
1.50 1.54  ? ? ? ? ? ? 2164 ? ? ? ? ? ? ? ? ? ? ? 9.1  0.488 ? ? 0.204 0.066 ? 8  1 0.987 0.997 ? 99.9  ? 0.193 ? ? ? ? ? ? ? ? ? 
1.54 1.59  ? ? ? ? ? ? 2135 ? ? ? ? ? ? ? ? ? ? ? 9.4  0.534 ? ? 0.177 0.056 ? 9  1 0.990 0.998 ? 99.8  ? 0.167 ? ? ? ? ? ? ? ? ? 
1.59 1.64  ? ? ? ? ? ? 2138 ? ? ? ? ? ? ? ? ? ? ? 11.2 0.562 ? ? 0.153 0.045 ? 10 1 0.995 0.999 ? 100.0 ? 0.146 ? ? ? ? ? ? ? ? ? 
1.64 1.70  ? ? ? ? ? ? 2157 ? ? ? ? ? ? ? ? ? ? ? 11.2 0.599 ? ? 0.136 0.040 ? 11 1 0.995 0.999 ? 100.0 ? 0.130 ? ? ? ? ? ? ? ? ? 
1.70 1.76  ? ? ? ? ? ? 2137 ? ? ? ? ? ? ? ? ? ? ? 11.0 0.646 ? ? 0.118 0.035 ? 12 1 0.996 0.999 ? 100.0 ? 0.112 ? ? ? ? ? ? ? ? ? 
1.76 1.84  ? ? ? ? ? ? 2164 ? ? ? ? ? ? ? ? ? ? ? 10.7 0.758 ? ? 0.102 0.031 ? 13 1 0.997 0.999 ? 99.8  ? 0.098 ? ? ? ? ? ? ? ? ? 
1.84 1.94  ? ? ? ? ? ? 2171 ? ? ? ? ? ? ? ? ? ? ? 10.4 0.863 ? ? 0.090 0.027 ? 14 1 0.997 0.999 ? 100.0 ? 0.086 ? ? ? ? ? ? ? ? ? 
1.94 2.06  ? ? ? ? ? ? 2145 ? ? ? ? ? ? ? ? ? ? ? 9.8  1.028 ? ? 0.078 0.025 ? 15 1 0.997 0.999 ? 99.6  ? 0.074 ? ? ? ? ? ? ? ? ? 
2.06 2.22  ? ? ? ? ? ? 2191 ? ? ? ? ? ? ? ? ? ? ? 9.1  1.238 ? ? 0.070 0.023 ? 16 1 0.997 0.999 ? 99.8  ? 0.066 ? ? ? ? ? ? ? ? ? 
2.22 2.45  ? ? ? ? ? ? 2177 ? ? ? ? ? ? ? ? ? ? ? 11.6 1.497 ? ? 0.065 0.019 ? 17 1 0.998 1.000 ? 100.0 ? 0.062 ? ? ? ? ? ? ? ? ? 
2.45 2.80  ? ? ? ? ? ? 2203 ? ? ? ? ? ? ? ? ? ? ? 11.4 1.621 ? ? 0.062 0.018 ? 18 1 0.998 1.000 ? 99.9  ? 0.059 ? ? ? ? ? ? ? ? ? 
2.80 3.53  ? ? ? ? ? ? 2222 ? ? ? ? ? ? ? ? ? ? ? 10.6 1.879 ? ? 0.054 0.017 ? 19 1 0.998 1.000 ? 99.8  ? 0.052 ? ? ? ? ? ? ? ? ? 
3.53 50.00 ? ? ? ? ? ? 2353 ? ? ? ? ? ? ? ? ? ? ? 9.6  1.863 ? ? 0.050 0.016 ? 20 1 0.998 1.000 ? 99.6  ? 0.047 ? ? ? ? ? ? ? ? ? 
# 
_refine.aniso_B[1][1]                            1.68 
_refine.aniso_B[1][2]                            0.00 
_refine.aniso_B[1][3]                            -0.00 
_refine.aniso_B[2][2]                            -1.02 
_refine.aniso_B[2][3]                            0.00 
_refine.aniso_B[3][3]                            -0.67 
_refine.B_iso_max                                ? 
_refine.B_iso_mean                               16.911 
_refine.B_iso_min                                ? 
_refine.correlation_coeff_Fo_to_Fc               0.975 
_refine.correlation_coeff_Fo_to_Fc_free          0.971 
_refine.details                                  'HYDROGENS HAVE BEEN ADDED IN THE RIDING POSITIONS' 
_refine.diff_density_max                         ? 
_refine.diff_density_max_esd                     ? 
_refine.diff_density_min                         ? 
_refine.diff_density_min_esd                     ? 
_refine.diff_density_rms                         ? 
_refine.diff_density_rms_esd                     ? 
_refine.entry_id                                 8T98 
_refine.pdbx_refine_id                           'X-RAY DIFFRACTION' 
_refine.ls_abs_structure_details                 ? 
_refine.ls_abs_structure_Flack                   ? 
_refine.ls_abs_structure_Flack_esd               ? 
_refine.ls_abs_structure_Rogers                  ? 
_refine.ls_abs_structure_Rogers_esd              ? 
_refine.ls_d_res_high                            1.30 
_refine.ls_d_res_low                             36.49 
_refine.ls_extinction_coef                       ? 
_refine.ls_extinction_coef_esd                   ? 
_refine.ls_extinction_expression                 ? 
_refine.ls_extinction_method                     ? 
_refine.ls_goodness_of_fit_all                   ? 
_refine.ls_goodness_of_fit_all_esd               ? 
_refine.ls_goodness_of_fit_obs                   ? 
_refine.ls_goodness_of_fit_obs_esd               ? 
_refine.ls_hydrogen_treatment                    ? 
_refine.ls_matrix_type                           ? 
_refine.ls_number_constraints                    ? 
_refine.ls_number_parameters                     ? 
_refine.ls_number_reflns_all                     ? 
_refine.ls_number_reflns_obs                     40252 
_refine.ls_number_reflns_R_free                  2163 
_refine.ls_number_reflns_R_work                  ? 
_refine.ls_number_restraints                     ? 
_refine.ls_percent_reflns_obs                    97.80 
_refine.ls_percent_reflns_R_free                 5.1 
_refine.ls_R_factor_all                          ? 
_refine.ls_R_factor_obs                          0.15033 
_refine.ls_R_factor_R_free                       0.17181 
_refine.ls_R_factor_R_free_error                 ? 
_refine.ls_R_factor_R_free_error_details         ? 
_refine.ls_R_factor_R_work                       0.14912 
_refine.ls_R_Fsqd_factor_obs                     ? 
_refine.ls_R_I_factor_obs                        ? 
_refine.ls_redundancy_reflns_all                 ? 
_refine.ls_redundancy_reflns_obs                 ? 
_refine.ls_restrained_S_all                      ? 
_refine.ls_restrained_S_obs                      ? 
_refine.ls_shift_over_esd_max                    ? 
_refine.ls_shift_over_esd_mean                   ? 
_refine.ls_structure_factor_coef                 ? 
_refine.ls_weighting_details                     ? 
_refine.ls_weighting_scheme                      ? 
_refine.ls_wR_factor_all                         ? 
_refine.ls_wR_factor_obs                         ? 
_refine.ls_wR_factor_R_free                      ? 
_refine.ls_wR_factor_R_work                      ? 
_refine.occupancy_max                            ? 
_refine.occupancy_min                            ? 
_refine.solvent_model_details                    MASK 
_refine.solvent_model_param_bsol                 ? 
_refine.solvent_model_param_ksol                 ? 
_refine.pdbx_R_complete                          ? 
_refine.ls_R_factor_gt                           ? 
_refine.ls_goodness_of_fit_gt                    ? 
_refine.ls_goodness_of_fit_ref                   ? 
_refine.ls_shift_over_su_max                     ? 
_refine.ls_shift_over_su_max_lt                  ? 
_refine.ls_shift_over_su_mean                    ? 
_refine.ls_shift_over_su_mean_lt                 ? 
_refine.pdbx_ls_sigma_I                          ? 
_refine.pdbx_ls_sigma_F                          ? 
_refine.pdbx_ls_sigma_Fsqd                       ? 
_refine.pdbx_data_cutoff_high_absF               ? 
_refine.pdbx_data_cutoff_high_rms_absF           ? 
_refine.pdbx_data_cutoff_low_absF                ? 
_refine.pdbx_isotropic_thermal_model             ? 
_refine.pdbx_ls_cross_valid_method               THROUGHOUT 
_refine.pdbx_method_to_determine_struct          'FOURIER SYNTHESIS' 
_refine.pdbx_starting_model                      ? 
_refine.pdbx_stereochemistry_target_values       'MAXIMUM LIKELIHOOD' 
_refine.pdbx_R_Free_selection_details            RANDOM 
_refine.pdbx_stereochem_target_val_spec_case     ? 
_refine.pdbx_overall_ESU_R                       0.041 
_refine.pdbx_overall_ESU_R_Free                  0.044 
_refine.pdbx_solvent_vdw_probe_radii             1.20 
_refine.pdbx_solvent_ion_probe_radii             0.80 
_refine.pdbx_solvent_shrinkage_radii             0.80 
_refine.pdbx_real_space_R                        ? 
_refine.pdbx_density_correlation                 ? 
_refine.pdbx_pd_number_of_powder_patterns        ? 
_refine.pdbx_pd_number_of_points                 ? 
_refine.pdbx_pd_meas_number_of_points            ? 
_refine.pdbx_pd_proc_ls_prof_R_factor            ? 
_refine.pdbx_pd_proc_ls_prof_wR_factor           ? 
_refine.pdbx_pd_Marquardt_correlation_coeff      ? 
_refine.pdbx_pd_Fsqrd_R_factor                   ? 
_refine.pdbx_pd_ls_matrix_band_width             ? 
_refine.pdbx_overall_phase_error                 ? 
_refine.pdbx_overall_SU_R_free_Cruickshank_DPI   ? 
_refine.pdbx_overall_SU_R_free_Blow_DPI          ? 
_refine.pdbx_overall_SU_R_Blow_DPI               ? 
_refine.pdbx_TLS_residual_ADP_flag               ? 
_refine.pdbx_diffrn_id                           1 
_refine.overall_SU_B                             0.722 
_refine.overall_SU_ML                            0.030 
_refine.overall_SU_R_Cruickshank_DPI             ? 
_refine.overall_SU_R_free                        ? 
_refine.overall_FOM_free_R_set                   ? 
_refine.overall_FOM_work_R_set                   ? 
_refine.pdbx_average_fsc_overall                 ? 
_refine.pdbx_average_fsc_work                    ? 
_refine.pdbx_average_fsc_free                    ? 
# 
_refine_hist.pdbx_refine_id                   'X-RAY DIFFRACTION' 
_refine_hist.cycle_id                         1 
_refine_hist.details                          ? 
_refine_hist.d_res_high                       1.30 
_refine_hist.d_res_low                        36.49 
_refine_hist.number_atoms_solvent             230 
_refine_hist.number_atoms_total               1367 
_refine_hist.number_reflns_all                ? 
_refine_hist.number_reflns_obs                ? 
_refine_hist.number_reflns_R_free             ? 
_refine_hist.number_reflns_R_work             ? 
_refine_hist.R_factor_all                     ? 
_refine_hist.R_factor_obs                     ? 
_refine_hist.R_factor_R_free                  ? 
_refine_hist.R_factor_R_work                  ? 
_refine_hist.pdbx_number_residues_total       ? 
_refine_hist.pdbx_B_iso_mean_ligand           ? 
_refine_hist.pdbx_B_iso_mean_solvent          ? 
_refine_hist.pdbx_number_atoms_protein        1095 
_refine_hist.pdbx_number_atoms_nucleic_acid   0 
_refine_hist.pdbx_number_atoms_ligand         42 
_refine_hist.pdbx_number_atoms_lipid          ? 
_refine_hist.pdbx_number_atoms_carb           ? 
_refine_hist.pdbx_pseudo_atom_details         ? 
# 
loop_
_refine_ls_restr.pdbx_refine_id 
_refine_ls_restr.criterion 
_refine_ls_restr.dev_ideal 
_refine_ls_restr.dev_ideal_target 
_refine_ls_restr.number 
_refine_ls_restr.rejects 
_refine_ls_restr.type 
_refine_ls_restr.weight 
_refine_ls_restr.pdbx_restraint_function 
'X-RAY DIFFRACTION' ? 0.018  0.013  1278 ? r_bond_refined_d             ? ? 
'X-RAY DIFFRACTION' ? 0.001  0.018  1142 ? r_bond_other_d               ? ? 
'X-RAY DIFFRACTION' ? 2.175  1.687  1757 ? r_angle_refined_deg          ? ? 
'X-RAY DIFFRACTION' ? 1.547  1.594  2665 ? r_angle_other_deg            ? ? 
'X-RAY DIFFRACTION' ? 7.273  5.000  162  ? r_dihedral_angle_1_deg       ? ? 
'X-RAY DIFFRACTION' ? 29.773 21.266 79   ? r_dihedral_angle_2_deg       ? ? 
'X-RAY DIFFRACTION' ? 12.258 15.000 225  ? r_dihedral_angle_3_deg       ? ? 
'X-RAY DIFFRACTION' ? 16.224 15.000 13   ? r_dihedral_angle_4_deg       ? ? 
'X-RAY DIFFRACTION' ? 0.216  0.200  164  ? r_chiral_restr               ? ? 
'X-RAY DIFFRACTION' ? 0.010  0.020  1456 ? r_gen_planes_refined         ? ? 
'X-RAY DIFFRACTION' ? 0.002  0.020  287  ? r_gen_planes_other           ? ? 
'X-RAY DIFFRACTION' ? ?      ?      ?    ? r_nbd_refined                ? ? 
'X-RAY DIFFRACTION' ? ?      ?      ?    ? r_nbd_other                  ? ? 
'X-RAY DIFFRACTION' ? ?      ?      ?    ? r_nbtor_refined              ? ? 
'X-RAY DIFFRACTION' ? ?      ?      ?    ? r_nbtor_other                ? ? 
'X-RAY DIFFRACTION' ? ?      ?      ?    ? r_xyhbond_nbd_refined        ? ? 
'X-RAY DIFFRACTION' ? ?      ?      ?    ? r_xyhbond_nbd_other          ? ? 
'X-RAY DIFFRACTION' ? ?      ?      ?    ? r_metal_ion_refined          ? ? 
'X-RAY DIFFRACTION' ? ?      ?      ?    ? r_metal_ion_other            ? ? 
'X-RAY DIFFRACTION' ? ?      ?      ?    ? r_symmetry_vdw_refined       ? ? 
'X-RAY DIFFRACTION' ? ?      ?      ?    ? r_symmetry_vdw_other         ? ? 
'X-RAY DIFFRACTION' ? ?      ?      ?    ? r_symmetry_hbond_refined     ? ? 
'X-RAY DIFFRACTION' ? ?      ?      ?    ? r_symmetry_hbond_other       ? ? 
'X-RAY DIFFRACTION' ? ?      ?      ?    ? r_symmetry_metal_ion_refined ? ? 
'X-RAY DIFFRACTION' ? ?      ?      ?    ? r_symmetry_metal_ion_other   ? ? 
'X-RAY DIFFRACTION' ? 1.607  1.444  597  ? r_mcbond_it                  ? ? 
'X-RAY DIFFRACTION' ? 1.593  1.438  596  ? r_mcbond_other               ? ? 
'X-RAY DIFFRACTION' ? 2.551  2.162  761  ? r_mcangle_it                 ? ? 
'X-RAY DIFFRACTION' ? 2.556  2.168  762  ? r_mcangle_other              ? ? 
'X-RAY DIFFRACTION' ? 2.986  1.813  681  ? r_scbond_it                  ? ? 
'X-RAY DIFFRACTION' ? 3.002  1.821  673  ? r_scbond_other               ? ? 
'X-RAY DIFFRACTION' ? ?      ?      ?    ? r_scangle_it                 ? ? 
'X-RAY DIFFRACTION' ? 4.627  2.606  979  ? r_scangle_other              ? ? 
'X-RAY DIFFRACTION' ? 7.107  20.414 1526 ? r_long_range_B_refined       ? ? 
'X-RAY DIFFRACTION' ? 6.921  19.314 1458 ? r_long_range_B_other         ? ? 
'X-RAY DIFFRACTION' ? ?      ?      ?    ? r_rigid_bond_restr           ? ? 
'X-RAY DIFFRACTION' ? ?      ?      ?    ? r_sphericity_free            ? ? 
'X-RAY DIFFRACTION' ? ?      ?      ?    ? r_sphericity_bonded          ? ? 
# 
_refine_ls_shell.pdbx_refine_id                   'X-RAY DIFFRACTION' 
_refine_ls_shell.d_res_high                       1.30 
_refine_ls_shell.d_res_low                        1.330 
_refine_ls_shell.number_reflns_all                ? 
_refine_ls_shell.number_reflns_obs                ? 
_refine_ls_shell.number_reflns_R_free             134 
_refine_ls_shell.number_reflns_R_work             2469 
_refine_ls_shell.percent_reflns_obs               82.22 
_refine_ls_shell.percent_reflns_R_free            ? 
_refine_ls_shell.R_factor_all                     ? 
_refine_ls_shell.R_factor_obs                     ? 
_refine_ls_shell.R_factor_R_free_error            ? 
_refine_ls_shell.R_factor_R_work                  0.241 
_refine_ls_shell.redundancy_reflns_all            ? 
_refine_ls_shell.redundancy_reflns_obs            ? 
_refine_ls_shell.wR_factor_all                    ? 
_refine_ls_shell.wR_factor_obs                    ? 
_refine_ls_shell.wR_factor_R_free                 ? 
_refine_ls_shell.wR_factor_R_work                 ? 
_refine_ls_shell.pdbx_R_complete                  ? 
_refine_ls_shell.pdbx_total_number_of_bins_used   ? 
_refine_ls_shell.pdbx_phase_error                 ? 
_refine_ls_shell.pdbx_fsc_work                    ? 
_refine_ls_shell.pdbx_fsc_free                    ? 
_refine_ls_shell.R_factor_R_free                  0.291 
# 
_struct.entry_id                     8T98 
_struct.title                        
'Diphosphoinositol polyphosphate phosphohydrolase 1 (DIPP1/NUDT3) in complex with Scyllo-3-PP-(1,2,4,5)IP4, Mg, and Fluoride ion' 
_struct.pdbx_model_details           ? 
_struct.pdbx_formula_weight          ? 
_struct.pdbx_formula_weight_method   ? 
_struct.pdbx_model_type_details      ? 
_struct.pdbx_CASP_flag               N 
# 
_struct_keywords.entry_id        8T98 
_struct_keywords.text            'inositol phosphate, inositol, phosphatase, NUT3, HYDROLASE' 
_struct_keywords.pdbx_keywords   HYDROLASE 
# 
loop_
_struct_asym.id 
_struct_asym.pdbx_blank_PDB_chainid_flag 
_struct_asym.pdbx_modified 
_struct_asym.entity_id 
_struct_asym.details 
A N N 1 ? 
B N N 2 ? 
C N N 3 ? 
D N N 3 ? 
E N N 3 ? 
F N N 4 ? 
G N N 4 ? 
H N N 5 ? 
I N N 6 ? 
# 
_struct_ref.id                         1 
_struct_ref.db_name                    UNP 
_struct_ref.db_code                    NUDT3_HUMAN 
_struct_ref.pdbx_db_accession          O95989 
_struct_ref.pdbx_db_isoform            ? 
_struct_ref.entity_id                  1 
_struct_ref.pdbx_seq_one_letter_code   
;MMKLKSNQTRTYDGDGYKKRAACLCFRSESEEEVLLVSSSRHPDRWIVPGGGMEPEEEPSVAAVREVCEEAGVKGTLGRL
VGIFENQERKHRTYVYVLIVTEVLEDWEDSVNIGRKREWFKIEDAIKVLQYHKPVQASYFETLRQGYS
;
_struct_ref.pdbx_align_begin           1 
# 
_struct_ref_seq.align_id                      1 
_struct_ref_seq.ref_id                        1 
_struct_ref_seq.pdbx_PDB_id_code              8T98 
_struct_ref_seq.pdbx_strand_id                A 
_struct_ref_seq.seq_align_beg                 1 
_struct_ref_seq.pdbx_seq_align_beg_ins_code   ? 
_struct_ref_seq.seq_align_end                 148 
_struct_ref_seq.pdbx_seq_align_end_ins_code   ? 
_struct_ref_seq.pdbx_db_accession             O95989 
_struct_ref_seq.db_align_beg                  1 
_struct_ref_seq.pdbx_db_align_beg_ins_code    ? 
_struct_ref_seq.db_align_end                  148 
_struct_ref_seq.pdbx_db_align_end_ins_code    ? 
_struct_ref_seq.pdbx_auth_seq_align_beg       1 
_struct_ref_seq.pdbx_auth_seq_align_end       148 
# 
_pdbx_struct_assembly.id                   1 
_pdbx_struct_assembly.details              author_defined_assembly 
_pdbx_struct_assembly.method_details       ? 
_pdbx_struct_assembly.oligomeric_details   monomeric 
_pdbx_struct_assembly.oligomeric_count     1 
# 
_pdbx_struct_assembly_gen.assembly_id       1 
_pdbx_struct_assembly_gen.oper_expression   1 
_pdbx_struct_assembly_gen.asym_id_list      A,B,C,D,E,F,G,H,I 
# 
_pdbx_struct_assembly_auth_evidence.id                     1 
_pdbx_struct_assembly_auth_evidence.assembly_id            1 
_pdbx_struct_assembly_auth_evidence.experimental_support   'gel filtration' 
_pdbx_struct_assembly_auth_evidence.details                ? 
# 
_pdbx_struct_oper_list.id                   1 
_pdbx_struct_oper_list.type                 'identity operation' 
_pdbx_struct_oper_list.name                 1_555 
_pdbx_struct_oper_list.symmetry_operation   x,y,z 
_pdbx_struct_oper_list.matrix[1][1]         1.0000000000 
_pdbx_struct_oper_list.matrix[1][2]         0.0000000000 
_pdbx_struct_oper_list.matrix[1][3]         0.0000000000 
_pdbx_struct_oper_list.vector[1]            0.0000000000 
_pdbx_struct_oper_list.matrix[2][1]         0.0000000000 
_pdbx_struct_oper_list.matrix[2][2]         1.0000000000 
_pdbx_struct_oper_list.matrix[2][3]         0.0000000000 
_pdbx_struct_oper_list.vector[2]            0.0000000000 
_pdbx_struct_oper_list.matrix[3][1]         0.0000000000 
_pdbx_struct_oper_list.matrix[3][2]         0.0000000000 
_pdbx_struct_oper_list.matrix[3][3]         1.0000000000 
_pdbx_struct_oper_list.vector[3]            0.0000000000 
# 
loop_
_struct_conf.conf_type_id 
_struct_conf.id 
_struct_conf.pdbx_PDB_helix_id 
_struct_conf.beg_label_comp_id 
_struct_conf.beg_label_asym_id 
_struct_conf.beg_label_seq_id 
_struct_conf.pdbx_beg_PDB_ins_code 
_struct_conf.end_label_comp_id 
_struct_conf.end_label_asym_id 
_struct_conf.end_label_seq_id 
_struct_conf.pdbx_end_PDB_ins_code 
_struct_conf.beg_auth_comp_id 
_struct_conf.beg_auth_asym_id 
_struct_conf.beg_auth_seq_id 
_struct_conf.end_auth_comp_id 
_struct_conf.end_auth_asym_id 
_struct_conf.end_auth_seq_id 
_struct_conf.pdbx_PDB_helix_class 
_struct_conf.details 
_struct_conf.pdbx_PDB_helix_length 
HELX_P HELX_P1 AA1 GLU A 58  ? GLY A 72  ? GLU A 58  GLY A 72  1 ? 15 
HELX_P HELX_P2 AA2 TRP A 107 ? GLY A 114 ? TRP A 107 GLY A 114 1 ? 8  
HELX_P HELX_P3 AA3 ILE A 122 ? GLN A 130 ? ILE A 122 GLN A 130 1 ? 9  
HELX_P HELX_P4 AA4 LYS A 133 ? TYR A 139 ? LYS A 133 TYR A 139 1 ? 7  
# 
_struct_conf_type.id          HELX_P 
_struct_conf_type.criteria    ? 
_struct_conf_type.reference   ? 
# 
loop_
_struct_conn.id 
_struct_conn.conn_type_id 
_struct_conn.pdbx_leaving_atom_flag 
_struct_conn.pdbx_PDB_id 
_struct_conn.ptnr1_label_asym_id 
_struct_conn.ptnr1_label_comp_id 
_struct_conn.ptnr1_label_seq_id 
_struct_conn.ptnr1_label_atom_id 
_struct_conn.pdbx_ptnr1_label_alt_id 
_struct_conn.pdbx_ptnr1_PDB_ins_code 
_struct_conn.pdbx_ptnr1_standard_comp_id 
_struct_conn.ptnr1_symmetry 
_struct_conn.ptnr2_label_asym_id 
_struct_conn.ptnr2_label_comp_id 
_struct_conn.ptnr2_label_seq_id 
_struct_conn.ptnr2_label_atom_id 
_struct_conn.pdbx_ptnr2_label_alt_id 
_struct_conn.pdbx_ptnr2_PDB_ins_code 
_struct_conn.ptnr1_auth_asym_id 
_struct_conn.ptnr1_auth_comp_id 
_struct_conn.ptnr1_auth_seq_id 
_struct_conn.ptnr2_auth_asym_id 
_struct_conn.ptnr2_auth_comp_id 
_struct_conn.ptnr2_auth_seq_id 
_struct_conn.ptnr2_symmetry 
_struct_conn.pdbx_ptnr3_label_atom_id 
_struct_conn.pdbx_ptnr3_label_seq_id 
_struct_conn.pdbx_ptnr3_label_comp_id 
_struct_conn.pdbx_ptnr3_label_asym_id 
_struct_conn.pdbx_ptnr3_label_alt_id 
_struct_conn.pdbx_ptnr3_PDB_ins_code 
_struct_conn.details 
_struct_conn.pdbx_dist_value 
_struct_conn.pdbx_value_order 
_struct_conn.pdbx_role 
metalc1  metalc ? ? A GLY 50 O   ? ? ? 1_555 C MG  . MG ? ? A GLY 50  A MG  402 1_555 ? ? ? ? ? ? ? 2.134 ? ? 
metalc2  metalc ? ? A GLU 66 OE2 ? ? ? 1_555 D MG  . MG ? ? A GLU 66  A MG  403 1_555 ? ? ? ? ? ? ? 2.053 ? ? 
metalc3  metalc ? ? A GLU 66 OE1 ? ? ? 1_555 E MG  . MG ? ? A GLU 66  A MG  404 1_555 ? ? ? ? ? ? ? 2.069 ? ? 
metalc4  metalc ? ? A GLU 70 OE1 ? ? ? 1_555 C MG  . MG ? ? A GLU 70  A MG  402 1_555 ? ? ? ? ? ? ? 2.118 ? ? 
metalc5  metalc ? ? A GLU 70 OE1 ? ? ? 1_555 D MG  . MG ? ? A GLU 70  A MG  403 1_555 ? ? ? ? ? ? ? 2.133 ? ? 
metalc6  metalc ? ? B U6J .  O24 ? ? ? 1_555 C MG  . MG ? ? A U6J 401 A MG  402 1_555 ? ? ? ? ? ? ? 2.059 ? ? 
metalc7  metalc ? ? B U6J .  O35 ? ? ? 1_555 C MG  . MG ? ? A U6J 401 A MG  402 1_555 ? ? ? ? ? ? ? 2.027 ? ? 
metalc8  metalc ? ? B U6J .  O55 ? ? ? 1_555 C MG  . MG ? ? A U6J 401 A MG  402 1_555 ? ? ? ? ? ? ? 2.024 ? ? 
metalc9  metalc ? ? B U6J .  O55 ? ? ? 1_555 D MG  . MG ? ? A U6J 401 A MG  403 1_555 ? ? ? ? ? ? ? 2.090 ? ? 
metalc10 metalc ? ? B U6J .  O65 ? ? ? 1_555 E MG  . MG ? ? A U6J 401 A MG  404 1_555 ? ? ? ? ? ? ? 2.099 ? ? 
metalc11 metalc ? ? C MG  .  MG  ? ? ? 1_555 I HOH . O  ? ? A MG  402 A HOH 532 1_555 ? ? ? ? ? ? ? 2.129 ? ? 
metalc12 metalc ? ? D MG  .  MG  ? ? ? 1_555 I HOH . O  ? ? A MG  403 A HOH 563 1_555 ? ? ? ? ? ? ? 2.048 ? ? 
metalc13 metalc ? ? D MG  .  MG  ? ? ? 1_555 I HOH . O  ? ? A MG  403 A HOH 581 1_555 ? ? ? ? ? ? ? 2.152 ? ? 
metalc14 metalc ? ? E MG  .  MG  ? ? ? 1_555 I HOH . O  ? ? A MG  404 A HOH 580 1_555 ? ? ? ? ? ? ? 2.124 ? ? 
metalc15 metalc ? ? E MG  .  MG  ? ? ? 1_555 I HOH . O  ? ? A MG  404 A HOH 583 1_555 ? ? ? ? ? ? ? 2.091 ? ? 
metalc16 metalc ? ? E MG  .  MG  ? ? ? 1_555 I HOH . O  ? ? A MG  404 A HOH 659 1_555 ? ? ? ? ? ? ? 2.116 ? ? 
# 
_struct_conn_type.id          metalc 
_struct_conn_type.criteria    ? 
_struct_conn_type.reference   ? 
# 
loop_
_pdbx_struct_conn_angle.id 
_pdbx_struct_conn_angle.ptnr1_label_atom_id 
_pdbx_struct_conn_angle.ptnr1_label_alt_id 
_pdbx_struct_conn_angle.ptnr1_label_asym_id 
_pdbx_struct_conn_angle.ptnr1_label_comp_id 
_pdbx_struct_conn_angle.ptnr1_label_seq_id 
_pdbx_struct_conn_angle.ptnr1_auth_atom_id 
_pdbx_struct_conn_angle.ptnr1_auth_asym_id 
_pdbx_struct_conn_angle.ptnr1_auth_comp_id 
_pdbx_struct_conn_angle.ptnr1_auth_seq_id 
_pdbx_struct_conn_angle.ptnr1_PDB_ins_code 
_pdbx_struct_conn_angle.ptnr1_symmetry 
_pdbx_struct_conn_angle.ptnr2_label_atom_id 
_pdbx_struct_conn_angle.ptnr2_label_alt_id 
_pdbx_struct_conn_angle.ptnr2_label_asym_id 
_pdbx_struct_conn_angle.ptnr2_label_comp_id 
_pdbx_struct_conn_angle.ptnr2_label_seq_id 
_pdbx_struct_conn_angle.ptnr2_auth_atom_id 
_pdbx_struct_conn_angle.ptnr2_auth_asym_id 
_pdbx_struct_conn_angle.ptnr2_auth_comp_id 
_pdbx_struct_conn_angle.ptnr2_auth_seq_id 
_pdbx_struct_conn_angle.ptnr2_PDB_ins_code 
_pdbx_struct_conn_angle.ptnr2_symmetry 
_pdbx_struct_conn_angle.ptnr3_label_atom_id 
_pdbx_struct_conn_angle.ptnr3_label_alt_id 
_pdbx_struct_conn_angle.ptnr3_label_asym_id 
_pdbx_struct_conn_angle.ptnr3_label_comp_id 
_pdbx_struct_conn_angle.ptnr3_label_seq_id 
_pdbx_struct_conn_angle.ptnr3_auth_atom_id 
_pdbx_struct_conn_angle.ptnr3_auth_asym_id 
_pdbx_struct_conn_angle.ptnr3_auth_comp_id 
_pdbx_struct_conn_angle.ptnr3_auth_seq_id 
_pdbx_struct_conn_angle.ptnr3_PDB_ins_code 
_pdbx_struct_conn_angle.ptnr3_symmetry 
_pdbx_struct_conn_angle.value 
_pdbx_struct_conn_angle.value_esd 
1  O   ? A GLY 50 ? A GLY 50  ? 1_555 MG ? C MG . ? A MG 402 ? 1_555 OE1 ? A GLU 70 ? A GLU 70  ? 1_555 84.0  ? 
2  O   ? A GLY 50 ? A GLY 50  ? 1_555 MG ? C MG . ? A MG 402 ? 1_555 O24 ? B U6J .  ? A U6J 401 ? 1_555 167.2 ? 
3  OE1 ? A GLU 70 ? A GLU 70  ? 1_555 MG ? C MG . ? A MG 402 ? 1_555 O24 ? B U6J .  ? A U6J 401 ? 1_555 90.4  ? 
4  O   ? A GLY 50 ? A GLY 50  ? 1_555 MG ? C MG . ? A MG 402 ? 1_555 O35 ? B U6J .  ? A U6J 401 ? 1_555 92.5  ? 
5  OE1 ? A GLU 70 ? A GLU 70  ? 1_555 MG ? C MG . ? A MG 402 ? 1_555 O35 ? B U6J .  ? A U6J 401 ? 1_555 168.8 ? 
6  O24 ? B U6J .  ? A U6J 401 ? 1_555 MG ? C MG . ? A MG 402 ? 1_555 O35 ? B U6J .  ? A U6J 401 ? 1_555 95.1  ? 
7  O   ? A GLY 50 ? A GLY 50  ? 1_555 MG ? C MG . ? A MG 402 ? 1_555 O55 ? B U6J .  ? A U6J 401 ? 1_555 101.9 ? 
8  OE1 ? A GLU 70 ? A GLU 70  ? 1_555 MG ? C MG . ? A MG 402 ? 1_555 O55 ? B U6J .  ? A U6J 401 ? 1_555 80.1  ? 
9  O24 ? B U6J .  ? A U6J 401 ? 1_555 MG ? C MG . ? A MG 402 ? 1_555 O55 ? B U6J .  ? A U6J 401 ? 1_555 88.4  ? 
10 O35 ? B U6J .  ? A U6J 401 ? 1_555 MG ? C MG . ? A MG 402 ? 1_555 O55 ? B U6J .  ? A U6J 401 ? 1_555 90.3  ? 
11 O   ? A GLY 50 ? A GLY 50  ? 1_555 MG ? C MG . ? A MG 402 ? 1_555 O   ? I HOH .  ? A HOH 532 ? 1_555 81.2  ? 
12 OE1 ? A GLU 70 ? A GLU 70  ? 1_555 MG ? C MG . ? A MG 402 ? 1_555 O   ? I HOH .  ? A HOH 532 ? 1_555 92.9  ? 
13 O24 ? B U6J .  ? A U6J 401 ? 1_555 MG ? C MG . ? A MG 402 ? 1_555 O   ? I HOH .  ? A HOH 532 ? 1_555 87.6  ? 
14 O35 ? B U6J .  ? A U6J 401 ? 1_555 MG ? C MG . ? A MG 402 ? 1_555 O   ? I HOH .  ? A HOH 532 ? 1_555 97.2  ? 
15 O55 ? B U6J .  ? A U6J 401 ? 1_555 MG ? C MG . ? A MG 402 ? 1_555 O   ? I HOH .  ? A HOH 532 ? 1_555 171.8 ? 
16 OE2 ? A GLU 66 ? A GLU 66  ? 1_555 MG ? D MG . ? A MG 403 ? 1_555 OE1 ? A GLU 70 ? A GLU 70  ? 1_555 89.9  ? 
17 OE2 ? A GLU 66 ? A GLU 66  ? 1_555 MG ? D MG . ? A MG 403 ? 1_555 O55 ? B U6J .  ? A U6J 401 ? 1_555 93.6  ? 
18 OE1 ? A GLU 70 ? A GLU 70  ? 1_555 MG ? D MG . ? A MG 403 ? 1_555 O55 ? B U6J .  ? A U6J 401 ? 1_555 78.3  ? 
19 OE2 ? A GLU 66 ? A GLU 66  ? 1_555 MG ? D MG . ? A MG 403 ? 1_555 O   ? I HOH .  ? A HOH 563 ? 1_555 90.4  ? 
20 OE1 ? A GLU 70 ? A GLU 70  ? 1_555 MG ? D MG . ? A MG 403 ? 1_555 O   ? I HOH .  ? A HOH 563 ? 1_555 103.7 ? 
21 O55 ? B U6J .  ? A U6J 401 ? 1_555 MG ? D MG . ? A MG 403 ? 1_555 O   ? I HOH .  ? A HOH 563 ? 1_555 175.5 ? 
22 OE2 ? A GLU 66 ? A GLU 66  ? 1_555 MG ? D MG . ? A MG 403 ? 1_555 O   ? I HOH .  ? A HOH 581 ? 1_555 173.8 ? 
23 OE1 ? A GLU 70 ? A GLU 70  ? 1_555 MG ? D MG . ? A MG 403 ? 1_555 O   ? I HOH .  ? A HOH 581 ? 1_555 84.0  ? 
24 O55 ? B U6J .  ? A U6J 401 ? 1_555 MG ? D MG . ? A MG 403 ? 1_555 O   ? I HOH .  ? A HOH 581 ? 1_555 84.7  ? 
25 O   ? I HOH .  ? A HOH 563 ? 1_555 MG ? D MG . ? A MG 403 ? 1_555 O   ? I HOH .  ? A HOH 581 ? 1_555 91.5  ? 
26 OE1 ? A GLU 66 ? A GLU 66  ? 1_555 MG ? E MG . ? A MG 404 ? 1_555 O65 ? B U6J .  ? A U6J 401 ? 1_555 94.2  ? 
27 OE1 ? A GLU 66 ? A GLU 66  ? 1_555 MG ? E MG . ? A MG 404 ? 1_555 O   ? I HOH .  ? A HOH 580 ? 1_555 88.5  ? 
28 O65 ? B U6J .  ? A U6J 401 ? 1_555 MG ? E MG . ? A MG 404 ? 1_555 O   ? I HOH .  ? A HOH 580 ? 1_555 172.7 ? 
29 OE1 ? A GLU 66 ? A GLU 66  ? 1_555 MG ? E MG . ? A MG 404 ? 1_555 O   ? I HOH .  ? A HOH 583 ? 1_555 84.6  ? 
30 O65 ? B U6J .  ? A U6J 401 ? 1_555 MG ? E MG . ? A MG 404 ? 1_555 O   ? I HOH .  ? A HOH 583 ? 1_555 93.0  ? 
31 O   ? I HOH .  ? A HOH 580 ? 1_555 MG ? E MG . ? A MG 404 ? 1_555 O   ? I HOH .  ? A HOH 583 ? 1_555 94.0  ? 
32 OE1 ? A GLU 66 ? A GLU 66  ? 1_555 MG ? E MG . ? A MG 404 ? 1_555 O   ? I HOH .  ? A HOH 659 ? 1_555 167.9 ? 
33 O65 ? B U6J .  ? A U6J 401 ? 1_555 MG ? E MG . ? A MG 404 ? 1_555 O   ? I HOH .  ? A HOH 659 ? 1_555 92.9  ? 
34 O   ? I HOH .  ? A HOH 580 ? 1_555 MG ? E MG . ? A MG 404 ? 1_555 O   ? I HOH .  ? A HOH 659 ? 1_555 85.7  ? 
35 O   ? I HOH .  ? A HOH 583 ? 1_555 MG ? E MG . ? A MG 404 ? 1_555 O   ? I HOH .  ? A HOH 659 ? 1_555 85.3  ? 
# 
loop_
_struct_sheet.id 
_struct_sheet.type 
_struct_sheet.number_strands 
_struct_sheet.details 
AA1 ? 4 ? 
AA2 ? 3 ? 
# 
loop_
_struct_sheet_order.sheet_id 
_struct_sheet_order.range_id_1 
_struct_sheet_order.range_id_2 
_struct_sheet_order.offset 
_struct_sheet_order.sense 
AA1 1 2 ? anti-parallel 
AA1 2 3 ? parallel      
AA1 3 4 ? anti-parallel 
AA2 1 2 ? anti-parallel 
AA2 2 3 ? anti-parallel 
# 
loop_
_struct_sheet_range.sheet_id 
_struct_sheet_range.id 
_struct_sheet_range.beg_label_comp_id 
_struct_sheet_range.beg_label_asym_id 
_struct_sheet_range.beg_label_seq_id 
_struct_sheet_range.pdbx_beg_PDB_ins_code 
_struct_sheet_range.end_label_comp_id 
_struct_sheet_range.end_label_asym_id 
_struct_sheet_range.end_label_seq_id 
_struct_sheet_range.pdbx_end_PDB_ins_code 
_struct_sheet_range.beg_auth_comp_id 
_struct_sheet_range.beg_auth_asym_id 
_struct_sheet_range.beg_auth_seq_id 
_struct_sheet_range.end_auth_comp_id 
_struct_sheet_range.end_auth_asym_id 
_struct_sheet_range.end_auth_seq_id 
AA1 1 GLY A 50  ? GLY A 52  ? GLY A 50  GLY A 52  
AA1 2 LYS A 18  ? PHE A 26  ? LYS A 18  PHE A 26  
AA1 3 HIS A 91  ? VAL A 103 ? HIS A 91  VAL A 103 
AA1 4 VAL A 73  ? ASN A 86  ? VAL A 73  ASN A 86  
AA2 1 TRP A 46  ? ILE A 47  ? TRP A 46  ILE A 47  
AA2 2 GLU A 33  ? SER A 38  ? GLU A 33  SER A 38  
AA2 3 ARG A 117 ? LYS A 121 ? ARG A 117 LYS A 121 
# 
loop_
_pdbx_struct_sheet_hbond.sheet_id 
_pdbx_struct_sheet_hbond.range_id_1 
_pdbx_struct_sheet_hbond.range_id_2 
_pdbx_struct_sheet_hbond.range_1_label_atom_id 
_pdbx_struct_sheet_hbond.range_1_label_comp_id 
_pdbx_struct_sheet_hbond.range_1_label_asym_id 
_pdbx_struct_sheet_hbond.range_1_label_seq_id 
_pdbx_struct_sheet_hbond.range_1_PDB_ins_code 
_pdbx_struct_sheet_hbond.range_1_auth_atom_id 
_pdbx_struct_sheet_hbond.range_1_auth_comp_id 
_pdbx_struct_sheet_hbond.range_1_auth_asym_id 
_pdbx_struct_sheet_hbond.range_1_auth_seq_id 
_pdbx_struct_sheet_hbond.range_2_label_atom_id 
_pdbx_struct_sheet_hbond.range_2_label_comp_id 
_pdbx_struct_sheet_hbond.range_2_label_asym_id 
_pdbx_struct_sheet_hbond.range_2_label_seq_id 
_pdbx_struct_sheet_hbond.range_2_PDB_ins_code 
_pdbx_struct_sheet_hbond.range_2_auth_atom_id 
_pdbx_struct_sheet_hbond.range_2_auth_comp_id 
_pdbx_struct_sheet_hbond.range_2_auth_asym_id 
_pdbx_struct_sheet_hbond.range_2_auth_seq_id 
AA1 1 2 O GLY A 51 ? O GLY A 51 N ALA A 21  ? N ALA A 21  
AA1 2 3 N LYS A 18 ? N LYS A 18 O ARG A 92  ? O ARG A 92  
AA1 3 4 O VAL A 97 ? O VAL A 97 N GLY A 78  ? N GLY A 78  
AA2 1 2 O ILE A 47 ? O ILE A 47 N VAL A 37  ? N VAL A 37  
AA2 2 3 N VAL A 34 ? N VAL A 34 O PHE A 120 ? O PHE A 120 
# 
_pdbx_validate_torsion.id              1 
_pdbx_validate_torsion.PDB_model_num   1 
_pdbx_validate_torsion.auth_comp_id    GLU 
_pdbx_validate_torsion.auth_asym_id    A 
_pdbx_validate_torsion.auth_seq_id     56 
_pdbx_validate_torsion.PDB_ins_code    ? 
_pdbx_validate_torsion.label_alt_id    ? 
_pdbx_validate_torsion.phi             57.61 
_pdbx_validate_torsion.psi             19.41 
# 
_pdbx_entry_details.entry_id                 8T98 
_pdbx_entry_details.nonpolymer_details       ? 
_pdbx_entry_details.sequence_details         ? 
_pdbx_entry_details.compound_details         ? 
_pdbx_entry_details.source_details           ? 
_pdbx_entry_details.has_ligand_of_interest   Y 
# 
loop_
_pdbx_distant_solvent_atoms.id 
_pdbx_distant_solvent_atoms.PDB_model_num 
_pdbx_distant_solvent_atoms.auth_atom_id 
_pdbx_distant_solvent_atoms.label_alt_id 
_pdbx_distant_solvent_atoms.auth_asym_id 
_pdbx_distant_solvent_atoms.auth_comp_id 
_pdbx_distant_solvent_atoms.auth_seq_id 
_pdbx_distant_solvent_atoms.PDB_ins_code 
_pdbx_distant_solvent_atoms.neighbor_macromolecule_distance 
_pdbx_distant_solvent_atoms.neighbor_ligand_distance 
1 1 O ? A HOH 729 ? 6.32 . 
2 1 O ? A HOH 730 ? 6.32 . 
# 
loop_
_pdbx_unobs_or_zero_occ_residues.id 
_pdbx_unobs_or_zero_occ_residues.PDB_model_num 
_pdbx_unobs_or_zero_occ_residues.polymer_flag 
_pdbx_unobs_or_zero_occ_residues.occupancy_flag 
_pdbx_unobs_or_zero_occ_residues.auth_asym_id 
_pdbx_unobs_or_zero_occ_residues.auth_comp_id 
_pdbx_unobs_or_zero_occ_residues.auth_seq_id 
_pdbx_unobs_or_zero_occ_residues.PDB_ins_code 
_pdbx_unobs_or_zero_occ_residues.label_asym_id 
_pdbx_unobs_or_zero_occ_residues.label_comp_id 
_pdbx_unobs_or_zero_occ_residues.label_seq_id 
1  1 Y 1 A MET 1   ? A MET 1   
2  1 Y 1 A MET 2   ? A MET 2   
3  1 Y 1 A LYS 3   ? A LYS 3   
4  1 Y 1 A LEU 4   ? A LEU 4   
5  1 Y 1 A LYS 5   ? A LYS 5   
6  1 Y 1 A SER 6   ? A SER 6   
7  1 Y 1 A ASN 7   ? A ASN 7   
8  1 Y 1 A LEU 143 ? A LEU 143 
9  1 Y 1 A ARG 144 ? A ARG 144 
10 1 Y 1 A GLN 145 ? A GLN 145 
11 1 Y 1 A GLY 146 ? A GLY 146 
12 1 Y 1 A TYR 147 ? A TYR 147 
13 1 Y 1 A SER 148 ? A SER 148 
# 
loop_
_chem_comp_atom.comp_id 
_chem_comp_atom.atom_id 
_chem_comp_atom.type_symbol 
_chem_comp_atom.pdbx_aromatic_flag 
_chem_comp_atom.pdbx_stereo_config 
_chem_comp_atom.pdbx_ordinal 
ALA N    N  N N 1   
ALA CA   C  N S 2   
ALA C    C  N N 3   
ALA O    O  N N 4   
ALA CB   C  N N 5   
ALA OXT  O  N N 6   
ALA H    H  N N 7   
ALA H2   H  N N 8   
ALA HA   H  N N 9   
ALA HB1  H  N N 10  
ALA HB2  H  N N 11  
ALA HB3  H  N N 12  
ALA HXT  H  N N 13  
ARG N    N  N N 14  
ARG CA   C  N S 15  
ARG C    C  N N 16  
ARG O    O  N N 17  
ARG CB   C  N N 18  
ARG CG   C  N N 19  
ARG CD   C  N N 20  
ARG NE   N  N N 21  
ARG CZ   C  N N 22  
ARG NH1  N  N N 23  
ARG NH2  N  N N 24  
ARG OXT  O  N N 25  
ARG H    H  N N 26  
ARG H2   H  N N 27  
ARG HA   H  N N 28  
ARG HB2  H  N N 29  
ARG HB3  H  N N 30  
ARG HG2  H  N N 31  
ARG HG3  H  N N 32  
ARG HD2  H  N N 33  
ARG HD3  H  N N 34  
ARG HE   H  N N 35  
ARG HH11 H  N N 36  
ARG HH12 H  N N 37  
ARG HH21 H  N N 38  
ARG HH22 H  N N 39  
ARG HXT  H  N N 40  
ASN N    N  N N 41  
ASN CA   C  N S 42  
ASN C    C  N N 43  
ASN O    O  N N 44  
ASN CB   C  N N 45  
ASN CG   C  N N 46  
ASN OD1  O  N N 47  
ASN ND2  N  N N 48  
ASN OXT  O  N N 49  
ASN H    H  N N 50  
ASN H2   H  N N 51  
ASN HA   H  N N 52  
ASN HB2  H  N N 53  
ASN HB3  H  N N 54  
ASN HD21 H  N N 55  
ASN HD22 H  N N 56  
ASN HXT  H  N N 57  
ASP N    N  N N 58  
ASP CA   C  N S 59  
ASP C    C  N N 60  
ASP O    O  N N 61  
ASP CB   C  N N 62  
ASP CG   C  N N 63  
ASP OD1  O  N N 64  
ASP OD2  O  N N 65  
ASP OXT  O  N N 66  
ASP H    H  N N 67  
ASP H2   H  N N 68  
ASP HA   H  N N 69  
ASP HB2  H  N N 70  
ASP HB3  H  N N 71  
ASP HD2  H  N N 72  
ASP HXT  H  N N 73  
CL  CL   CL N N 74  
CYS N    N  N N 75  
CYS CA   C  N R 76  
CYS C    C  N N 77  
CYS O    O  N N 78  
CYS CB   C  N N 79  
CYS SG   S  N N 80  
CYS OXT  O  N N 81  
CYS H    H  N N 82  
CYS H2   H  N N 83  
CYS HA   H  N N 84  
CYS HB2  H  N N 85  
CYS HB3  H  N N 86  
CYS HG   H  N N 87  
CYS HXT  H  N N 88  
F   F    F  N N 89  
GLN N    N  N N 90  
GLN CA   C  N S 91  
GLN C    C  N N 92  
GLN O    O  N N 93  
GLN CB   C  N N 94  
GLN CG   C  N N 95  
GLN CD   C  N N 96  
GLN OE1  O  N N 97  
GLN NE2  N  N N 98  
GLN OXT  O  N N 99  
GLN H    H  N N 100 
GLN H2   H  N N 101 
GLN HA   H  N N 102 
GLN HB2  H  N N 103 
GLN HB3  H  N N 104 
GLN HG2  H  N N 105 
GLN HG3  H  N N 106 
GLN HE21 H  N N 107 
GLN HE22 H  N N 108 
GLN HXT  H  N N 109 
GLU N    N  N N 110 
GLU CA   C  N S 111 
GLU C    C  N N 112 
GLU O    O  N N 113 
GLU CB   C  N N 114 
GLU CG   C  N N 115 
GLU CD   C  N N 116 
GLU OE1  O  N N 117 
GLU OE2  O  N N 118 
GLU OXT  O  N N 119 
GLU H    H  N N 120 
GLU H2   H  N N 121 
GLU HA   H  N N 122 
GLU HB2  H  N N 123 
GLU HB3  H  N N 124 
GLU HG2  H  N N 125 
GLU HG3  H  N N 126 
GLU HE2  H  N N 127 
GLU HXT  H  N N 128 
GLY N    N  N N 129 
GLY CA   C  N N 130 
GLY C    C  N N 131 
GLY O    O  N N 132 
GLY OXT  O  N N 133 
GLY H    H  N N 134 
GLY H2   H  N N 135 
GLY HA2  H  N N 136 
GLY HA3  H  N N 137 
GLY HXT  H  N N 138 
HIS N    N  N N 139 
HIS CA   C  N S 140 
HIS C    C  N N 141 
HIS O    O  N N 142 
HIS CB   C  N N 143 
HIS CG   C  Y N 144 
HIS ND1  N  Y N 145 
HIS CD2  C  Y N 146 
HIS CE1  C  Y N 147 
HIS NE2  N  Y N 148 
HIS OXT  O  N N 149 
HIS H    H  N N 150 
HIS H2   H  N N 151 
HIS HA   H  N N 152 
HIS HB2  H  N N 153 
HIS HB3  H  N N 154 
HIS HD1  H  N N 155 
HIS HD2  H  N N 156 
HIS HE1  H  N N 157 
HIS HE2  H  N N 158 
HIS HXT  H  N N 159 
HOH O    O  N N 160 
HOH H1   H  N N 161 
HOH H2   H  N N 162 
ILE N    N  N N 163 
ILE CA   C  N S 164 
ILE C    C  N N 165 
ILE O    O  N N 166 
ILE CB   C  N S 167 
ILE CG1  C  N N 168 
ILE CG2  C  N N 169 
ILE CD1  C  N N 170 
ILE OXT  O  N N 171 
ILE H    H  N N 172 
ILE H2   H  N N 173 
ILE HA   H  N N 174 
ILE HB   H  N N 175 
ILE HG12 H  N N 176 
ILE HG13 H  N N 177 
ILE HG21 H  N N 178 
ILE HG22 H  N N 179 
ILE HG23 H  N N 180 
ILE HD11 H  N N 181 
ILE HD12 H  N N 182 
ILE HD13 H  N N 183 
ILE HXT  H  N N 184 
LEU N    N  N N 185 
LEU CA   C  N S 186 
LEU C    C  N N 187 
LEU O    O  N N 188 
LEU CB   C  N N 189 
LEU CG   C  N N 190 
LEU CD1  C  N N 191 
LEU CD2  C  N N 192 
LEU OXT  O  N N 193 
LEU H    H  N N 194 
LEU H2   H  N N 195 
LEU HA   H  N N 196 
LEU HB2  H  N N 197 
LEU HB3  H  N N 198 
LEU HG   H  N N 199 
LEU HD11 H  N N 200 
LEU HD12 H  N N 201 
LEU HD13 H  N N 202 
LEU HD21 H  N N 203 
LEU HD22 H  N N 204 
LEU HD23 H  N N 205 
LEU HXT  H  N N 206 
LYS N    N  N N 207 
LYS CA   C  N S 208 
LYS C    C  N N 209 
LYS O    O  N N 210 
LYS CB   C  N N 211 
LYS CG   C  N N 212 
LYS CD   C  N N 213 
LYS CE   C  N N 214 
LYS NZ   N  N N 215 
LYS OXT  O  N N 216 
LYS H    H  N N 217 
LYS H2   H  N N 218 
LYS HA   H  N N 219 
LYS HB2  H  N N 220 
LYS HB3  H  N N 221 
LYS HG2  H  N N 222 
LYS HG3  H  N N 223 
LYS HD2  H  N N 224 
LYS HD3  H  N N 225 
LYS HE2  H  N N 226 
LYS HE3  H  N N 227 
LYS HZ1  H  N N 228 
LYS HZ2  H  N N 229 
LYS HZ3  H  N N 230 
LYS HXT  H  N N 231 
MET N    N  N N 232 
MET CA   C  N S 233 
MET C    C  N N 234 
MET O    O  N N 235 
MET CB   C  N N 236 
MET CG   C  N N 237 
MET SD   S  N N 238 
MET CE   C  N N 239 
MET OXT  O  N N 240 
MET H    H  N N 241 
MET H2   H  N N 242 
MET HA   H  N N 243 
MET HB2  H  N N 244 
MET HB3  H  N N 245 
MET HG2  H  N N 246 
MET HG3  H  N N 247 
MET HE1  H  N N 248 
MET HE2  H  N N 249 
MET HE3  H  N N 250 
MET HXT  H  N N 251 
MG  MG   MG N N 252 
PHE N    N  N N 253 
PHE CA   C  N S 254 
PHE C    C  N N 255 
PHE O    O  N N 256 
PHE CB   C  N N 257 
PHE CG   C  Y N 258 
PHE CD1  C  Y N 259 
PHE CD2  C  Y N 260 
PHE CE1  C  Y N 261 
PHE CE2  C  Y N 262 
PHE CZ   C  Y N 263 
PHE OXT  O  N N 264 
PHE H    H  N N 265 
PHE H2   H  N N 266 
PHE HA   H  N N 267 
PHE HB2  H  N N 268 
PHE HB3  H  N N 269 
PHE HD1  H  N N 270 
PHE HD2  H  N N 271 
PHE HE1  H  N N 272 
PHE HE2  H  N N 273 
PHE HZ   H  N N 274 
PHE HXT  H  N N 275 
PRO N    N  N N 276 
PRO CA   C  N S 277 
PRO C    C  N N 278 
PRO O    O  N N 279 
PRO CB   C  N N 280 
PRO CG   C  N N 281 
PRO CD   C  N N 282 
PRO OXT  O  N N 283 
PRO H    H  N N 284 
PRO HA   H  N N 285 
PRO HB2  H  N N 286 
PRO HB3  H  N N 287 
PRO HG2  H  N N 288 
PRO HG3  H  N N 289 
PRO HD2  H  N N 290 
PRO HD3  H  N N 291 
PRO HXT  H  N N 292 
SER N    N  N N 293 
SER CA   C  N S 294 
SER C    C  N N 295 
SER O    O  N N 296 
SER CB   C  N N 297 
SER OG   O  N N 298 
SER OXT  O  N N 299 
SER H    H  N N 300 
SER H2   H  N N 301 
SER HA   H  N N 302 
SER HB2  H  N N 303 
SER HB3  H  N N 304 
SER HG   H  N N 305 
SER HXT  H  N N 306 
THR N    N  N N 307 
THR CA   C  N S 308 
THR C    C  N N 309 
THR O    O  N N 310 
THR CB   C  N R 311 
THR OG1  O  N N 312 
THR CG2  C  N N 313 
THR OXT  O  N N 314 
THR H    H  N N 315 
THR H2   H  N N 316 
THR HA   H  N N 317 
THR HB   H  N N 318 
THR HG1  H  N N 319 
THR HG21 H  N N 320 
THR HG22 H  N N 321 
THR HG23 H  N N 322 
THR HXT  H  N N 323 
TRP N    N  N N 324 
TRP CA   C  N S 325 
TRP C    C  N N 326 
TRP O    O  N N 327 
TRP CB   C  N N 328 
TRP CG   C  Y N 329 
TRP CD1  C  Y N 330 
TRP CD2  C  Y N 331 
TRP NE1  N  Y N 332 
TRP CE2  C  Y N 333 
TRP CE3  C  Y N 334 
TRP CZ2  C  Y N 335 
TRP CZ3  C  Y N 336 
TRP CH2  C  Y N 337 
TRP OXT  O  N N 338 
TRP H    H  N N 339 
TRP H2   H  N N 340 
TRP HA   H  N N 341 
TRP HB2  H  N N 342 
TRP HB3  H  N N 343 
TRP HD1  H  N N 344 
TRP HE1  H  N N 345 
TRP HE3  H  N N 346 
TRP HZ2  H  N N 347 
TRP HZ3  H  N N 348 
TRP HH2  H  N N 349 
TRP HXT  H  N N 350 
TYR N    N  N N 351 
TYR CA   C  N S 352 
TYR C    C  N N 353 
TYR O    O  N N 354 
TYR CB   C  N N 355 
TYR CG   C  Y N 356 
TYR CD1  C  Y N 357 
TYR CD2  C  Y N 358 
TYR CE1  C  Y N 359 
TYR CE2  C  Y N 360 
TYR CZ   C  Y N 361 
TYR OH   O  N N 362 
TYR OXT  O  N N 363 
TYR H    H  N N 364 
TYR H2   H  N N 365 
TYR HA   H  N N 366 
TYR HB2  H  N N 367 
TYR HB3  H  N N 368 
TYR HD1  H  N N 369 
TYR HD2  H  N N 370 
TYR HE1  H  N N 371 
TYR HE2  H  N N 372 
TYR HH   H  N N 373 
TYR HXT  H  N N 374 
U6J C6   C  N S 375 
U6J C5   C  N N 376 
U6J C4   C  N R 377 
U6J C3   C  N S 378 
U6J C2   C  N N 379 
U6J C1   C  N R 380 
U6J O24  O  N N 381 
U6J PA4  P  N N 382 
U6J O34  O  N N 383 
U6J O44  O  N N 384 
U6J O14  O  N N 385 
U6J O13  O  N N 386 
U6J PA3  P  N N 387 
U6J O23  O  N N 388 
U6J O33  O  N N 389 
U6J O43  O  N N 390 
U6J O12  O  N N 391 
U6J O11  O  N N 392 
U6J PA1  P  N N 393 
U6J O21  O  N N 394 
U6J O31  O  N N 395 
U6J O41  O  N N 396 
U6J O16  O  N N 397 
U6J PA6  P  N N 398 
U6J O26  O  N N 399 
U6J O36  O  N N 400 
U6J O46  O  N N 401 
U6J O15  O  N N 402 
U6J PA5  P  N N 403 
U6J O25  O  N N 404 
U6J O35  O  N N 405 
U6J O45  O  N N 406 
U6J PB5  P  N N 407 
U6J O75  O  N N 408 
U6J O55  O  N N 409 
U6J O65  O  N N 410 
U6J H1   H  N N 411 
U6J H2   H  N N 412 
U6J H3   H  N N 413 
U6J H4   H  N N 414 
U6J H5   H  N N 415 
U6J H6   H  N N 416 
U6J H7   H  N N 417 
U6J H8   H  N N 418 
U6J H9   H  N N 419 
U6J H10  H  N N 420 
U6J H11  H  N N 421 
U6J H12  H  N N 422 
U6J H13  H  N N 423 
U6J H14  H  N N 424 
U6J H15  H  N N 425 
U6J H16  H  N N 426 
U6J H17  H  N N 427 
U6J H18  H  N N 428 
VAL N    N  N N 429 
VAL CA   C  N S 430 
VAL C    C  N N 431 
VAL O    O  N N 432 
VAL CB   C  N N 433 
VAL CG1  C  N N 434 
VAL CG2  C  N N 435 
VAL OXT  O  N N 436 
VAL H    H  N N 437 
VAL H2   H  N N 438 
VAL HA   H  N N 439 
VAL HB   H  N N 440 
VAL HG11 H  N N 441 
VAL HG12 H  N N 442 
VAL HG13 H  N N 443 
VAL HG21 H  N N 444 
VAL HG22 H  N N 445 
VAL HG23 H  N N 446 
VAL HXT  H  N N 447 
# 
loop_
_chem_comp_bond.comp_id 
_chem_comp_bond.atom_id_1 
_chem_comp_bond.atom_id_2 
_chem_comp_bond.value_order 
_chem_comp_bond.pdbx_aromatic_flag 
_chem_comp_bond.pdbx_stereo_config 
_chem_comp_bond.pdbx_ordinal 
ALA N   CA   sing N N 1   
ALA N   H    sing N N 2   
ALA N   H2   sing N N 3   
ALA CA  C    sing N N 4   
ALA CA  CB   sing N N 5   
ALA CA  HA   sing N N 6   
ALA C   O    doub N N 7   
ALA C   OXT  sing N N 8   
ALA CB  HB1  sing N N 9   
ALA CB  HB2  sing N N 10  
ALA CB  HB3  sing N N 11  
ALA OXT HXT  sing N N 12  
ARG N   CA   sing N N 13  
ARG N   H    sing N N 14  
ARG N   H2   sing N N 15  
ARG CA  C    sing N N 16  
ARG CA  CB   sing N N 17  
ARG CA  HA   sing N N 18  
ARG C   O    doub N N 19  
ARG C   OXT  sing N N 20  
ARG CB  CG   sing N N 21  
ARG CB  HB2  sing N N 22  
ARG CB  HB3  sing N N 23  
ARG CG  CD   sing N N 24  
ARG CG  HG2  sing N N 25  
ARG CG  HG3  sing N N 26  
ARG CD  NE   sing N N 27  
ARG CD  HD2  sing N N 28  
ARG CD  HD3  sing N N 29  
ARG NE  CZ   sing N N 30  
ARG NE  HE   sing N N 31  
ARG CZ  NH1  sing N N 32  
ARG CZ  NH2  doub N N 33  
ARG NH1 HH11 sing N N 34  
ARG NH1 HH12 sing N N 35  
ARG NH2 HH21 sing N N 36  
ARG NH2 HH22 sing N N 37  
ARG OXT HXT  sing N N 38  
ASN N   CA   sing N N 39  
ASN N   H    sing N N 40  
ASN N   H2   sing N N 41  
ASN CA  C    sing N N 42  
ASN CA  CB   sing N N 43  
ASN CA  HA   sing N N 44  
ASN C   O    doub N N 45  
ASN C   OXT  sing N N 46  
ASN CB  CG   sing N N 47  
ASN CB  HB2  sing N N 48  
ASN CB  HB3  sing N N 49  
ASN CG  OD1  doub N N 50  
ASN CG  ND2  sing N N 51  
ASN ND2 HD21 sing N N 52  
ASN ND2 HD22 sing N N 53  
ASN OXT HXT  sing N N 54  
ASP N   CA   sing N N 55  
ASP N   H    sing N N 56  
ASP N   H2   sing N N 57  
ASP CA  C    sing N N 58  
ASP CA  CB   sing N N 59  
ASP CA  HA   sing N N 60  
ASP C   O    doub N N 61  
ASP C   OXT  sing N N 62  
ASP CB  CG   sing N N 63  
ASP CB  HB2  sing N N 64  
ASP CB  HB3  sing N N 65  
ASP CG  OD1  doub N N 66  
ASP CG  OD2  sing N N 67  
ASP OD2 HD2  sing N N 68  
ASP OXT HXT  sing N N 69  
CYS N   CA   sing N N 70  
CYS N   H    sing N N 71  
CYS N   H2   sing N N 72  
CYS CA  C    sing N N 73  
CYS CA  CB   sing N N 74  
CYS CA  HA   sing N N 75  
CYS C   O    doub N N 76  
CYS C   OXT  sing N N 77  
CYS CB  SG   sing N N 78  
CYS CB  HB2  sing N N 79  
CYS CB  HB3  sing N N 80  
CYS SG  HG   sing N N 81  
CYS OXT HXT  sing N N 82  
GLN N   CA   sing N N 83  
GLN N   H    sing N N 84  
GLN N   H2   sing N N 85  
GLN CA  C    sing N N 86  
GLN CA  CB   sing N N 87  
GLN CA  HA   sing N N 88  
GLN C   O    doub N N 89  
GLN C   OXT  sing N N 90  
GLN CB  CG   sing N N 91  
GLN CB  HB2  sing N N 92  
GLN CB  HB3  sing N N 93  
GLN CG  CD   sing N N 94  
GLN CG  HG2  sing N N 95  
GLN CG  HG3  sing N N 96  
GLN CD  OE1  doub N N 97  
GLN CD  NE2  sing N N 98  
GLN NE2 HE21 sing N N 99  
GLN NE2 HE22 sing N N 100 
GLN OXT HXT  sing N N 101 
GLU N   CA   sing N N 102 
GLU N   H    sing N N 103 
GLU N   H2   sing N N 104 
GLU CA  C    sing N N 105 
GLU CA  CB   sing N N 106 
GLU CA  HA   sing N N 107 
GLU C   O    doub N N 108 
GLU C   OXT  sing N N 109 
GLU CB  CG   sing N N 110 
GLU CB  HB2  sing N N 111 
GLU CB  HB3  sing N N 112 
GLU CG  CD   sing N N 113 
GLU CG  HG2  sing N N 114 
GLU CG  HG3  sing N N 115 
GLU CD  OE1  doub N N 116 
GLU CD  OE2  sing N N 117 
GLU OE2 HE2  sing N N 118 
GLU OXT HXT  sing N N 119 
GLY N   CA   sing N N 120 
GLY N   H    sing N N 121 
GLY N   H2   sing N N 122 
GLY CA  C    sing N N 123 
GLY CA  HA2  sing N N 124 
GLY CA  HA3  sing N N 125 
GLY C   O    doub N N 126 
GLY C   OXT  sing N N 127 
GLY OXT HXT  sing N N 128 
HIS N   CA   sing N N 129 
HIS N   H    sing N N 130 
HIS N   H2   sing N N 131 
HIS CA  C    sing N N 132 
HIS CA  CB   sing N N 133 
HIS CA  HA   sing N N 134 
HIS C   O    doub N N 135 
HIS C   OXT  sing N N 136 
HIS CB  CG   sing N N 137 
HIS CB  HB2  sing N N 138 
HIS CB  HB3  sing N N 139 
HIS CG  ND1  sing Y N 140 
HIS CG  CD2  doub Y N 141 
HIS ND1 CE1  doub Y N 142 
HIS ND1 HD1  sing N N 143 
HIS CD2 NE2  sing Y N 144 
HIS CD2 HD2  sing N N 145 
HIS CE1 NE2  sing Y N 146 
HIS CE1 HE1  sing N N 147 
HIS NE2 HE2  sing N N 148 
HIS OXT HXT  sing N N 149 
HOH O   H1   sing N N 150 
HOH O   H2   sing N N 151 
ILE N   CA   sing N N 152 
ILE N   H    sing N N 153 
ILE N   H2   sing N N 154 
ILE CA  C    sing N N 155 
ILE CA  CB   sing N N 156 
ILE CA  HA   sing N N 157 
ILE C   O    doub N N 158 
ILE C   OXT  sing N N 159 
ILE CB  CG1  sing N N 160 
ILE CB  CG2  sing N N 161 
ILE CB  HB   sing N N 162 
ILE CG1 CD1  sing N N 163 
ILE CG1 HG12 sing N N 164 
ILE CG1 HG13 sing N N 165 
ILE CG2 HG21 sing N N 166 
ILE CG2 HG22 sing N N 167 
ILE CG2 HG23 sing N N 168 
ILE CD1 HD11 sing N N 169 
ILE CD1 HD12 sing N N 170 
ILE CD1 HD13 sing N N 171 
ILE OXT HXT  sing N N 172 
LEU N   CA   sing N N 173 
LEU N   H    sing N N 174 
LEU N   H2   sing N N 175 
LEU CA  C    sing N N 176 
LEU CA  CB   sing N N 177 
LEU CA  HA   sing N N 178 
LEU C   O    doub N N 179 
LEU C   OXT  sing N N 180 
LEU CB  CG   sing N N 181 
LEU CB  HB2  sing N N 182 
LEU CB  HB3  sing N N 183 
LEU CG  CD1  sing N N 184 
LEU CG  CD2  sing N N 185 
LEU CG  HG   sing N N 186 
LEU CD1 HD11 sing N N 187 
LEU CD1 HD12 sing N N 188 
LEU CD1 HD13 sing N N 189 
LEU CD2 HD21 sing N N 190 
LEU CD2 HD22 sing N N 191 
LEU CD2 HD23 sing N N 192 
LEU OXT HXT  sing N N 193 
LYS N   CA   sing N N 194 
LYS N   H    sing N N 195 
LYS N   H2   sing N N 196 
LYS CA  C    sing N N 197 
LYS CA  CB   sing N N 198 
LYS CA  HA   sing N N 199 
LYS C   O    doub N N 200 
LYS C   OXT  sing N N 201 
LYS CB  CG   sing N N 202 
LYS CB  HB2  sing N N 203 
LYS CB  HB3  sing N N 204 
LYS CG  CD   sing N N 205 
LYS CG  HG2  sing N N 206 
LYS CG  HG3  sing N N 207 
LYS CD  CE   sing N N 208 
LYS CD  HD2  sing N N 209 
LYS CD  HD3  sing N N 210 
LYS CE  NZ   sing N N 211 
LYS CE  HE2  sing N N 212 
LYS CE  HE3  sing N N 213 
LYS NZ  HZ1  sing N N 214 
LYS NZ  HZ2  sing N N 215 
LYS NZ  HZ3  sing N N 216 
LYS OXT HXT  sing N N 217 
MET N   CA   sing N N 218 
MET N   H    sing N N 219 
MET N   H2   sing N N 220 
MET CA  C    sing N N 221 
MET CA  CB   sing N N 222 
MET CA  HA   sing N N 223 
MET C   O    doub N N 224 
MET C   OXT  sing N N 225 
MET CB  CG   sing N N 226 
MET CB  HB2  sing N N 227 
MET CB  HB3  sing N N 228 
MET CG  SD   sing N N 229 
MET CG  HG2  sing N N 230 
MET CG  HG3  sing N N 231 
MET SD  CE   sing N N 232 
MET CE  HE1  sing N N 233 
MET CE  HE2  sing N N 234 
MET CE  HE3  sing N N 235 
MET OXT HXT  sing N N 236 
PHE N   CA   sing N N 237 
PHE N   H    sing N N 238 
PHE N   H2   sing N N 239 
PHE CA  C    sing N N 240 
PHE CA  CB   sing N N 241 
PHE CA  HA   sing N N 242 
PHE C   O    doub N N 243 
PHE C   OXT  sing N N 244 
PHE CB  CG   sing N N 245 
PHE CB  HB2  sing N N 246 
PHE CB  HB3  sing N N 247 
PHE CG  CD1  doub Y N 248 
PHE CG  CD2  sing Y N 249 
PHE CD1 CE1  sing Y N 250 
PHE CD1 HD1  sing N N 251 
PHE CD2 CE2  doub Y N 252 
PHE CD2 HD2  sing N N 253 
PHE CE1 CZ   doub Y N 254 
PHE CE1 HE1  sing N N 255 
PHE CE2 CZ   sing Y N 256 
PHE CE2 HE2  sing N N 257 
PHE CZ  HZ   sing N N 258 
PHE OXT HXT  sing N N 259 
PRO N   CA   sing N N 260 
PRO N   CD   sing N N 261 
PRO N   H    sing N N 262 
PRO CA  C    sing N N 263 
PRO CA  CB   sing N N 264 
PRO CA  HA   sing N N 265 
PRO C   O    doub N N 266 
PRO C   OXT  sing N N 267 
PRO CB  CG   sing N N 268 
PRO CB  HB2  sing N N 269 
PRO CB  HB3  sing N N 270 
PRO CG  CD   sing N N 271 
PRO CG  HG2  sing N N 272 
PRO CG  HG3  sing N N 273 
PRO CD  HD2  sing N N 274 
PRO CD  HD3  sing N N 275 
PRO OXT HXT  sing N N 276 
SER N   CA   sing N N 277 
SER N   H    sing N N 278 
SER N   H2   sing N N 279 
SER CA  C    sing N N 280 
SER CA  CB   sing N N 281 
SER CA  HA   sing N N 282 
SER C   O    doub N N 283 
SER C   OXT  sing N N 284 
SER CB  OG   sing N N 285 
SER CB  HB2  sing N N 286 
SER CB  HB3  sing N N 287 
SER OG  HG   sing N N 288 
SER OXT HXT  sing N N 289 
THR N   CA   sing N N 290 
THR N   H    sing N N 291 
THR N   H2   sing N N 292 
THR CA  C    sing N N 293 
THR CA  CB   sing N N 294 
THR CA  HA   sing N N 295 
THR C   O    doub N N 296 
THR C   OXT  sing N N 297 
THR CB  OG1  sing N N 298 
THR CB  CG2  sing N N 299 
THR CB  HB   sing N N 300 
THR OG1 HG1  sing N N 301 
THR CG2 HG21 sing N N 302 
THR CG2 HG22 sing N N 303 
THR CG2 HG23 sing N N 304 
THR OXT HXT  sing N N 305 
TRP N   CA   sing N N 306 
TRP N   H    sing N N 307 
TRP N   H2   sing N N 308 
TRP CA  C    sing N N 309 
TRP CA  CB   sing N N 310 
TRP CA  HA   sing N N 311 
TRP C   O    doub N N 312 
TRP C   OXT  sing N N 313 
TRP CB  CG   sing N N 314 
TRP CB  HB2  sing N N 315 
TRP CB  HB3  sing N N 316 
TRP CG  CD1  doub Y N 317 
TRP CG  CD2  sing Y N 318 
TRP CD1 NE1  sing Y N 319 
TRP CD1 HD1  sing N N 320 
TRP CD2 CE2  doub Y N 321 
TRP CD2 CE3  sing Y N 322 
TRP NE1 CE2  sing Y N 323 
TRP NE1 HE1  sing N N 324 
TRP CE2 CZ2  sing Y N 325 
TRP CE3 CZ3  doub Y N 326 
TRP CE3 HE3  sing N N 327 
TRP CZ2 CH2  doub Y N 328 
TRP CZ2 HZ2  sing N N 329 
TRP CZ3 CH2  sing Y N 330 
TRP CZ3 HZ3  sing N N 331 
TRP CH2 HH2  sing N N 332 
TRP OXT HXT  sing N N 333 
TYR N   CA   sing N N 334 
TYR N   H    sing N N 335 
TYR N   H2   sing N N 336 
TYR CA  C    sing N N 337 
TYR CA  CB   sing N N 338 
TYR CA  HA   sing N N 339 
TYR C   O    doub N N 340 
TYR C   OXT  sing N N 341 
TYR CB  CG   sing N N 342 
TYR CB  HB2  sing N N 343 
TYR CB  HB3  sing N N 344 
TYR CG  CD1  doub Y N 345 
TYR CG  CD2  sing Y N 346 
TYR CD1 CE1  sing Y N 347 
TYR CD1 HD1  sing N N 348 
TYR CD2 CE2  doub Y N 349 
TYR CD2 HD2  sing N N 350 
TYR CE1 CZ   doub Y N 351 
TYR CE1 HE1  sing N N 352 
TYR CE2 CZ   sing Y N 353 
TYR CE2 HE2  sing N N 354 
TYR CZ  OH   sing N N 355 
TYR OH  HH   sing N N 356 
TYR OXT HXT  sing N N 357 
U6J O33 PA3  doub N N 358 
U6J PA3 O43  sing N N 359 
U6J PA3 O23  sing N N 360 
U6J PA3 O13  sing N N 361 
U6J O13 C3   sing N N 362 
U6J O24 PA4  doub N N 363 
U6J C3  C2   sing N N 364 
U6J C3  C4   sing N N 365 
U6J C2  O12  sing N N 366 
U6J C2  C1   sing N N 367 
U6J O31 PA1  doub N N 368 
U6J O34 PA4  sing N N 369 
U6J O14 PA4  sing N N 370 
U6J O14 C4   sing N N 371 
U6J PA4 O44  sing N N 372 
U6J C4  C5   sing N N 373 
U6J C1  O11  sing N N 374 
U6J C1  C6   sing N N 375 
U6J O11 PA1  sing N N 376 
U6J PA1 O41  sing N N 377 
U6J PA1 O21  sing N N 378 
U6J C5  C6   sing N N 379 
U6J C5  O15  sing N N 380 
U6J C6  O16  sing N N 381 
U6J O35 PA5  doub N N 382 
U6J O15 PA5  sing N N 383 
U6J O16 PA6  sing N N 384 
U6J PA5 O25  sing N N 385 
U6J PA5 O45  sing N N 386 
U6J O36 PA6  doub N N 387 
U6J O55 PB5  doub N N 388 
U6J O46 PA6  sing N N 389 
U6J PA6 O26  sing N N 390 
U6J O45 PB5  sing N N 391 
U6J O75 PB5  sing N N 392 
U6J PB5 O65  sing N N 393 
U6J C6  H1   sing N N 394 
U6J C5  H2   sing N N 395 
U6J C4  H3   sing N N 396 
U6J C3  H4   sing N N 397 
U6J C2  H5   sing N N 398 
U6J C1  H6   sing N N 399 
U6J O34 H7   sing N N 400 
U6J O44 H8   sing N N 401 
U6J O23 H9   sing N N 402 
U6J O43 H10  sing N N 403 
U6J O12 H11  sing N N 404 
U6J O21 H12  sing N N 405 
U6J O41 H13  sing N N 406 
U6J O26 H14  sing N N 407 
U6J O46 H15  sing N N 408 
U6J O25 H16  sing N N 409 
U6J O75 H17  sing N N 410 
U6J O65 H18  sing N N 411 
VAL N   CA   sing N N 412 
VAL N   H    sing N N 413 
VAL N   H2   sing N N 414 
VAL CA  C    sing N N 415 
VAL CA  CB   sing N N 416 
VAL CA  HA   sing N N 417 
VAL C   O    doub N N 418 
VAL C   OXT  sing N N 419 
VAL CB  CG1  sing N N 420 
VAL CB  CG2  sing N N 421 
VAL CB  HB   sing N N 422 
VAL CG1 HG11 sing N N 423 
VAL CG1 HG12 sing N N 424 
VAL CG1 HG13 sing N N 425 
VAL CG2 HG21 sing N N 426 
VAL CG2 HG22 sing N N 427 
VAL CG2 HG23 sing N N 428 
VAL OXT HXT  sing N N 429 
# 
_pdbx_audit_support.funding_organization   
'National Institutes of Health/National Institute of Environmental Health Sciences (NIH/NIEHS)' 
_pdbx_audit_support.country                'United States' 
_pdbx_audit_support.grant_number           1ZIAES080046-31 
_pdbx_audit_support.ordinal                1 
# 
loop_
_pdbx_entity_instance_feature.ordinal 
_pdbx_entity_instance_feature.comp_id 
_pdbx_entity_instance_feature.asym_id 
_pdbx_entity_instance_feature.seq_num 
_pdbx_entity_instance_feature.auth_comp_id 
_pdbx_entity_instance_feature.auth_asym_id 
_pdbx_entity_instance_feature.auth_seq_num 
_pdbx_entity_instance_feature.feature_type 
_pdbx_entity_instance_feature.details 
1 CL  ? ? CL  ? ? 'SUBJECT OF INVESTIGATION' ? 
2 F   ? ? F   ? ? 'SUBJECT OF INVESTIGATION' ? 
3 MG  ? ? MG  ? ? 'SUBJECT OF INVESTIGATION' ? 
4 U6J ? ? U6J ? ? 'SUBJECT OF INVESTIGATION' ? 
# 
_atom_sites.entry_id                    8T98 
_atom_sites.Cartn_transf_matrix[1][1]   ? 
_atom_sites.Cartn_transf_matrix[1][2]   ? 
_atom_sites.Cartn_transf_matrix[1][3]   ? 
_atom_sites.Cartn_transf_matrix[2][1]   ? 
_atom_sites.Cartn_transf_matrix[2][2]   ? 
_atom_sites.Cartn_transf_matrix[2][3]   ? 
_atom_sites.Cartn_transf_matrix[3][1]   ? 
_atom_sites.Cartn_transf_matrix[3][2]   ? 
_atom_sites.Cartn_transf_matrix[3][3]   ? 
_atom_sites.Cartn_transf_vector[1]      ? 
_atom_sites.Cartn_transf_vector[2]      ? 
_atom_sites.Cartn_transf_vector[3]      ? 
_atom_sites.fract_transf_matrix[1][1]   -0.01971556 
_atom_sites.fract_transf_matrix[1][2]   -0.00202108 
_atom_sites.fract_transf_matrix[1][3]   -0.00881540 
_atom_sites.fract_transf_matrix[2][1]   -0.00427742 
_atom_sites.fract_transf_matrix[2][2]   -0.01086787 
_atom_sites.fract_transf_matrix[2][3]   0.01205804 
_atom_sites.fract_transf_matrix[3][1]   -0.00528651 
_atom_sites.fract_transf_matrix[3][2]   0.01211658 
_atom_sites.fract_transf_matrix[3][3]   0.00904531 
_atom_sites.fract_transf_vector[1]      -0.116776 
_atom_sites.fract_transf_vector[2]      0.125739 
_atom_sites.fract_transf_vector[3]      -0.228526 
_atom_sites.solution_primary            ? 
_atom_sites.solution_secondary          ? 
_atom_sites.solution_hydrogens          ? 
_atom_sites.special_details             ? 
# 
loop_
_atom_type.symbol 
C  
CL 
F  
MG 
N  
O  
P  
S  
# 
loop_
_atom_site.group_PDB 
_atom_site.id 
_atom_site.type_symbol 
_atom_site.label_atom_id 
_atom_site.label_alt_id 
_atom_site.label_comp_id 
_atom_site.label_asym_id 
_atom_site.label_entity_id 
_atom_site.label_seq_id 
_atom_site.pdbx_PDB_ins_code 
_atom_site.Cartn_x 
_atom_site.Cartn_y 
_atom_site.Cartn_z 
_atom_site.occupancy 
_atom_site.B_iso_or_equiv 
_atom_site.pdbx_formal_charge 
_atom_site.auth_seq_id 
_atom_site.auth_comp_id 
_atom_site.auth_asym_id 
_atom_site.auth_atom_id 
_atom_site.pdbx_PDB_model_num 
ATOM   1    N  N   . GLN A 1 8   ? 13.724  -11.465 -0.176  1.00 44.81 ? 8   GLN A N   1 
ATOM   2    C  CA  . GLN A 1 8   ? 14.123  -10.081 0.219   1.00 40.52 ? 8   GLN A CA  1 
ATOM   3    C  C   . GLN A 1 8   ? 14.887  -9.387  -0.930  1.00 35.05 ? 8   GLN A C   1 
ATOM   4    O  O   . GLN A 1 8   ? 15.275  -8.176  -0.744  1.00 36.42 ? 8   GLN A O   1 
ATOM   5    C  CB  . GLN A 1 8   ? 14.924  -10.087 1.525   1.00 45.89 ? 8   GLN A CB  1 
ATOM   6    C  CG  . GLN A 1 8   ? 14.175  -10.709 2.709   1.00 49.19 ? 8   GLN A CG  1 
ATOM   7    C  CD  . GLN A 1 8   ? 12.814  -10.095 2.966   1.00 53.85 ? 8   GLN A CD  1 
ATOM   8    O  OE1 . GLN A 1 8   ? 12.694  -9.037  3.580   1.00 59.14 ? 8   GLN A OE1 1 
ATOM   9    N  NE2 . GLN A 1 8   ? 11.763  -10.750 2.490   1.00 49.88 ? 8   GLN A NE2 1 
ATOM   10   N  N   . THR A 1 9   ? 15.060  -10.061 -2.076  1.00 27.97 ? 9   THR A N   1 
ATOM   11   C  CA  . THR A 1 9   ? 15.826  -9.490  -3.219  1.00 24.02 ? 9   THR A CA  1 
ATOM   12   C  C   . THR A 1 9   ? 14.999  -8.403  -3.901  1.00 19.07 ? 9   THR A C   1 
ATOM   13   O  O   . THR A 1 9   ? 13.910  -8.693  -4.334  1.00 21.75 ? 9   THR A O   1 
ATOM   14   C  CB  . THR A 1 9   ? 16.201  -10.539 -4.273  1.00 27.41 ? 9   THR A CB  1 
ATOM   15   O  OG1 . THR A 1 9   ? 16.924  -11.565 -3.580  1.00 30.28 ? 9   THR A OG1 1 
ATOM   16   C  CG2 . THR A 1 9   ? 17.034  -9.942  -5.383  1.00 26.32 ? 9   THR A CG2 1 
ATOM   17   N  N   . ARG A 1 10  ? 15.547  -7.204  -3.993  1.00 15.95 ? 10  ARG A N   1 
ATOM   18   C  CA  . ARG A 1 10  ? 14.879  -6.100  -4.730  1.00 14.76 ? 10  ARG A CA  1 
ATOM   19   C  C   . ARG A 1 10  ? 14.980  -6.316  -6.237  1.00 13.97 ? 10  ARG A C   1 
ATOM   20   O  O   . ARG A 1 10  ? 15.944  -6.923  -6.749  1.00 14.83 ? 10  ARG A O   1 
ATOM   21   C  CB  . ARG A 1 10  ? 15.478  -4.744  -4.375  1.00 14.80 ? 10  ARG A CB  1 
ATOM   22   C  CG  . ARG A 1 10  ? 15.255  -4.385  -2.912  1.00 15.66 ? 10  ARG A CG  1 
ATOM   23   C  CD  . ARG A 1 10  ? 15.997  -3.131  -2.572  1.00 16.98 ? 10  ARG A CD  1 
ATOM   24   N  NE  . ARG A 1 10  ? 15.888  -2.664  -1.182  1.00 18.70 ? 10  ARG A NE  1 
ATOM   25   C  CZ  . ARG A 1 10  ? 16.573  -3.144  -0.169  1.00 22.14 ? 10  ARG A CZ  1 
ATOM   26   N  NH1 . ARG A 1 10  ? 17.402  -4.155  -0.342  1.00 25.72 ? 10  ARG A NH1 1 
ATOM   27   N  NH2 . ARG A 1 10  ? 16.442  -2.598  1.024   1.00 22.91 ? 10  ARG A NH2 1 
ATOM   28   N  N   . THR A 1 11  ? 13.998  -5.866  -6.963  1.00 11.87 ? 11  THR A N   1 
ATOM   29   C  CA  . THR A 1 11  ? 13.943  -5.937  -8.420  1.00 11.50 ? 11  THR A CA  1 
ATOM   30   C  C   . THR A 1 11  ? 13.708  -4.555  -8.993  1.00 11.36 ? 11  THR A C   1 
ATOM   31   O  O   . THR A 1 11  ? 13.225  -3.604  -8.287  1.00 11.37 ? 11  THR A O   1 
ATOM   32   C  CB  . THR A 1 11  ? 12.900  -6.912  -8.939  1.00 11.95 ? 11  THR A CB  1 
ATOM   33   O  OG1 . THR A 1 11  ? 11.588  -6.452  -8.602  1.00 12.97 ? 11  THR A OG1 1 
ATOM   34   C  CG2 . THR A 1 11  ? 13.106  -8.310  -8.395  1.00 12.29 ? 11  THR A CG2 1 
ATOM   35   N  N   . TYR A 1 12  ? 14.050  -4.419  -10.259 1.00 11.16 ? 12  TYR A N   1 
ATOM   36   C  CA  . TYR A 1 12  ? 14.212  -3.112  -10.911 1.00 10.95 ? 12  TYR A CA  1 
ATOM   37   C  C   . TYR A 1 12  ? 13.711  -3.146  -12.321 1.00 11.19 ? 12  TYR A C   1 
ATOM   38   O  O   . TYR A 1 12  ? 13.884  -4.154  -13.057 1.00 11.56 ? 12  TYR A O   1 
ATOM   39   C  CB  . TYR A 1 12  ? 15.646  -2.628  -10.873 1.00 11.30 ? 12  TYR A CB  1 
ATOM   40   C  CG  . TYR A 1 12  ? 16.169  -2.529  -9.477  1.00 12.30 ? 12  TYR A CG  1 
ATOM   41   C  CD1 . TYR A 1 12  ? 16.718  -3.625  -8.827  1.00 12.13 ? 12  TYR A CD1 1 
ATOM   42   C  CD2 . TYR A 1 12  ? 16.092  -1.330  -8.786  1.00 13.56 ? 12  TYR A CD2 1 
ATOM   43   C  CE1 . TYR A 1 12  ? 17.156  -3.559  -7.522  1.00 13.42 ? 12  TYR A CE1 1 
ATOM   44   C  CE2 . TYR A 1 12  ? 16.544  -1.251  -7.494  1.00 13.02 ? 12  TYR A CE2 1 
ATOM   45   C  CZ  . TYR A 1 12  ? 17.088  -2.347  -6.852  1.00 14.46 ? 12  TYR A CZ  1 
ATOM   46   O  OH  . TYR A 1 12  ? 17.560  -2.319  -5.540  1.00 16.83 ? 12  TYR A OH  1 
ATOM   47   N  N   . ASP A 1 13  ? 13.110  -2.068  -12.778 1.00 11.24 ? 13  ASP A N   1 
ATOM   48   C  CA  . ASP A 1 13  ? 12.811  -1.863  -14.195 1.00 11.45 ? 13  ASP A CA  1 
ATOM   49   C  C   . ASP A 1 13  ? 14.112  -1.579  -14.968 1.00 11.23 ? 13  ASP A C   1 
ATOM   50   O  O   . ASP A 1 13  ? 15.137  -1.328  -14.345 1.00 11.68 ? 13  ASP A O   1 
ATOM   51   C  CB  . ASP A 1 13  ? 11.762  -0.755  -14.374 1.00 12.54 ? 13  ASP A CB  1 
ATOM   52   C  CG  . ASP A 1 13  ? 10.399  -1.223  -13.937 1.00 16.72 ? 13  ASP A CG  1 
ATOM   53   O  OD1 . ASP A 1 13  ? 9.996   -2.378  -14.249 1.00 15.87 ? 13  ASP A OD1 1 
ATOM   54   O  OD2 . ASP A 1 13  ? 9.688   -0.410  -13.281 1.00 19.56 ? 13  ASP A OD2 1 
ATOM   55   N  N   . GLY A 1 14  ? 14.014  -1.553  -16.290 1.00 12.67 ? 14  GLY A N   1 
ATOM   56   C  CA  . GLY A 1 14  ? 15.235  -1.414  -17.121 1.00 13.52 ? 14  GLY A CA  1 
ATOM   57   C  C   . GLY A 1 14  ? 15.886  -0.072  -16.952 1.00 13.64 ? 14  GLY A C   1 
ATOM   58   O  O   . GLY A 1 14  ? 17.090  0.065   -17.215 1.00 14.80 ? 14  GLY A O   1 
ATOM   59   N  N   . ASP A 1 15  ? 15.147  0.944   -16.450 1.00 13.71 ? 15  ASP A N   1 
ATOM   60   C  CA  . ASP A 1 15  ? 15.704  2.283   -16.132 1.00 13.82 ? 15  ASP A CA  1 
ATOM   61   C  C   . ASP A 1 15  ? 16.280  2.347   -14.737 1.00 13.45 ? 15  ASP A C   1 
ATOM   62   O  O   . ASP A 1 15  ? 16.709  3.415   -14.333 1.00 15.37 ? 15  ASP A O   1 
ATOM   63   C  CB  . ASP A 1 15  ? 14.658  3.362   -16.369 1.00 15.67 ? 15  ASP A CB  1 
ATOM   64   C  CG  . ASP A 1 15  ? 13.438  3.253   -15.466 1.00 17.79 ? 15  ASP A CG  1 
ATOM   65   O  OD1 . ASP A 1 15  ? 13.364  2.328   -14.595 1.00 16.13 ? 15  ASP A OD1 1 
ATOM   66   O  OD2 . ASP A 1 15  ? 12.591  4.190   -15.604 1.00 19.73 ? 15  ASP A OD2 1 
ATOM   67   N  N   . GLY A 1 16  ? 16.320  1.249   -13.979 1.00 12.40 ? 16  GLY A N   1 
ATOM   68   C  CA  . GLY A 1 16  ? 16.932  1.225   -12.666 1.00 12.77 ? 16  GLY A CA  1 
ATOM   69   C  C   . GLY A 1 16  ? 15.983  1.624   -11.515 1.00 12.62 ? 16  GLY A C   1 
ATOM   70   O  O   . GLY A 1 16  ? 16.453  1.664   -10.366 1.00 14.59 ? 16  GLY A O   1 
ATOM   71   N  N   . TYR A 1 17  ? 14.749  1.906   -11.841 1.00 12.28 ? 17  TYR A N   1 
ATOM   72   C  CA  . TYR A 1 17  ? 13.770  2.216   -10.755 1.00 11.30 ? 17  TYR A CA  1 
ATOM   73   C  C   . TYR A 1 17  ? 13.370  0.909   -10.059 1.00 11.39 ? 17  TYR A C   1 
ATOM   74   O  O   . TYR A 1 17  ? 13.104  -0.114  -10.723 1.00 11.42 ? 17  TYR A O   1 
ATOM   75   C  CB  . TYR A 1 17  ? 12.536  2.896   -11.298 1.00 12.62 ? 17  TYR A CB  1 
ATOM   76   C  CG  . TYR A 1 17  ? 12.651  4.360   -11.606 1.00 15.33 ? 17  TYR A CG  1 
ATOM   77   C  CD1 . TYR A 1 17  ? 13.787  4.923   -12.186 1.00 20.65 ? 17  TYR A CD1 1 
ATOM   78   C  CD2 . TYR A 1 17  ? 11.598  5.197   -11.265 1.00 14.99 ? 17  TYR A CD2 1 
ATOM   79   C  CE1 . TYR A 1 17  ? 13.860  6.288   -12.454 1.00 22.20 ? 17  TYR A CE1 1 
ATOM   80   C  CE2 . TYR A 1 17  ? 11.673  6.563   -11.506 1.00 19.02 ? 17  TYR A CE2 1 
ATOM   81   C  CZ  . TYR A 1 17  ? 12.778  7.080   -12.123 1.00 19.76 ? 17  TYR A CZ  1 
ATOM   82   O  OH  . TYR A 1 17  ? 12.814  8.432   -12.382 1.00 25.34 ? 17  TYR A OH  1 
ATOM   83   N  N   . LYS A 1 18  ? 13.244  0.940   -8.755  1.00 11.24 ? 18  LYS A N   1 
ATOM   84   C  CA  . LYS A 1 18  ? 12.792  -0.224  -7.979  1.00 10.77 ? 18  LYS A CA  1 
ATOM   85   C  C   . LYS A 1 18  ? 11.351  -0.537  -8.277  1.00 10.95 ? 18  LYS A C   1 
ATOM   86   O  O   . LYS A 1 18  ? 10.515  0.390   -8.328  1.00 11.33 ? 18  LYS A O   1 
ATOM   87   C  CB  . LYS A 1 18  ? 12.987  0.027   -6.507  1.00 12.49 ? 18  LYS A CB  1 
ATOM   88   C  CG  . LYS A 1 18  ? 12.566  -1.138  -5.662  1.00 14.69 ? 18  LYS A CG  1 
ATOM   89   C  CD  . LYS A 1 18  ? 12.517  -0.827  -4.168  1.00 17.15 ? 18  LYS A CD  1 
ATOM   90   C  CE  . LYS A 1 18  ? 11.876  -1.924  -3.388  1.00 17.98 ? 18  LYS A CE  1 
ATOM   91   N  NZ  . LYS A 1 18  ? 11.909  -1.638  -1.938  1.00 16.02 ? 18  LYS A NZ  1 
ATOM   92   N  N   . LYS A 1 19  ? 11.069  -1.804  -8.468  1.00 10.81 ? 19  LYS A N   1 
ATOM   93   C  CA  . LYS A 1 19  ? 9.695   -2.265  -8.755  1.00 10.49 ? 19  LYS A CA  1 
ATOM   94   C  C   . LYS A 1 19  ? 8.948   -2.498  -7.442  1.00 10.06 ? 19  LYS A C   1 
ATOM   95   O  O   . LYS A 1 19  ? 9.394   -3.268  -6.631  1.00 11.09 ? 19  LYS A O   1 
ATOM   96   C  CB  . LYS A 1 19  ? 9.748   -3.539  -9.596  1.00 11.44 ? 19  LYS A CB  1 
ATOM   97   C  CG  . LYS A 1 19  ? 10.427  -3.361  -10.943 1.00 12.20 ? 19  LYS A CG  1 
ATOM   98   C  CD  . LYS A 1 19  ? 10.355  -4.628  -11.813 1.00 14.02 ? 19  LYS A CD  1 
ATOM   99   C  CE  . LYS A 1 19  ? 8.943   -5.020  -12.192 1.00 14.80 ? 19  LYS A CE  1 
ATOM   100  N  NZ  . LYS A 1 19  ? 8.199   -3.895  -12.805 1.00 16.88 ? 19  LYS A NZ  1 
ATOM   101  N  N   . ARG A 1 20  ? 7.794   -1.856  -7.315  1.00 9.50  ? 20  ARG A N   1 
ATOM   102  C  CA  . ARG A 1 20  ? 6.967   -1.992  -6.097  1.00 9.97  ? 20  ARG A CA  1 
ATOM   103  C  C   . ARG A 1 20  ? 5.507   -2.247  -6.461  1.00 9.15  ? 20  ARG A C   1 
ATOM   104  O  O   . ARG A 1 20  ? 5.099   -2.022  -7.558  1.00 9.53  ? 20  ARG A O   1 
ATOM   105  C  CB  . ARG A 1 20  ? 7.018   -0.724  -5.239  1.00 9.64  ? 20  ARG A CB  1 
ATOM   106  C  CG  . ARG A 1 20  ? 8.415   -0.296  -4.805  1.00 10.74 ? 20  ARG A CG  1 
ATOM   107  C  CD  . ARG A 1 20  ? 8.364   0.975   -3.953  1.00 10.40 ? 20  ARG A CD  1 
ATOM   108  N  NE  . ARG A 1 20  ? 7.814   0.766   -2.619  1.00 10.07 ? 20  ARG A NE  1 
ATOM   109  C  CZ  . ARG A 1 20  ? 6.607   1.119   -2.214  1.00 10.53 ? 20  ARG A CZ  1 
ATOM   110  N  NH1 . ARG A 1 20  ? 6.261   0.901   -0.976  1.00 10.42 ? 20  ARG A NH1 1 
ATOM   111  N  NH2 . ARG A 1 20  ? 5.754   1.659   -3.051  1.00 10.01 ? 20  ARG A NH2 1 
ATOM   112  N  N   . ALA A 1 21  ? 4.780   -2.732  -5.475  1.00 9.43  ? 21  ALA A N   1 
ATOM   113  C  CA  . ALA A 1 21  ? 3.325   -2.890  -5.630  1.00 9.57  ? 21  ALA A CA  1 
ATOM   114  C  C   . ALA A 1 21  ? 2.656   -2.549  -4.296  1.00 9.23  ? 21  ALA A C   1 
ATOM   115  O  O   . ALA A 1 21  ? 3.237   -2.749  -3.282  1.00 10.34 ? 21  ALA A O   1 
ATOM   116  C  CB  . ALA A 1 21  ? 2.943   -4.247  -6.158  1.00 11.94 ? 21  ALA A CB  1 
ATOM   117  N  N   . ALA A 1 22  ? 1.430   -2.060  -4.378  1.00 9.25  ? 22  ALA A N   1 
ATOM   118  C  CA  . ALA A 1 22  ? 0.673   -1.635  -3.181  1.00 9.88  ? 22  ALA A CA  1 
ATOM   119  C  C   . ALA A 1 22  ? -0.824  -1.799  -3.451  1.00 10.10 ? 22  ALA A C   1 
ATOM   120  O  O   . ALA A 1 22  ? -1.217  -1.882  -4.584  1.00 9.92  ? 22  ALA A O   1 
ATOM   121  C  CB  . ALA A 1 22  ? 0.984   -0.174  -2.916  1.00 10.81 ? 22  ALA A CB  1 
ATOM   122  N  N   . CYS A 1 23  ? -1.596  -1.841  -2.372  1.00 10.60 ? 23  CYS A N   1 
ATOM   123  C  CA  . CYS A 1 23  ? -3.055  -1.784  -2.500  1.00 10.68 ? 23  CYS A CA  1 
ATOM   124  C  C   . CYS A 1 23  ? -3.626  -0.621  -1.715  1.00 10.66 ? 23  CYS A C   1 
ATOM   125  O  O   . CYS A 1 23  ? -3.190  -0.355  -0.579  1.00 11.13 ? 23  CYS A O   1 
ATOM   126  C  CB  . CYS A 1 23  ? -3.787  -3.052  -2.060  1.00 11.47 ? 23  CYS A CB  1 
ATOM   127  S  SG  . CYS A 1 23  ? -3.287  -4.581  -2.887  1.00 13.01 ? 23  CYS A SG  1 
ATOM   128  N  N   . LEU A 1 24  ? -4.668  -0.074  -2.297  1.00 10.50 ? 24  LEU A N   1 
ATOM   129  C  CA  . LEU A 1 24  ? -5.667  0.747   -1.609  1.00 10.72 ? 24  LEU A CA  1 
ATOM   130  C  C   . LEU A 1 24  ? -6.666  -0.223  -0.997  1.00 10.57 ? 24  LEU A C   1 
ATOM   131  O  O   . LEU A 1 24  ? -7.428  -0.854  -1.733  1.00 11.60 ? 24  LEU A O   1 
ATOM   132  C  CB  . LEU A 1 24  ? -6.349  1.693   -2.587  1.00 11.23 ? 24  LEU A CB  1 
ATOM   133  C  CG  . LEU A 1 24  ? -5.430  2.526   -3.494  1.00 12.25 ? 24  LEU A CG  1 
ATOM   134  C  CD1 . LEU A 1 24  ? -6.239  3.509   -4.299  1.00 12.90 ? 24  LEU A CD1 1 
ATOM   135  C  CD2 . LEU A 1 24  ? -4.428  3.263   -2.676  1.00 14.95 ? 24  LEU A CD2 1 
ATOM   136  N  N   . CYS A 1 25  ? -6.493  -0.416  0.295   1.00 10.49 ? 25  CYS A N   1 
ATOM   137  C  CA  . CYS A 1 25  ? -7.237  -1.434  1.059   1.00 10.43 ? 25  CYS A CA  1 
ATOM   138  C  C   . CYS A 1 25  ? -8.512  -0.805  1.588   1.00 11.74 ? 25  CYS A C   1 
ATOM   139  O  O   . CYS A 1 25  ? -8.476  -0.083  2.601   1.00 11.53 ? 25  CYS A O   1 
ATOM   140  C  CB  . CYS A 1 25  ? -6.386  -1.933  2.205   1.00 11.14 ? 25  CYS A CB  1 
ATOM   141  S  SG  . CYS A 1 25  ? -4.905  -2.801  1.672   1.00 12.85 ? 25  CYS A SG  1 
ATOM   142  N  N   . PHE A 1 26  ? -9.623  -0.987  0.890   1.00 11.16 ? 26  PHE A N   1 
ATOM   143  C  CA  . PHE A 1 26  ? -10.879 -0.327  1.302   1.00 12.29 ? 26  PHE A CA  1 
ATOM   144  C  C   . PHE A 1 26  ? -11.712 -1.224  2.201   1.00 12.35 ? 26  PHE A C   1 
ATOM   145  O  O   . PHE A 1 26  ? -11.672 -2.444  2.094   1.00 12.47 ? 26  PHE A O   1 
ATOM   146  C  CB  . PHE A 1 26  ? -11.722 0.040   0.096   1.00 13.05 ? 26  PHE A CB  1 
ATOM   147  C  CG  . PHE A 1 26  ? -11.061 1.032   -0.828  1.00 12.93 ? 26  PHE A CG  1 
ATOM   148  C  CD1 . PHE A 1 26  ? -10.890 2.336   -0.427  1.00 13.67 ? 26  PHE A CD1 1 
ATOM   149  C  CD2 . PHE A 1 26  ? -10.660 0.667   -2.096  1.00 15.36 ? 26  PHE A CD2 1 
ATOM   150  C  CE1 . PHE A 1 26  ? -10.279 3.253   -1.280  1.00 15.69 ? 26  PHE A CE1 1 
ATOM   151  C  CE2 . PHE A 1 26  ? -10.066 1.592   -2.953  1.00 16.79 ? 26  PHE A CE2 1 
ATOM   152  C  CZ  . PHE A 1 26  ? -9.889  2.868   -2.523  1.00 14.80 ? 26  PHE A CZ  1 
ATOM   153  N  N   . ARG A 1 27  ? -12.481 -0.599  3.050   1.00 13.05 ? 27  ARG A N   1 
ATOM   154  C  CA  . ARG A 1 27  ? -13.275 -1.307  4.058   1.00 14.64 ? 27  ARG A CA  1 
ATOM   155  C  C   . ARG A 1 27  ? -14.414 -2.025  3.354   1.00 15.88 ? 27  ARG A C   1 
ATOM   156  O  O   . ARG A 1 27  ? -14.901 -3.065  3.891   1.00 19.02 ? 27  ARG A O   1 
ATOM   157  C  CB  . ARG A 1 27  ? -13.732 -0.294  5.107   1.00 17.95 ? 27  ARG A CB  1 
ATOM   158  C  CG  . ARG A 1 27  ? -14.182 -0.914  6.408   1.00 22.12 ? 27  ARG A CG  1 
ATOM   159  C  CD  . ARG A 1 27  ? -14.365 0.205   7.411   1.00 23.19 ? 27  ARG A CD  1 
ATOM   160  N  NE  . ARG A 1 27  ? -14.976 -0.365  8.564   1.00 29.18 ? 27  ARG A NE  1 
ATOM   161  C  CZ  . ARG A 1 27  ? -15.150 0.278   9.704   1.00 29.63 ? 27  ARG A CZ  1 
ATOM   162  N  NH1 . ARG A 1 27  ? -15.676 -0.362  10.734  1.00 34.08 ? 27  ARG A NH1 1 
ATOM   163  N  NH2 . ARG A 1 27  ? -14.839 1.554   9.801   1.00 31.58 ? 27  ARG A NH2 1 
ATOM   164  N  N   . SER A 1 28  ? -14.917 -1.527  2.249   1.00 14.57 ? 28  SER A N   1 
ATOM   165  C  CA  . SER A 1 28  ? -16.077 -2.078  1.521   1.00 15.84 ? 28  SER A CA  1 
ATOM   166  C  C   . SER A 1 28  ? -16.052 -1.657  0.058   1.00 16.82 ? 28  SER A C   1 
ATOM   167  O  O   . SER A 1 28  ? -15.208 -0.811  -0.339  1.00 14.69 ? 28  SER A O   1 
ATOM   168  C  CB  . SER A 1 28  ? -17.374 -1.592  2.161   1.00 17.14 ? 28  SER A CB  1 
ATOM   169  O  OG  . SER A 1 28  ? -17.719 -0.274  1.672   1.00 17.11 ? 28  SER A OG  1 
ATOM   170  N  N   . GLU A 1 29  ? -16.950 -2.197  -0.758  1.00 17.83 ? 29  GLU A N   1 
ATOM   171  C  CA  . GLU A 1 29  ? -17.042 -1.832  -2.184  1.00 20.00 ? 29  GLU A CA  1 
ATOM   172  C  C   . GLU A 1 29  ? -17.407 -0.362  -2.377  1.00 17.77 ? 29  GLU A C   1 
ATOM   173  O  O   . GLU A 1 29  ? -17.202 0.114   -3.487  1.00 21.85 ? 29  GLU A O   1 
ATOM   174  C  CB  . GLU A 1 29  ? -18.029 -2.758  -2.902  1.00 25.57 ? 29  GLU A CB  1 
ATOM   175  C  CG  . GLU A 1 29  ? -17.432 -4.135  -3.114  1.00 30.17 ? 29  GLU A CG  1 
ATOM   176  C  CD  . GLU A 1 29  ? -18.278 -5.090  -3.945  1.00 41.72 ? 29  GLU A CD  1 
ATOM   177  O  OE1 . GLU A 1 29  ? -17.781 -6.180  -4.262  1.00 45.65 ? 29  GLU A OE1 1 
ATOM   178  O  OE2 . GLU A 1 29  ? -19.418 -4.727  -4.276  1.00 47.91 ? 29  GLU A OE2 1 
ATOM   179  N  N   . SER A 1 30  ? -17.868 0.342   -1.350  1.00 18.01 ? 30  SER A N   1 
ATOM   180  C  CA  A SER A 1 30  ? -18.152 1.792   -1.520  0.51 19.81 ? 30  SER A CA  1 
ATOM   181  C  CA  B SER A 1 30  ? -18.133 1.807   -1.399  0.49 17.79 ? 30  SER A CA  1 
ATOM   182  C  C   . SER A 1 30  ? -16.851 2.609   -1.630  1.00 18.07 ? 30  SER A C   1 
ATOM   183  O  O   . SER A 1 30  ? -16.922 3.769   -2.070  1.00 19.19 ? 30  SER A O   1 
ATOM   184  C  CB  A SER A 1 30  ? -19.119 2.339   -0.505  0.51 22.32 ? 30  SER A CB  1 
ATOM   185  C  CB  B SER A 1 30  ? -18.793 2.277   -0.159  0.49 17.97 ? 30  SER A CB  1 
ATOM   186  O  OG  A SER A 1 30  ? -18.573 2.385   0.797   0.51 26.23 ? 30  SER A OG  1 
ATOM   187  O  OG  B SER A 1 30  ? -20.047 1.643   -0.007  0.49 17.99 ? 30  SER A OG  1 
ATOM   188  N  N   . GLU A 1 31  ? -15.720 2.058   -1.204  1.00 16.10 ? 31  GLU A N   1 
ATOM   189  C  CA  . GLU A 1 31  ? -14.407 2.757   -1.359  1.00 16.75 ? 31  GLU A CA  1 
ATOM   190  C  C   . GLU A 1 31  ? -14.439 4.107   -0.644  1.00 16.41 ? 31  GLU A C   1 
ATOM   191  O  O   . GLU A 1 31  ? -13.836 5.077   -1.179  1.00 18.99 ? 31  GLU A O   1 
ATOM   192  C  CB  . GLU A 1 31  ? -13.994 2.821   -2.823  1.00 17.29 ? 31  GLU A CB  1 
ATOM   193  C  CG  . GLU A 1 31  ? -13.904 1.471   -3.483  1.00 18.29 ? 31  GLU A CG  1 
ATOM   194  C  CD  . GLU A 1 31  ? -13.398 1.474   -4.899  1.00 22.08 ? 31  GLU A CD  1 
ATOM   195  O  OE1 . GLU A 1 31  ? -13.140 2.572   -5.427  1.00 28.16 ? 31  GLU A OE1 1 
ATOM   196  O  OE2 . GLU A 1 31  ? -13.331 0.406   -5.520  1.00 23.73 ? 31  GLU A OE2 1 
ATOM   197  N  N   . GLU A 1 32  ? -14.985 4.180   0.551   1.00 15.15 ? 32  GLU A N   1 
ATOM   198  C  CA  . GLU A 1 32  ? -15.068 5.426   1.335   1.00 16.63 ? 32  GLU A CA  1 
ATOM   199  C  C   . GLU A 1 32  ? -14.004 5.493   2.426   1.00 15.73 ? 32  GLU A C   1 
ATOM   200  O  O   . GLU A 1 32  ? -13.661 6.613   2.850   1.00 15.93 ? 32  GLU A O   1 
ATOM   201  C  CB  . GLU A 1 32  ? -16.458 5.542   1.977   1.00 18.97 ? 32  GLU A CB  1 
ATOM   202  C  CG  . GLU A 1 32  ? -17.507 5.859   0.917   1.00 24.39 ? 32  GLU A CG  1 
ATOM   203  C  CD  . GLU A 1 32  ? -18.959 5.760   1.339   1.00 31.62 ? 32  GLU A CD  1 
ATOM   204  O  OE1 . GLU A 1 32  ? -19.225 5.321   2.478   1.00 38.17 ? 32  GLU A OE1 1 
ATOM   205  O  OE2 . GLU A 1 32  ? -19.824 6.115   0.486   1.00 38.80 ? 32  GLU A OE2 1 
ATOM   206  N  N   . GLU A 1 33  ? -13.509 4.360   2.906   1.00 13.49 ? 33  GLU A N   1 
ATOM   207  C  CA  . GLU A 1 33  ? -12.515 4.295   3.980   1.00 13.36 ? 33  GLU A CA  1 
ATOM   208  C  C   . GLU A 1 33  ? -11.416 3.364   3.523   1.00 12.52 ? 33  GLU A C   1 
ATOM   209  O  O   . GLU A 1 33  ? -11.671 2.295   2.972   1.00 13.29 ? 33  GLU A O   1 
ATOM   210  C  CB  . GLU A 1 33  ? -13.075 3.786   5.299   1.00 14.39 ? 33  GLU A CB  1 
ATOM   211  C  CG  . GLU A 1 33  ? -14.079 4.762   5.894   1.00 20.66 ? 33  GLU A CG  1 
ATOM   212  C  CD  . GLU A 1 33  ? -14.504 4.537   7.330   1.00 26.17 ? 33  GLU A CD  1 
ATOM   213  O  OE1 . GLU A 1 33  ? -13.930 3.714   8.041   1.00 28.58 ? 33  GLU A OE1 1 
ATOM   214  O  OE2 . GLU A 1 33  ? -15.436 5.257   7.765   1.00 34.49 ? 33  GLU A OE2 1 
ATOM   215  N  N   . VAL A 1 34  ? -10.197 3.793   3.750   1.00 11.36 ? 34  VAL A N   1 
ATOM   216  C  CA  . VAL A 1 34  ? -8.971  3.073   3.315   1.00 11.50 ? 34  VAL A CA  1 
ATOM   217  C  C   . VAL A 1 34  ? -8.066  2.843   4.514   1.00 11.59 ? 34  VAL A C   1 
ATOM   218  O  O   . VAL A 1 34  ? -8.004  3.659   5.420   1.00 11.86 ? 34  VAL A O   1 
ATOM   219  C  CB  . VAL A 1 34  ? -8.264  3.859   2.198   1.00 11.18 ? 34  VAL A CB  1 
ATOM   220  C  CG1 . VAL A 1 34  ? -7.674  5.204   2.671   1.00 12.09 ? 34  VAL A CG1 1 
ATOM   221  C  CG2 . VAL A 1 34  ? -7.191  2.996   1.512   1.00 11.57 ? 34  VAL A CG2 1 
ATOM   222  N  N   . LEU A 1 35  ? -7.342  1.730   4.495   1.00 10.81 ? 35  LEU A N   1 
ATOM   223  C  CA  . LEU A 1 35  ? -6.443  1.366   5.583   1.00 10.40 ? 35  LEU A CA  1 
ATOM   224  C  C   . LEU A 1 35  ? -5.046  1.886   5.285   1.00 9.88  ? 35  LEU A C   1 
ATOM   225  O  O   . LEU A 1 35  ? -4.421  1.500   4.288   1.00 11.96 ? 35  LEU A O   1 
ATOM   226  C  CB  . LEU A 1 35  ? -6.430  -0.148  5.714   1.00 12.02 ? 35  LEU A CB  1 
ATOM   227  C  CG  . LEU A 1 35  ? -5.770  -0.652  6.982   1.00 11.75 ? 35  LEU A CG  1 
ATOM   228  C  CD1 . LEU A 1 35  ? -6.601  -0.380  8.183   1.00 13.88 ? 35  LEU A CD1 1 
ATOM   229  C  CD2 . LEU A 1 35  ? -5.567  -2.174  6.838   1.00 15.10 ? 35  LEU A CD2 1 
ATOM   230  N  N   . LEU A 1 36  ? -4.522  2.724   6.144   1.00 9.98  ? 36  LEU A N   1 
ATOM   231  C  CA  . LEU A 1 36  ? -3.104  3.144   6.098   1.00 9.73  ? 36  LEU A CA  1 
ATOM   232  C  C   . LEU A 1 36  ? -2.345  2.474   7.227   1.00 9.87  ? 36  LEU A C   1 
ATOM   233  O  O   . LEU A 1 36  ? -2.940  1.971   8.209   1.00 10.81 ? 36  LEU A O   1 
ATOM   234  C  CB  . LEU A 1 36  ? -2.971  4.669   6.192   1.00 10.36 ? 36  LEU A CB  1 
ATOM   235  C  CG  . LEU A 1 36  ? -3.716  5.473   5.144   1.00 10.34 ? 36  LEU A CG  1 
ATOM   236  C  CD1 . LEU A 1 36  ? -3.410  6.957   5.328   1.00 10.88 ? 36  LEU A CD1 1 
ATOM   237  C  CD2 . LEU A 1 36  ? -3.376  5.027   3.713   1.00 9.99  ? 36  LEU A CD2 1 
ATOM   238  N  N   . VAL A 1 37  ? -1.033  2.367   7.068   1.00 9.76  ? 37  VAL A N   1 
ATOM   239  C  CA  . VAL A 1 37  ? -0.161  1.811   8.105   1.00 10.25 ? 37  VAL A CA  1 
ATOM   240  C  C   . VAL A 1 37  ? 0.909   2.831   8.466   1.00 10.10 ? 37  VAL A C   1 
ATOM   241  O  O   . VAL A 1 37  ? 1.172   3.804   7.752   1.00 10.57 ? 37  VAL A O   1 
ATOM   242  C  CB  . VAL A 1 37  ? 0.477   0.486   7.690   1.00 10.67 ? 37  VAL A CB  1 
ATOM   243  C  CG1 . VAL A 1 37  ? -0.604  -0.541  7.314   1.00 11.70 ? 37  VAL A CG1 1 
ATOM   244  C  CG2 . VAL A 1 37  ? 1.477   0.647   6.557   1.00 11.33 ? 37  VAL A CG2 1 
ATOM   245  N  N   . SER A 1 38  ? 1.517   2.631   9.629   1.00 10.57 ? 38  SER A N   1 
ATOM   246  C  CA  . SER A 1 38  ? 2.541   3.584   10.101  1.00 11.53 ? 38  SER A CA  1 
ATOM   247  C  C   . SER A 1 38  ? 3.797   3.431   9.253   1.00 12.90 ? 38  SER A C   1 
ATOM   248  O  O   . SER A 1 38  ? 4.168   2.315   8.864   1.00 13.20 ? 38  SER A O   1 
ATOM   249  C  CB  . SER A 1 38  ? 2.785   3.409   11.572  1.00 13.00 ? 38  SER A CB  1 
ATOM   250  O  OG  . SER A 1 38  ? 3.092   2.071   11.910  1.00 13.54 ? 38  SER A OG  1 
ATOM   251  N  N   . SER A 1 39  ? 4.488   4.554   9.042   1.00 13.31 ? 39  SER A N   1 
ATOM   252  C  CA  . SER A 1 39  ? 5.853   4.563   8.445   1.00 14.41 ? 39  SER A CA  1 
ATOM   253  C  C   . SER A 1 39  ? 6.807   3.759   9.316   1.00 14.97 ? 39  SER A C   1 
ATOM   254  O  O   . SER A 1 39  ? 6.735   3.855   10.585  1.00 16.55 ? 39  SER A O   1 
ATOM   255  C  CB  . SER A 1 39  ? 6.277   5.947   8.300   1.00 14.70 ? 39  SER A CB  1 
ATOM   256  O  OG  . SER A 1 39  ? 7.693   6.055   8.193   1.00 17.75 ? 39  SER A OG  1 
ATOM   257  N  N   . SER A 1 40  ? 7.716   2.988   8.748   1.00 15.08 ? 40  SER A N   1 
ATOM   258  C  CA  . SER A 1 40  ? 8.766   2.276   9.525   1.00 17.17 ? 40  SER A CA  1 
ATOM   259  C  C   . SER A 1 40  ? 9.828   3.292   9.983   1.00 18.69 ? 40  SER A C   1 
ATOM   260  O  O   . SER A 1 40  ? 10.338  3.123   11.145  1.00 22.32 ? 40  SER A O   1 
ATOM   261  C  CB  . SER A 1 40  ? 9.369   1.141   8.733   1.00 16.74 ? 40  SER A CB  1 
ATOM   262  O  OG  . SER A 1 40  ? 10.046  1.676   7.616   1.00 16.38 ? 40  SER A OG  1 
ATOM   263  N  N   . ARG A 1 41  ? 10.164  4.253   9.150   1.00 19.60 ? 41  ARG A N   1 
ATOM   264  C  CA  . ARG A 1 41  ? 11.230  5.237   9.478   1.00 22.47 ? 41  ARG A CA  1 
ATOM   265  C  C   . ARG A 1 41  ? 10.710  6.128   10.609  1.00 23.85 ? 41  ARG A C   1 
ATOM   266  O  O   . ARG A 1 41  ? 11.500  6.281   11.624  1.00 21.44 ? 41  ARG A O   1 
ATOM   267  C  CB  . ARG A 1 41  ? 11.667  6.029   8.246   1.00 22.82 ? 41  ARG A CB  1 
ATOM   268  C  CG  . ARG A 1 41  ? 12.518  5.265   7.235   1.00 24.96 ? 41  ARG A CG  1 
ATOM   269  C  CD  . ARG A 1 41  ? 12.923  3.865   7.629   1.00 26.69 ? 41  ARG A CD  1 
ATOM   270  N  NE  . ARG A 1 41  ? 13.696  3.210   6.575   1.00 26.51 ? 41  ARG A NE  1 
ATOM   271  C  CZ  . ARG A 1 41  ? 13.662  1.913   6.339   1.00 25.90 ? 41  ARG A CZ  1 
ATOM   272  N  NH1 . ARG A 1 41  ? 12.871  1.136   7.063   1.00 25.25 ? 41  ARG A NH1 1 
ATOM   273  N  NH2 . ARG A 1 41  ? 14.393  1.413   5.364   1.00 23.13 ? 41  ARG A NH2 1 
ATOM   274  N  N   . HIS A 1 42  ? 9.461   6.634   10.467  1.00 21.04 ? 42  HIS A N   1 
ATOM   275  C  CA  . HIS A 1 42  ? 8.853   7.690   11.321  1.00 22.23 ? 42  HIS A CA  1 
ATOM   276  C  C   . HIS A 1 42  ? 7.454   7.227   11.716  1.00 18.12 ? 42  HIS A C   1 
ATOM   277  O  O   . HIS A 1 42  ? 6.498   7.606   11.047  1.00 17.43 ? 42  HIS A O   1 
ATOM   278  C  CB  . HIS A 1 42  ? 8.901   8.998   10.579  1.00 24.55 ? 42  HIS A CB  1 
ATOM   279  C  CG  . HIS A 1 42  ? 10.312  9.457   10.384  1.00 32.38 ? 42  HIS A CG  1 
ATOM   280  N  ND1 . HIS A 1 42  ? 10.961  9.427   9.149   1.00 40.13 ? 42  HIS A ND1 1 
ATOM   281  C  CD2 . HIS A 1 42  ? 11.220  9.906   11.276  1.00 34.24 ? 42  HIS A CD2 1 
ATOM   282  C  CE1 . HIS A 1 42  ? 12.191  9.886   9.294   1.00 35.11 ? 42  HIS A CE1 1 
ATOM   283  N  NE2 . HIS A 1 42  ? 12.375  10.180  10.582  1.00 36.89 ? 42  HIS A NE2 1 
ATOM   284  N  N   . PRO A 1 43  ? 7.332   6.418   12.789  1.00 19.12 ? 43  PRO A N   1 
ATOM   285  C  CA  . PRO A 1 43  ? 6.053   5.797   13.128  1.00 18.45 ? 43  PRO A CA  1 
ATOM   286  C  C   . PRO A 1 43  ? 4.876   6.704   13.476  1.00 17.31 ? 43  PRO A C   1 
ATOM   287  O  O   . PRO A 1 43  ? 3.733   6.194   13.536  1.00 18.01 ? 43  PRO A O   1 
ATOM   288  C  CB  . PRO A 1 43  ? 6.381   4.881   14.307  1.00 21.50 ? 43  PRO A CB  1 
ATOM   289  C  CG  . PRO A 1 43  ? 7.824   4.492   14.032  1.00 22.74 ? 43  PRO A CG  1 
ATOM   290  C  CD  . PRO A 1 43  ? 8.407   5.804   13.588  1.00 21.19 ? 43  PRO A CD  1 
ATOM   291  N  N   . ASP A 1 44  ? 5.100   8.009   13.634  1.00 16.90 ? 44  ASP A N   1 
ATOM   292  C  CA  . ASP A 1 44  ? 4.004   8.963   13.820  1.00 17.77 ? 44  ASP A CA  1 
ATOM   293  C  C   . ASP A 1 44  ? 3.432   9.420   12.479  1.00 16.67 ? 44  ASP A C   1 
ATOM   294  O  O   . ASP A 1 44  ? 2.507   10.209  12.478  1.00 20.10 ? 44  ASP A O   1 
ATOM   295  C  CB  . ASP A 1 44  ? 4.465   10.146  14.693  1.00 21.29 ? 44  ASP A CB  1 
ATOM   296  C  CG  . ASP A 1 44  ? 5.534   11.050  14.123  1.00 29.85 ? 44  ASP A CG  1 
ATOM   297  O  OD1 . ASP A 1 44  ? 6.005   10.819  13.013  1.00 31.96 ? 44  ASP A OD1 1 
ATOM   298  O  OD2 . ASP A 1 44  ? 5.947   11.978  14.864  1.00 34.77 ? 44  ASP A OD2 1 
ATOM   299  N  N   . ARG A 1 45  ? 3.943   8.899   11.353  1.00 15.00 ? 45  ARG A N   1 
ATOM   300  C  CA  . ARG A 1 45  ? 3.416   9.212   9.997   1.00 13.73 ? 45  ARG A CA  1 
ATOM   301  C  C   . ARG A 1 45  ? 2.712   7.970   9.414   1.00 12.39 ? 45  ARG A C   1 
ATOM   302  O  O   . ARG A 1 45  ? 2.974   6.862   9.874   1.00 13.74 ? 45  ARG A O   1 
ATOM   303  C  CB  . ARG A 1 45  ? 4.555   9.600   9.057   1.00 16.14 ? 45  ARG A CB  1 
ATOM   304  C  CG  . ARG A 1 45  ? 5.340   10.832  9.503   1.00 22.10 ? 45  ARG A CG  1 
ATOM   305  C  CD  . ARG A 1 45  ? 6.583   10.909  8.583   1.00 30.05 ? 45  ARG A CD  1 
ATOM   306  N  NE  . ARG A 1 45  ? 7.741   11.551  9.246   1.00 35.61 ? 45  ARG A NE  1 
ATOM   307  C  CZ  . ARG A 1 45  ? 8.941   11.744  8.677   1.00 39.06 ? 45  ARG A CZ  1 
ATOM   308  N  NH1 . ARG A 1 45  ? 9.151   11.374  7.426   1.00 33.62 ? 45  ARG A NH1 1 
ATOM   309  N  NH2 . ARG A 1 45  ? 9.918   12.341  9.352   1.00 39.93 ? 45  ARG A NH2 1 
ATOM   310  N  N   . TRP A 1 46  ? 1.870   8.228   8.445   1.00 10.85 ? 46  TRP A N   1 
ATOM   311  C  CA  . TRP A 1 46  ? 1.069   7.183   7.747   1.00 10.94 ? 46  TRP A CA  1 
ATOM   312  C  C   . TRP A 1 46  ? 1.515   7.045   6.307   1.00 10.98 ? 46  TRP A C   1 
ATOM   313  O  O   . TRP A 1 46  ? 1.939   8.014   5.645   1.00 12.14 ? 46  TRP A O   1 
ATOM   314  C  CB  . TRP A 1 46  ? -0.406  7.560   7.786   1.00 11.26 ? 46  TRP A CB  1 
ATOM   315  C  CG  . TRP A 1 46  ? -0.946  7.608   9.189   1.00 12.03 ? 46  TRP A CG  1 
ATOM   316  C  CD1 . TRP A 1 46  ? -1.192  8.745   9.925   1.00 13.18 ? 46  TRP A CD1 1 
ATOM   317  C  CD2 . TRP A 1 46  ? -1.258  6.506   10.033  1.00 12.16 ? 46  TRP A CD2 1 
ATOM   318  N  NE1 . TRP A 1 46  ? -1.693  8.399   11.141  1.00 13.03 ? 46  TRP A NE1 1 
ATOM   319  C  CE2 . TRP A 1 46  ? -1.708  7.018   11.263  1.00 12.74 ? 46  TRP A CE2 1 
ATOM   320  C  CE3 . TRP A 1 46  ? -1.215  5.110   9.863   1.00 13.08 ? 46  TRP A CE3 1 
ATOM   321  C  CZ2 . TRP A 1 46  ? -2.116  6.194   12.312  1.00 13.48 ? 46  TRP A CZ2 1 
ATOM   322  C  CZ3 . TRP A 1 46  ? -1.609  4.303   10.914  1.00 13.50 ? 46  TRP A CZ3 1 
ATOM   323  C  CH2 . TRP A 1 46  ? -2.030  4.835   12.136  1.00 14.03 ? 46  TRP A CH2 1 
ATOM   324  N  N   . ILE A 1 47  ? 1.405   5.819   5.810   1.00 9.89  ? 47  ILE A N   1 
ATOM   325  C  CA  . ILE A 1 47  ? 1.749   5.427   4.419   1.00 10.11 ? 47  ILE A CA  1 
ATOM   326  C  C   . ILE A 1 47  ? 0.692   4.462   3.906   1.00 9.22  ? 47  ILE A C   1 
ATOM   327  O  O   . ILE A 1 47  ? -0.062  3.817   4.670   1.00 10.04 ? 47  ILE A O   1 
ATOM   328  C  CB  . ILE A 1 47  ? 3.143   4.786   4.348   1.00 10.23 ? 47  ILE A CB  1 
ATOM   329  C  CG1 . ILE A 1 47  ? 3.163   3.407   4.996   1.00 11.65 ? 47  ILE A CG1 1 
ATOM   330  C  CG2 . ILE A 1 47  ? 4.215   5.681   4.950   1.00 12.07 ? 47  ILE A CG2 1 
ATOM   331  C  CD1 . ILE A 1 47  ? 4.420   2.588   4.759   1.00 11.96 ? 47  ILE A CD1 1 
ATOM   332  N  N   . VAL A 1 48  ? 0.659   4.290   2.595   1.00 9.58  ? 48  VAL A N   1 
ATOM   333  C  CA  . VAL A 1 48  ? -0.081  3.199   1.934   1.00 9.11  ? 48  VAL A CA  1 
ATOM   334  C  C   . VAL A 1 48  ? 0.785   1.948   1.987   1.00 9.86  ? 48  VAL A C   1 
ATOM   335  O  O   . VAL A 1 48  ? 1.933   1.973   1.563   1.00 11.12 ? 48  VAL A O   1 
ATOM   336  C  CB  . VAL A 1 48  ? -0.446  3.594   0.496   1.00 9.74  ? 48  VAL A CB  1 
ATOM   337  C  CG1 . VAL A 1 48  ? -1.128  2.445   -0.220  1.00 10.20 ? 48  VAL A CG1 1 
ATOM   338  C  CG2 . VAL A 1 48  ? -1.271  4.829   0.445   1.00 10.31 ? 48  VAL A CG2 1 
ATOM   339  N  N   . PRO A 1 49  ? 0.276   0.822   2.498   1.00 9.14  ? 49  PRO A N   1 
ATOM   340  C  CA  . PRO A 1 49  ? 1.079   -0.411  2.573   1.00 9.91  ? 49  PRO A CA  1 
ATOM   341  C  C   . PRO A 1 49  ? 1.456   -0.874  1.151   1.00 10.03 ? 49  PRO A C   1 
ATOM   342  O  O   . PRO A 1 49  ? 0.656   -0.892  0.224   1.00 10.03 ? 49  PRO A O   1 
ATOM   343  C  CB  . PRO A 1 49  ? 0.149   -1.402  3.284   1.00 10.47 ? 49  PRO A CB  1 
ATOM   344  C  CG  . PRO A 1 49  ? -1.228  -0.909  2.944   1.00 10.54 ? 49  PRO A CG  1 
ATOM   345  C  CD  . PRO A 1 49  ? -1.103  0.590   2.992   1.00 10.15 ? 49  PRO A CD  1 
ATOM   346  N  N   . GLY A 1 50  ? 2.706   -1.323  1.024   1.00 10.12 ? 50  GLY A N   1 
ATOM   347  C  CA  . GLY A 1 50  ? 3.263   -1.771  -0.261  1.00 10.12 ? 50  GLY A CA  1 
ATOM   348  C  C   . GLY A 1 50  ? 4.717   -2.084  -0.113  1.00 9.46  ? 50  GLY A C   1 
ATOM   349  O  O   . GLY A 1 50  ? 5.336   -1.789  0.891   1.00 9.60  ? 50  GLY A O   1 
ATOM   350  N  N   . GLY A 1 51  ? 5.295   -2.634  -1.164  1.00 9.54  ? 51  GLY A N   1 
ATOM   351  C  CA  . GLY A 1 51  ? 6.729   -2.952  -1.112  1.00 9.79  ? 51  GLY A CA  1 
ATOM   352  C  C   . GLY A 1 51  ? 7.211   -3.574  -2.390  1.00 10.04 ? 51  GLY A C   1 
ATOM   353  O  O   . GLY A 1 51  ? 6.570   -3.537  -3.449  1.00 10.08 ? 51  GLY A O   1 
ATOM   354  N  N   . GLY A 1 52  ? 8.406   -4.139  -2.314  1.00 10.76 ? 52  GLY A N   1 
ATOM   355  C  CA  . GLY A 1 52  ? 9.137   -4.577  -3.496  1.00 11.37 ? 52  GLY A CA  1 
ATOM   356  C  C   . GLY A 1 52  ? 8.551   -5.816  -4.108  1.00 10.92 ? 52  GLY A C   1 
ATOM   357  O  O   . GLY A 1 52  ? 8.145   -6.767  -3.404  1.00 11.68 ? 52  GLY A O   1 
ATOM   358  N  N   . MET A 1 53  ? 8.475   -5.849  -5.431  1.00 11.14 ? 53  MET A N   1 
ATOM   359  C  CA  A MET A 1 53  ? 8.174   -7.099  -6.174  0.51 12.05 ? 53  MET A CA  1 
ATOM   360  C  CA  B MET A 1 53  ? 8.187   -7.101  -6.169  0.49 11.59 ? 53  MET A CA  1 
ATOM   361  C  C   . MET A 1 53  ? 9.406   -8.011  -6.082  1.00 12.42 ? 53  MET A C   1 
ATOM   362  O  O   . MET A 1 53  ? 10.574  -7.509  -6.213  1.00 13.30 ? 53  MET A O   1 
ATOM   363  C  CB  A MET A 1 53  ? 7.793   -6.787  -7.628  0.51 12.74 ? 53  MET A CB  1 
ATOM   364  C  CB  B MET A 1 53  ? 7.911   -6.810  -7.639  0.49 11.62 ? 53  MET A CB  1 
ATOM   365  C  CG  A MET A 1 53  ? 6.491   -5.970  -7.739  0.51 12.98 ? 53  MET A CG  1 
ATOM   366  C  CG  B MET A 1 53  ? 6.768   -5.860  -7.865  0.49 11.20 ? 53  MET A CG  1 
ATOM   367  S  SD  A MET A 1 53  ? 6.100   -5.214  -9.324  0.51 13.88 ? 53  MET A SD  1 
ATOM   368  S  SD  B MET A 1 53  ? 6.326   -5.951  -9.576  0.49 11.71 ? 53  MET A SD  1 
ATOM   369  C  CE  A MET A 1 53  ? 6.090   -6.633  -10.418 0.51 14.02 ? 53  MET A CE  1 
ATOM   370  C  CE  B MET A 1 53  ? 5.533   -4.366  -9.805  0.49 11.30 ? 53  MET A CE  1 
ATOM   371  N  N   . GLU A 1 54  ? 9.164   -9.300  -5.877  1.00 12.92 ? 54  GLU A N   1 
ATOM   372  C  CA  . GLU A 1 54  ? 10.250  -10.309 -5.885  1.00 13.37 ? 54  GLU A CA  1 
ATOM   373  C  C   . GLU A 1 54  ? 10.550  -10.662 -7.332  1.00 12.43 ? 54  GLU A C   1 
ATOM   374  O  O   . GLU A 1 54  ? 9.766   -10.437 -8.256  1.00 12.27 ? 54  GLU A O   1 
ATOM   375  C  CB  . GLU A 1 54  ? 9.768   -11.534 -5.091  1.00 14.89 ? 54  GLU A CB  1 
ATOM   376  C  CG  . GLU A 1 54  ? 9.538   -11.272 -3.616  1.00 18.10 ? 54  GLU A CG  1 
ATOM   377  C  CD  . GLU A 1 54  ? 8.875   -12.445 -2.901  1.00 22.98 ? 54  GLU A CD  1 
ATOM   378  O  OE1 . GLU A 1 54  ? 8.586   -13.482 -3.572  1.00 30.23 ? 54  GLU A OE1 1 
ATOM   379  O  OE2 . GLU A 1 54  ? 8.639   -12.323 -1.672  1.00 28.43 ? 54  GLU A OE2 1 
ATOM   380  N  N   . PRO A 1 55  ? 11.687  -11.387 -7.578  1.00 13.35 ? 55  PRO A N   1 
ATOM   381  C  CA  . PRO A 1 55  ? 11.959  -11.810 -8.936  1.00 12.88 ? 55  PRO A CA  1 
ATOM   382  C  C   . PRO A 1 55  ? 10.840  -12.673 -9.545  1.00 13.45 ? 55  PRO A C   1 
ATOM   383  O  O   . PRO A 1 55  ? 10.309  -13.569 -8.856  1.00 14.45 ? 55  PRO A O   1 
ATOM   384  C  CB  . PRO A 1 55  ? 13.299  -12.546 -8.768  1.00 13.87 ? 55  PRO A CB  1 
ATOM   385  C  CG  . PRO A 1 55  ? 13.931  -11.914 -7.587  1.00 14.04 ? 55  PRO A CG  1 
ATOM   386  C  CD  . PRO A 1 55  ? 12.771  -11.637 -6.645  1.00 13.44 ? 55  PRO A CD  1 
ATOM   387  N  N   . GLU A 1 56  ? 10.454  -12.358 -10.766 1.00 13.56 ? 56  GLU A N   1 
ATOM   388  C  CA  . GLU A 1 56  ? 9.410   -13.005 -11.557 1.00 15.32 ? 56  GLU A CA  1 
ATOM   389  C  C   . GLU A 1 56  ? 8.046   -12.993 -10.859 1.00 16.30 ? 56  GLU A C   1 
ATOM   390  O  O   . GLU A 1 56  ? 7.161   -13.701 -11.268 1.00 19.04 ? 56  GLU A O   1 
ATOM   391  C  CB  . GLU A 1 56  ? 9.807   -14.468 -11.839 1.00 17.30 ? 56  GLU A CB  1 
ATOM   392  C  CG  . GLU A 1 56  ? 11.127  -14.573 -12.621 1.00 19.85 ? 56  GLU A CG  1 
ATOM   393  C  CD  . GLU A 1 56  ? 11.561  -16.006 -12.956 1.00 27.19 ? 56  GLU A CD  1 
ATOM   394  O  OE1 . GLU A 1 56  ? 11.669  -16.819 -12.051 1.00 35.43 ? 56  GLU A OE1 1 
ATOM   395  O  OE2 . GLU A 1 56  ? 12.012  -16.193 -14.067 1.00 36.44 ? 56  GLU A OE2 1 
ATOM   396  N  N   . GLU A 1 57  ? 7.856   -12.114 -9.885  1.00 14.19 ? 57  GLU A N   1 
ATOM   397  C  CA  . GLU A 1 57  ? 6.568   -12.075 -9.141  1.00 13.92 ? 57  GLU A CA  1 
ATOM   398  C  C   . GLU A 1 57  ? 5.600   -11.142 -9.869  1.00 13.34 ? 57  GLU A C   1 
ATOM   399  O  O   . GLU A 1 57  ? 5.940   -9.965  -10.149 1.00 14.83 ? 57  GLU A O   1 
ATOM   400  C  CB  . GLU A 1 57  ? 6.784   -11.572 -7.729  1.00 14.28 ? 57  GLU A CB  1 
ATOM   401  C  CG  . GLU A 1 57  ? 5.566   -11.702 -6.831  1.00 13.60 ? 57  GLU A CG  1 
ATOM   402  C  CD  . GLU A 1 57  ? 5.773   -11.201 -5.447  1.00 15.01 ? 57  GLU A CD  1 
ATOM   403  O  OE1 . GLU A 1 57  ? 6.554   -10.253 -5.236  1.00 13.52 ? 57  GLU A OE1 1 
ATOM   404  O  OE2 . GLU A 1 57  ? 5.126   -11.742 -4.522  1.00 15.20 ? 57  GLU A OE2 1 
ATOM   405  N  N   . GLU A 1 58  ? 4.398   -11.566 -10.154 1.00 13.16 ? 58  GLU A N   1 
ATOM   406  C  CA  . GLU A 1 58  ? 3.368   -10.732 -10.773 1.00 14.54 ? 58  GLU A CA  1 
ATOM   407  C  C   . GLU A 1 58  ? 3.042   -9.555  -9.858  1.00 13.50 ? 58  GLU A C   1 
ATOM   408  O  O   . GLU A 1 58  ? 2.969   -9.705  -8.649  1.00 12.80 ? 58  GLU A O   1 
ATOM   409  C  CB  . GLU A 1 58  ? 2.095   -11.549 -10.984 1.00 18.05 ? 58  GLU A CB  1 
ATOM   410  C  CG  . GLU A 1 58  ? 2.213   -12.549 -12.119 1.00 24.82 ? 58  GLU A CG  1 
ATOM   411  C  CD  . GLU A 1 58  ? 2.300   -11.917 -13.493 1.00 36.57 ? 58  GLU A CD  1 
ATOM   412  O  OE1 . GLU A 1 58  ? 1.665   -10.855 -13.702 1.00 44.14 ? 58  GLU A OE1 1 
ATOM   413  O  OE2 . GLU A 1 58  ? 3.016   -12.480 -14.346 1.00 50.46 ? 58  GLU A OE2 1 
ATOM   414  N  N   . PRO A 1 59  ? 2.846   -8.359  -10.421 1.00 12.81 ? 59  PRO A N   1 
ATOM   415  C  CA  . PRO A 1 59  ? 2.564   -7.181  -9.582  1.00 12.98 ? 59  PRO A CA  1 
ATOM   416  C  C   . PRO A 1 59  ? 1.373   -7.377  -8.643  1.00 12.71 ? 59  PRO A C   1 
ATOM   417  O  O   . PRO A 1 59  ? 1.439   -6.950  -7.480  1.00 12.42 ? 59  PRO A O   1 
ATOM   418  C  CB  . PRO A 1 59  ? 2.309   -6.037  -10.542 1.00 14.99 ? 59  PRO A CB  1 
ATOM   419  C  CG  . PRO A 1 59  ? 2.625   -6.558  -11.907 1.00 18.59 ? 59  PRO A CG  1 
ATOM   420  C  CD  . PRO A 1 59  ? 2.963   -8.020  -11.841 1.00 13.84 ? 59  PRO A CD  1 
ATOM   421  N  N   . SER A 1 60  ? 0.277   -7.964  -9.119  1.00 12.31 ? 60  SER A N   1 
ATOM   422  C  CA  . SER A 1 60  ? -0.936  -8.169  -8.282  1.00 13.52 ? 60  SER A CA  1 
ATOM   423  C  C   . SER A 1 60  ? -0.624  -9.128  -7.132  1.00 14.05 ? 60  SER A C   1 
ATOM   424  O  O   . SER A 1 60  ? -1.172  -8.971  -6.031  1.00 15.06 ? 60  SER A O   1 
ATOM   425  C  CB  . SER A 1 60  ? -2.094  -8.667  -9.095  1.00 15.98 ? 60  SER A CB  1 
ATOM   426  O  OG  . SER A 1 60  ? -1.790  -9.910  -9.684  1.00 18.28 ? 60  SER A OG  1 
ATOM   427  N  N   . VAL A 1 61  ? 0.254   -10.105 -7.330  1.00 12.53 ? 61  VAL A N   1 
ATOM   428  C  CA  . VAL A 1 61  ? 0.672   -11.046 -6.275  1.00 12.78 ? 61  VAL A CA  1 
ATOM   429  C  C   . VAL A 1 61  ? 1.506   -10.322 -5.231  1.00 12.50 ? 61  VAL A C   1 
ATOM   430  O  O   . VAL A 1 61  ? 1.315   -10.488 -4.037  1.00 12.32 ? 61  VAL A O   1 
ATOM   431  C  CB  . VAL A 1 61  ? 1.385   -12.259 -6.930  1.00 13.56 ? 61  VAL A CB  1 
ATOM   432  C  CG1 . VAL A 1 61  ? 2.025   -13.174 -5.879  1.00 14.50 ? 61  VAL A CG1 1 
ATOM   433  C  CG2 . VAL A 1 61  ? 0.389   -13.010 -7.817  1.00 14.40 ? 61  VAL A CG2 1 
ATOM   434  N  N   . ALA A 1 62  ? 2.482   -9.540  -5.696  1.00 11.61 ? 62  ALA A N   1 
ATOM   435  C  CA  . ALA A 1 62  ? 3.298   -8.722  -4.805  1.00 11.75 ? 62  ALA A CA  1 
ATOM   436  C  C   . ALA A 1 62  ? 2.438   -7.773  -3.960  1.00 10.62 ? 62  ALA A C   1 
ATOM   437  O  O   . ALA A 1 62  ? 2.713   -7.618  -2.766  1.00 11.22 ? 62  ALA A O   1 
ATOM   438  C  CB  . ALA A 1 62  ? 4.287   -7.934  -5.627  1.00 11.33 ? 62  ALA A CB  1 
ATOM   439  N  N   . ALA A 1 63  ? 1.475   -7.135  -4.588  1.00 10.11 ? 63  ALA A N   1 
ATOM   440  C  CA  . ALA A 1 63  ? 0.629   -6.129  -3.884  1.00 11.43 ? 63  ALA A CA  1 
ATOM   441  C  C   . ALA A 1 63  ? -0.109  -6.785  -2.717  1.00 11.44 ? 63  ALA A C   1 
ATOM   442  O  O   . ALA A 1 63  ? -0.085  -6.283  -1.579  1.00 11.70 ? 63  ALA A O   1 
ATOM   443  C  CB  . ALA A 1 63  ? -0.353  -5.542  -4.832  1.00 11.28 ? 63  ALA A CB  1 
ATOM   444  N  N   . VAL A 1 64  ? -0.733  -7.945  -3.011  1.00 11.71 ? 64  VAL A N   1 
ATOM   445  C  CA  . VAL A 1 64  ? -1.530  -8.658  -1.988  1.00 12.62 ? 64  VAL A CA  1 
ATOM   446  C  C   . VAL A 1 64  ? -0.619  -9.191  -0.878  1.00 11.91 ? 64  VAL A C   1 
ATOM   447  O  O   . VAL A 1 64  ? -0.969  -9.169  0.296   1.00 12.14 ? 64  VAL A O   1 
ATOM   448  C  CB  . VAL A 1 64  ? -2.326  -9.766  -2.696  1.00 16.41 ? 64  VAL A CB  1 
ATOM   449  C  CG1 . VAL A 1 64  ? -2.841  -10.849 -1.800  1.00 19.00 ? 64  VAL A CG1 1 
ATOM   450  C  CG2 . VAL A 1 64  ? -3.428  -9.093  -3.498  1.00 18.09 ? 64  VAL A CG2 1 
ATOM   451  N  N   . ARG A 1 65  ? 0.550   -9.687  -1.262  1.00 11.01 ? 65  ARG A N   1 
ATOM   452  C  CA  . ARG A 1 65  ? 1.517   -10.214 -0.291  1.00 11.44 ? 65  ARG A CA  1 
ATOM   453  C  C   . ARG A 1 65  ? 1.989   -9.090  0.639   1.00 11.72 ? 65  ARG A C   1 
ATOM   454  O  O   . ARG A 1 65  ? 2.000   -9.216  1.868   1.00 12.43 ? 65  ARG A O   1 
ATOM   455  C  CB  . ARG A 1 65  ? 2.704   -10.850 -1.005  1.00 12.39 ? 65  ARG A CB  1 
ATOM   456  C  CG  . ARG A 1 65  ? 3.775   -11.321 -0.065  1.00 12.54 ? 65  ARG A CG  1 
ATOM   457  C  CD  . ARG A 1 65  ? 4.999   -11.881 -0.798  1.00 13.39 ? 65  ARG A CD  1 
ATOM   458  N  NE  . ARG A 1 65  ? 5.553   -10.975 -1.813  1.00 12.54 ? 65  ARG A NE  1 
ATOM   459  C  CZ  . ARG A 1 65  ? 6.138   -9.810  -1.569  1.00 12.36 ? 65  ARG A CZ  1 
ATOM   460  N  NH1 . ARG A 1 65  ? 6.335   -9.385  -0.334  1.00 12.89 ? 65  ARG A NH1 1 
ATOM   461  N  NH2 . ARG A 1 65  ? 6.504   -9.057  -2.595  1.00 13.03 ? 65  ARG A NH2 1 
ATOM   462  N  N   . GLU A 1 66  ? 2.419   -7.941  0.089   1.00 10.61 ? 66  GLU A N   1 
ATOM   463  C  CA  . GLU A 1 66  ? 2.927   -6.845  0.922   1.00 10.72 ? 66  GLU A CA  1 
ATOM   464  C  C   . GLU A 1 66  ? 1.822   -6.332  1.844   1.00 10.30 ? 66  GLU A C   1 
ATOM   465  O  O   . GLU A 1 66  ? 2.142   -5.987  2.981   1.00 11.08 ? 66  GLU A O   1 
ATOM   466  C  CB  . GLU A 1 66  ? 3.527   -5.718  0.076   1.00 11.18 ? 66  GLU A CB  1 
ATOM   467  C  CG  . GLU A 1 66  ? 4.870   -6.085  -0.521  1.00 10.57 ? 66  GLU A CG  1 
ATOM   468  C  CD  . GLU A 1 66  ? 6.007   -5.962  0.443   1.00 12.34 ? 66  GLU A CD  1 
ATOM   469  O  OE1 . GLU A 1 66  ? 7.112   -6.531  0.089   1.00 12.08 ? 66  GLU A OE1 1 
ATOM   470  O  OE2 . GLU A 1 66  ? 5.887   -5.321  1.503   1.00 11.15 ? 66  GLU A OE2 1 
ATOM   471  N  N   . VAL A 1 67  ? 0.587   -6.243  1.375   1.00 10.57 ? 67  VAL A N   1 
ATOM   472  C  CA  A VAL A 1 67  ? -0.528  -5.810  2.261   0.50 11.08 ? 67  VAL A CA  1 
ATOM   473  C  CA  B VAL A 1 67  ? -0.428  -5.735  2.340   0.50 10.75 ? 67  VAL A CA  1 
ATOM   474  C  C   . VAL A 1 67  ? -0.724  -6.786  3.422   1.00 11.53 ? 67  VAL A C   1 
ATOM   475  O  O   . VAL A 1 67  ? -0.995  -6.372  4.557   1.00 12.03 ? 67  VAL A O   1 
ATOM   476  C  CB  A VAL A 1 67  ? -1.820  -5.684  1.458   0.50 12.29 ? 67  VAL A CB  1 
ATOM   477  C  CB  B VAL A 1 67  ? -1.674  -5.128  1.671   0.50 11.16 ? 67  VAL A CB  1 
ATOM   478  C  CG1 A VAL A 1 67  ? -3.047  -5.692  2.376   0.50 11.71 ? 67  VAL A CG1 1 
ATOM   479  C  CG1 B VAL A 1 67  ? -1.273  -4.007  0.722   0.50 11.22 ? 67  VAL A CG1 1 
ATOM   480  C  CG2 A VAL A 1 67  ? -1.768  -4.431  0.607   0.50 12.93 ? 67  VAL A CG2 1 
ATOM   481  C  CG2 B VAL A 1 67  ? -2.579  -6.166  0.990   0.50 11.54 ? 67  VAL A CG2 1 
ATOM   482  N  N   . CYS A 1 68  ? -0.613  -8.046  3.150   1.00 11.72 ? 68  CYS A N   1 
ATOM   483  C  CA  . CYS A 1 68  ? -0.723  -9.034  4.247   1.00 12.51 ? 68  CYS A CA  1 
ATOM   484  C  C   . CYS A 1 68  ? 0.418   -8.848  5.261   1.00 12.10 ? 68  CYS A C   1 
ATOM   485  O  O   . CYS A 1 68  ? 0.169   -8.788  6.478   1.00 13.22 ? 68  CYS A O   1 
ATOM   486  C  CB  . CYS A 1 68  ? -0.761  -10.438 3.643   1.00 12.92 ? 68  CYS A CB  1 
ATOM   487  S  SG  . CYS A 1 68  ? -0.824  -11.758 4.861   1.00 19.87 ? 68  CYS A SG  1 
ATOM   488  N  N   . GLU A 1 69  ? 1.650   -8.733  4.797   1.00 12.00 ? 69  GLU A N   1 
ATOM   489  C  CA  . GLU A 1 69  ? 2.837   -8.565  5.647   1.00 13.34 ? 69  GLU A CA  1 
ATOM   490  C  C   . GLU A 1 69  ? 2.711   -7.292  6.483   1.00 12.31 ? 69  GLU A C   1 
ATOM   491  O  O   . GLU A 1 69  ? 3.044   -7.278  7.679   1.00 13.56 ? 69  GLU A O   1 
ATOM   492  C  CB  . GLU A 1 69  ? 4.112   -8.482  4.798   1.00 13.16 ? 69  GLU A CB  1 
ATOM   493  C  CG  . GLU A 1 69  ? 4.482   -9.774  4.071   1.00 13.95 ? 69  GLU A CG  1 
ATOM   494  C  CD  . GLU A 1 69  ? 5.610   -9.645  3.055   1.00 14.98 ? 69  GLU A CD  1 
ATOM   495  O  OE1 . GLU A 1 69  ? 5.941   -10.670 2.404   1.00 15.88 ? 69  GLU A OE1 1 
ATOM   496  O  OE2 . GLU A 1 69  ? 6.152   -8.541  2.885   1.00 15.19 ? 69  GLU A OE2 1 
ATOM   497  N  N   . GLU A 1 70  ? 2.378   -6.162  5.827   1.00 11.45 ? 70  GLU A N   1 
ATOM   498  C  CA  . GLU A 1 70  ? 2.493   -4.825  6.442   1.00 11.48 ? 70  GLU A CA  1 
ATOM   499  C  C   . GLU A 1 70  ? 1.232   -4.433  7.191   1.00 11.12 ? 70  GLU A C   1 
ATOM   500  O  O   . GLU A 1 70  ? 1.347   -3.736  8.207   1.00 11.88 ? 70  GLU A O   1 
ATOM   501  C  CB  . GLU A 1 70  ? 2.819   -3.764  5.392   1.00 10.18 ? 70  GLU A CB  1 
ATOM   502  C  CG  . GLU A 1 70  ? 4.131   -4.037  4.710   1.00 10.73 ? 70  GLU A CG  1 
ATOM   503  C  CD  . GLU A 1 70  ? 4.673   -2.889  3.888   1.00 10.86 ? 70  GLU A CD  1 
ATOM   504  O  OE1 . GLU A 1 70  ? 5.852   -3.045  3.391   1.00 10.81 ? 70  GLU A OE1 1 
ATOM   505  O  OE2 . GLU A 1 70  ? 4.003   -1.856  3.767   1.00 10.35 ? 70  GLU A OE2 1 
ATOM   506  N  N   . ALA A 1 71  ? 0.052   -4.828  6.698   1.00 10.82 ? 71  ALA A N   1 
ATOM   507  C  CA  . ALA A 1 71  ? -1.235  -4.346  7.219   1.00 11.23 ? 71  ALA A CA  1 
ATOM   508  C  C   . ALA A 1 71  ? -2.045  -5.468  7.859   1.00 11.24 ? 71  ALA A C   1 
ATOM   509  O  O   . ALA A 1 71  ? -3.045  -5.131  8.526   1.00 11.91 ? 71  ALA A O   1 
ATOM   510  C  CB  . ALA A 1 71  ? -2.068  -3.666  6.148   1.00 11.21 ? 71  ALA A CB  1 
ATOM   511  N  N   . GLY A 1 72  ? -1.737  -6.712  7.619   1.00 11.19 ? 72  GLY A N   1 
ATOM   512  C  CA  . GLY A 1 72  ? -2.484  -7.799  8.273   1.00 11.70 ? 72  GLY A CA  1 
ATOM   513  C  C   . GLY A 1 72  ? -3.859  -7.930  7.744   1.00 11.97 ? 72  GLY A C   1 
ATOM   514  O  O   . GLY A 1 72  ? -4.784  -8.296  8.545   1.00 12.98 ? 72  GLY A O   1 
ATOM   515  N  N   . VAL A 1 73  ? -4.121  -7.658  6.477   1.00 11.99 ? 73  VAL A N   1 
ATOM   516  C  CA  . VAL A 1 73  ? -5.468  -7.804  5.890   1.00 12.45 ? 73  VAL A CA  1 
ATOM   517  C  C   . VAL A 1 73  ? -5.382  -8.646  4.643   1.00 12.44 ? 73  VAL A C   1 
ATOM   518  O  O   . VAL A 1 73  ? -4.336  -8.684  3.941   1.00 12.37 ? 73  VAL A O   1 
ATOM   519  C  CB  . VAL A 1 73  ? -6.168  -6.461  5.608   1.00 12.69 ? 73  VAL A CB  1 
ATOM   520  C  CG1 . VAL A 1 73  ? -6.407  -5.689  6.879   1.00 13.36 ? 73  VAL A CG1 1 
ATOM   521  C  CG2 . VAL A 1 73  ? -5.434  -5.630  4.565   1.00 13.35 ? 73  VAL A CG2 1 
ATOM   522  N  N   . LYS A 1 74  ? -6.500  -9.261  4.306   1.00 11.89 ? 74  LYS A N   1 
ATOM   523  C  CA  . LYS A 1 74  ? -6.713  -9.998  3.053   1.00 12.10 ? 74  LYS A CA  1 
ATOM   524  C  C   . LYS A 1 74  ? -8.064  -9.594  2.498   1.00 11.66 ? 74  LYS A C   1 
ATOM   525  O  O   . LYS A 1 74  ? -8.947  -9.102  3.234   1.00 11.49 ? 74  LYS A O   1 
ATOM   526  C  CB  . LYS A 1 74  ? -6.650  -11.516 3.245   1.00 14.07 ? 74  LYS A CB  1 
ATOM   527  C  CG  . LYS A 1 74  ? -5.338  -12.005 3.804   1.00 15.61 ? 74  LYS A CG  1 
ATOM   528  C  CD  . LYS A 1 74  ? -5.338  -13.511 4.008   1.00 19.51 ? 74  LYS A CD  1 
ATOM   529  C  CE  . LYS A 1 74  ? -4.065  -13.992 4.645   1.00 24.00 ? 74  LYS A CE  1 
ATOM   530  N  NZ  . LYS A 1 74  ? -2.898  -13.768 3.751   1.00 32.73 ? 74  LYS A NZ  1 
ATOM   531  N  N   . GLY A 1 75  ? -8.278  -9.823  1.219   1.00 11.60 ? 75  GLY A N   1 
ATOM   532  C  CA  . GLY A 1 75  ? -9.562  -9.504  0.609   1.00 12.06 ? 75  GLY A CA  1 
ATOM   533  C  C   . GLY A 1 75  ? -9.639  -9.828  -0.855  1.00 11.81 ? 75  GLY A C   1 
ATOM   534  O  O   . GLY A 1 75  ? -8.929  -10.713 -1.304  1.00 13.10 ? 75  GLY A O   1 
ATOM   535  N  N   . THR A 1 76  ? -10.574 -9.171  -1.499  1.00 12.41 ? 76  THR A N   1 
ATOM   536  C  CA  . THR A 1 76  ? -10.905 -9.438  -2.901  1.00 13.64 ? 76  THR A CA  1 
ATOM   537  C  C   . THR A 1 76  ? -10.141 -8.429  -3.767  1.00 12.96 ? 76  THR A C   1 
ATOM   538  O  O   . THR A 1 76  ? -10.385 -7.218  -3.665  1.00 12.76 ? 76  THR A O   1 
ATOM   539  C  CB  . THR A 1 76  ? -12.397 -9.316  -3.169  1.00 16.22 ? 76  THR A CB  1 
ATOM   540  O  OG1 . THR A 1 76  ? -13.025 -10.175 -2.203  1.00 19.26 ? 76  THR A OG1 1 
ATOM   541  C  CG2 . THR A 1 76  ? -12.788 -9.698  -4.579  1.00 19.60 ? 76  THR A CG2 1 
ATOM   542  N  N   . LEU A 1 77  ? -9.184  -8.903  -4.538  1.00 13.18 ? 77  LEU A N   1 
ATOM   543  C  CA  . LEU A 1 77  ? -8.404  -7.996  -5.410  1.00 14.24 ? 77  LEU A CA  1 
ATOM   544  C  C   . LEU A 1 77  ? -9.283  -7.395  -6.475  1.00 14.73 ? 77  LEU A C   1 
ATOM   545  O  O   . LEU A 1 77  ? -10.066 -8.129  -7.153  1.00 16.96 ? 77  LEU A O   1 
ATOM   546  C  CB  . LEU A 1 77  ? -7.289  -8.809  -6.032  1.00 16.19 ? 77  LEU A CB  1 
ATOM   547  C  CG  . LEU A 1 77  ? -6.415  -8.031  -6.988  1.00 20.47 ? 77  LEU A CG  1 
ATOM   548  C  CD1 . LEU A 1 77  ? -5.628  -7.042  -6.178  1.00 20.41 ? 77  LEU A CD1 1 
ATOM   549  C  CD2 . LEU A 1 77  ? -5.554  -8.994  -7.791  1.00 23.47 ? 77  LEU A CD2 1 
ATOM   550  N  N   . GLY A 1 78  ? -9.189  -6.093  -6.639  1.00 13.92 ? 78  GLY A N   1 
ATOM   551  C  CA  . GLY A 1 78  ? -9.888  -5.371  -7.698  1.00 14.19 ? 78  GLY A CA  1 
ATOM   552  C  C   . GLY A 1 78  ? -8.920  -4.867  -8.747  1.00 13.01 ? 78  GLY A C   1 
ATOM   553  O  O   . GLY A 1 78  ? -7.933  -5.477  -9.029  1.00 15.35 ? 78  GLY A O   1 
ATOM   554  N  N   A ARG A 1 79  ? -9.290  -3.727  -9.313  0.50 13.39 ? 79  ARG A N   1 
ATOM   555  N  N   B ARG A 1 79  ? -9.297  -3.769  -9.365  0.50 13.68 ? 79  ARG A N   1 
ATOM   556  C  CA  A ARG A 1 79  ? -8.668  -3.135  -10.517 0.50 13.40 ? 79  ARG A CA  1 
ATOM   557  C  CA  B ARG A 1 79  ? -8.625  -3.297  -10.590 0.50 13.99 ? 79  ARG A CA  1 
ATOM   558  C  C   A ARG A 1 79  ? -7.241  -2.673  -10.221 0.50 12.74 ? 79  ARG A C   1 
ATOM   559  C  C   B ARG A 1 79  ? -7.290  -2.650  -10.248 0.50 13.05 ? 79  ARG A C   1 
ATOM   560  O  O   A ARG A 1 79  ? -6.912  -2.261  -9.106  0.50 12.71 ? 79  ARG A O   1 
ATOM   561  O  O   B ARG A 1 79  ? -7.128  -2.043  -9.136  0.50 13.09 ? 79  ARG A O   1 
ATOM   562  C  CB  A ARG A 1 79  ? -9.561  -2.010  -11.047 0.50 13.88 ? 79  ARG A CB  1 
ATOM   563  C  CB  B ARG A 1 79  ? -9.519  -2.284  -11.294 0.50 14.52 ? 79  ARG A CB  1 
ATOM   564  C  CG  A ARG A 1 79  ? -9.622  -0.758  -10.190 0.50 14.87 ? 79  ARG A CG  1 
ATOM   565  C  CG  B ARG A 1 79  ? -9.582  -0.953  -10.565 0.50 15.01 ? 79  ARG A CG  1 
ATOM   566  C  CD  A ARG A 1 79  ? -10.895 -0.022  -10.558 0.50 16.18 ? 79  ARG A CD  1 
ATOM   567  C  CD  B ARG A 1 79  ? -10.642 -0.005  -11.119 0.50 17.39 ? 79  ARG A CD  1 
ATOM   568  N  NE  A ARG A 1 79  ? -11.113 1.184   -9.808  0.50 17.56 ? 79  ARG A NE  1 
ATOM   569  N  NE  B ARG A 1 79  ? -10.680 1.247   -10.382 0.50 18.11 ? 79  ARG A NE  1 
ATOM   570  C  CZ  A ARG A 1 79  ? -11.808 1.287   -8.690  0.50 17.43 ? 79  ARG A CZ  1 
ATOM   571  C  CZ  B ARG A 1 79  ? -10.000 2.360   -10.685 0.50 20.17 ? 79  ARG A CZ  1 
ATOM   572  N  NH1 A ARG A 1 79  ? -12.431 0.231   -8.185  0.50 13.31 ? 79  ARG A NH1 1 
ATOM   573  N  NH1 B ARG A 1 79  ? -9.275  2.443   -11.779 0.50 16.96 ? 79  ARG A NH1 1 
ATOM   574  N  NH2 A ARG A 1 79  ? -11.935 2.459   -8.106  0.50 18.93 ? 79  ARG A NH2 1 
ATOM   575  N  NH2 B ARG A 1 79  ? -10.108 3.431   -9.920  0.50 23.64 ? 79  ARG A NH2 1 
ATOM   576  N  N   . LEU A 1 80  ? -6.427  -2.648  -11.249 1.00 13.35 ? 80  LEU A N   1 
ATOM   577  C  CA  . LEU A 1 80  ? -5.193  -1.822  -11.257 1.00 11.89 ? 80  LEU A CA  1 
ATOM   578  C  C   . LEU A 1 80  ? -5.615  -0.373  -11.392 1.00 11.75 ? 80  LEU A C   1 
ATOM   579  O  O   . LEU A 1 80  ? -6.343  -0.013  -12.359 1.00 13.65 ? 80  LEU A O   1 
ATOM   580  C  CB  . LEU A 1 80  ? -4.334  -2.226  -12.440 1.00 12.95 ? 80  LEU A CB  1 
ATOM   581  C  CG  . LEU A 1 80  ? -3.038  -1.423  -12.631 1.00 13.60 ? 80  LEU A CG  1 
ATOM   582  C  CD1 . LEU A 1 80  ? -2.097  -1.574  -11.448 1.00 14.49 ? 80  LEU A CD1 1 
ATOM   583  C  CD2 . LEU A 1 80  ? -2.345  -1.848  -13.922 1.00 14.98 ? 80  LEU A CD2 1 
ATOM   584  N  N   . VAL A 1 81  ? -5.272  0.462   -10.430 1.00 10.71 ? 81  VAL A N   1 
ATOM   585  C  CA  . VAL A 1 81  ? -5.533  1.908   -10.494 1.00 11.57 ? 81  VAL A CA  1 
ATOM   586  C  C   . VAL A 1 81  ? -4.544  2.592   -11.440 1.00 11.48 ? 81  VAL A C   1 
ATOM   587  O  O   . VAL A 1 81  ? -4.972  3.414   -12.300 1.00 12.42 ? 81  VAL A O   1 
ATOM   588  C  CB  . VAL A 1 81  ? -5.411  2.526   -9.100  1.00 12.21 ? 81  VAL A CB  1 
ATOM   589  C  CG1 . VAL A 1 81  ? -5.586  4.025   -9.120  1.00 13.51 ? 81  VAL A CG1 1 
ATOM   590  C  CG2 . VAL A 1 81  ? -6.434  1.878   -8.169  1.00 13.59 ? 81  VAL A CG2 1 
ATOM   591  N  N   . GLY A 1 82  ? -3.294  2.249   -11.352 1.00 10.04 ? 82  GLY A N   1 
ATOM   592  C  CA  . GLY A 1 82  ? -2.288  2.868   -12.209 1.00 10.47 ? 82  GLY A CA  1 
ATOM   593  C  C   . GLY A 1 82  ? -0.927  2.491   -11.749 1.00 10.24 ? 82  GLY A C   1 
ATOM   594  O  O   . GLY A 1 82  ? -0.744  1.732   -10.781 1.00 11.08 ? 82  GLY A O   1 
ATOM   595  N  N   . ILE A 1 83  ? 0.080   3.007   -12.443 1.00 10.45 ? 83  ILE A N   1 
ATOM   596  C  CA  . ILE A 1 83  ? 1.509   2.785   -12.217 1.00 10.51 ? 83  ILE A CA  1 
ATOM   597  C  C   . ILE A 1 83  ? 2.119   4.135   -11.901 1.00 10.98 ? 83  ILE A C   1 
ATOM   598  O  O   . ILE A 1 83  ? 2.003   5.061   -12.733 1.00 11.64 ? 83  ILE A O   1 
ATOM   599  C  CB  . ILE A 1 83  ? 2.174   2.090   -13.401 1.00 11.56 ? 83  ILE A CB  1 
ATOM   600  C  CG1 . ILE A 1 83  ? 1.455   0.769   -13.700 1.00 13.19 ? 83  ILE A CG1 1 
ATOM   601  C  CG2 . ILE A 1 83  ? 3.650   1.872   -13.077 1.00 13.04 ? 83  ILE A CG2 1 
ATOM   602  C  CD1 . ILE A 1 83  ? 1.990   0.058   -14.932 1.00 15.51 ? 83  ILE A CD1 1 
ATOM   603  N  N   . PHE A 1 84  ? 2.704   4.306   -10.742 1.00 10.16 ? 84  PHE A N   1 
ATOM   604  C  CA  . PHE A 1 84  ? 3.073   5.619   -10.206 1.00 10.03 ? 84  PHE A CA  1 
ATOM   605  C  C   . PHE A 1 84  ? 4.553   5.642   -9.976  1.00 11.05 ? 84  PHE A C   1 
ATOM   606  O  O   . PHE A 1 84  ? 5.087   4.808   -9.230  1.00 11.05 ? 84  PHE A O   1 
ATOM   607  C  CB  . PHE A 1 84  ? 2.352   5.846   -8.870  1.00 10.18 ? 84  PHE A CB  1 
ATOM   608  C  CG  . PHE A 1 84  ? 0.859   6.001   -8.978  1.00 10.31 ? 84  PHE A CG  1 
ATOM   609  C  CD1 . PHE A 1 84  ? 0.012   4.915   -9.126  1.00 10.33 ? 84  PHE A CD1 1 
ATOM   610  C  CD2 . PHE A 1 84  ? 0.287   7.248   -8.939  1.00 11.61 ? 84  PHE A CD2 1 
ATOM   611  C  CE1 . PHE A 1 84  ? -1.354  5.088   -9.263  1.00 11.40 ? 84  PHE A CE1 1 
ATOM   612  C  CE2 . PHE A 1 84  ? -1.084  7.418   -9.065  1.00 11.62 ? 84  PHE A CE2 1 
ATOM   613  C  CZ  . PHE A 1 84  ? -1.901  6.334   -9.229  1.00 11.85 ? 84  PHE A CZ  1 
ATOM   614  N  N   A GLU A 1 85  ? 5.243   6.600   -10.569 0.50 12.46 ? 85  GLU A N   1 
ATOM   615  N  N   B GLU A 1 85  ? 5.231   6.634   -10.523 0.50 12.19 ? 85  GLU A N   1 
ATOM   616  C  CA  A GLU A 1 85  ? 6.698   6.792   -10.393 0.50 13.38 ? 85  GLU A CA  1 
ATOM   617  C  CA  B GLU A 1 85  ? 6.670   6.829   -10.267 0.50 12.74 ? 85  GLU A CA  1 
ATOM   618  C  C   A GLU A 1 85  ? 6.944   7.807   -9.273  0.50 13.43 ? 85  GLU A C   1 
ATOM   619  C  C   B GLU A 1 85  ? 6.891   7.823   -9.152  0.50 13.39 ? 85  GLU A C   1 
ATOM   620  O  O   A GLU A 1 85  ? 6.203   8.840   -9.253  0.50 15.10 ? 85  GLU A O   1 
ATOM   621  O  O   B GLU A 1 85  ? 6.160   8.840   -9.039  0.50 14.45 ? 85  GLU A O   1 
ATOM   622  C  CB  A GLU A 1 85  ? 7.252   7.294   -11.730 0.50 15.72 ? 85  GLU A CB  1 
ATOM   623  C  CB  B GLU A 1 85  ? 7.372   7.364   -11.501 0.50 14.58 ? 85  GLU A CB  1 
ATOM   624  C  CG  A GLU A 1 85  ? 8.708   7.658   -11.634 0.50 16.94 ? 85  GLU A CG  1 
ATOM   625  C  CG  B GLU A 1 85  ? 7.392   6.308   -12.557 0.50 15.12 ? 85  GLU A CG  1 
ATOM   626  C  CD  A GLU A 1 85  ? 9.365   8.307   -12.830 0.50 19.47 ? 85  GLU A CD  1 
ATOM   627  C  CD  B GLU A 1 85  ? 7.776   6.802   -13.924 0.50 18.37 ? 85  GLU A CD  1 
ATOM   628  O  OE1 A GLU A 1 85  ? 9.296   7.682   -13.918 0.50 19.85 ? 85  GLU A OE1 1 
ATOM   629  O  OE1 B GLU A 1 85  ? 8.414   7.866   -13.954 0.50 18.54 ? 85  GLU A OE1 1 
ATOM   630  O  OE2 A GLU A 1 85  ? 10.050  9.368   -12.607 0.50 16.13 ? 85  GLU A OE2 1 
ATOM   631  O  OE2 B GLU A 1 85  ? 7.379   6.107   -14.912 0.50 16.14 ? 85  GLU A OE2 1 
ATOM   632  N  N   . ASN A 1 86  ? 7.887   7.553   -8.370  1.00 12.24 ? 86  ASN A N   1 
ATOM   633  C  CA  . ASN A 1 86  ? 8.484   8.544   -7.463  1.00 13.83 ? 86  ASN A CA  1 
ATOM   634  C  C   . ASN A 1 86  ? 9.846   8.863   -8.052  1.00 14.99 ? 86  ASN A C   1 
ATOM   635  O  O   . ASN A 1 86  ? 10.755  8.056   -7.936  1.00 14.03 ? 86  ASN A O   1 
ATOM   636  C  CB  . ASN A 1 86  ? 8.504   8.014   -6.047  1.00 13.78 ? 86  ASN A CB  1 
ATOM   637  C  CG  . ASN A 1 86  ? 9.042   9.018   -5.085  1.00 16.87 ? 86  ASN A CG  1 
ATOM   638  O  OD1 . ASN A 1 86  ? 9.914   9.795   -5.478  1.00 16.91 ? 86  ASN A OD1 1 
ATOM   639  N  ND2 . ASN A 1 86  ? 8.461   9.043   -3.894  1.00 17.54 ? 86  ASN A ND2 1 
ATOM   640  N  N   . GLN A 1 87  ? 9.953   10.030  -8.680  1.00 16.01 ? 87  GLN A N   1 
ATOM   641  C  CA  . GLN A 1 87  ? 11.229  10.418  -9.331  1.00 18.01 ? 87  GLN A CA  1 
ATOM   642  C  C   . GLN A 1 87  ? 12.310  10.650  -8.287  1.00 19.64 ? 87  GLN A C   1 
ATOM   643  O  O   . GLN A 1 87  ? 13.469  10.248  -8.485  1.00 21.94 ? 87  GLN A O   1 
ATOM   644  C  CB  . GLN A 1 87  ? 11.020  11.710  -10.110 1.00 21.58 ? 87  GLN A CB  1 
ATOM   645  C  CG  . GLN A 1 87  ? 12.283  12.132  -10.864 1.00 29.19 ? 87  GLN A CG  1 
ATOM   646  C  CD  . GLN A 1 87  ? 13.269  13.010  -10.116 1.00 38.39 ? 87  GLN A CD  1 
ATOM   647  O  OE1 . GLN A 1 87  ? 12.948  13.711  -9.145  1.00 48.06 ? 87  GLN A OE1 1 
ATOM   648  N  NE2 . GLN A 1 87  ? 14.502  13.026  -10.610 1.00 42.22 ? 87  GLN A NE2 1 
ATOM   649  N  N   . GLU A 1 88  ? 11.968  11.252  -7.152  1.00 17.04 ? 88  GLU A N   1 
ATOM   650  C  CA  . GLU A 1 88  ? 12.972  11.571  -6.138  1.00 21.45 ? 88  GLU A CA  1 
ATOM   651  C  C   . GLU A 1 88  ? 13.598  10.284  -5.616  1.00 18.80 ? 88  GLU A C   1 
ATOM   652  O  O   . GLU A 1 88  ? 14.801  10.234  -5.345  1.00 22.51 ? 88  GLU A O   1 
ATOM   653  C  CB  . GLU A 1 88  ? 12.263  12.384  -5.046  1.00 23.11 ? 88  GLU A CB  1 
ATOM   654  C  CG  . GLU A 1 88  ? 13.065  12.630  -3.802  1.00 33.12 ? 88  GLU A CG  1 
ATOM   655  C  CD  . GLU A 1 88  ? 12.138  13.091  -2.683  1.00 38.47 ? 88  GLU A CD  1 
ATOM   656  O  OE1 . GLU A 1 88  ? 11.131  13.827  -3.001  1.00 39.68 ? 88  GLU A OE1 1 
ATOM   657  O  OE2 . GLU A 1 88  ? 12.370  12.647  -1.530  1.00 42.09 ? 88  GLU A OE2 1 
ATOM   658  N  N   . ARG A 1 89  ? 12.797  9.231   -5.375  1.00 16.40 ? 89  ARG A N   1 
ATOM   659  C  CA  . ARG A 1 89  ? 13.244  8.022   -4.650  1.00 16.68 ? 89  ARG A CA  1 
ATOM   660  C  C   . ARG A 1 89  ? 13.526  6.872   -5.655  1.00 14.86 ? 89  ARG A C   1 
ATOM   661  O  O   . ARG A 1 89  ? 13.999  5.802   -5.254  1.00 18.39 ? 89  ARG A O   1 
ATOM   662  C  CB  . ARG A 1 89  ? 12.173  7.567   -3.650  1.00 20.05 ? 89  ARG A CB  1 
ATOM   663  C  CG  . ARG A 1 89  ? 11.780  8.613   -2.614  1.00 25.34 ? 89  ARG A CG  1 
ATOM   664  C  CD  . ARG A 1 89  ? 12.947  9.118   -1.813  1.00 32.27 ? 89  ARG A CD  1 
ATOM   665  N  NE  . ARG A 1 89  ? 13.762  8.065   -1.238  1.00 38.59 ? 89  ARG A NE  1 
ATOM   666  C  CZ  . ARG A 1 89  ? 15.041  8.224   -0.899  1.00 48.25 ? 89  ARG A CZ  1 
ATOM   667  N  NH1 . ARG A 1 89  ? 15.649  9.386   -1.090  1.00 53.43 ? 89  ARG A NH1 1 
ATOM   668  N  NH2 . ARG A 1 89  ? 15.713  7.220   -0.365  1.00 50.95 ? 89  ARG A NH2 1 
ATOM   669  N  N   . LYS A 1 90  ? 13.249  7.100   -6.916  1.00 14.11 ? 90  LYS A N   1 
ATOM   670  C  CA  . LYS A 1 90  ? 13.579  6.180   -8.050  1.00 14.09 ? 90  LYS A CA  1 
ATOM   671  C  C   . LYS A 1 90  ? 12.846  4.846   -7.849  1.00 12.42 ? 90  LYS A C   1 
ATOM   672  O  O   . LYS A 1 90  ? 13.482  3.763   -7.847  1.00 13.58 ? 90  LYS A O   1 
ATOM   673  C  CB  . LYS A 1 90  ? 15.100  6.004   -8.178  1.00 18.11 ? 90  LYS A CB  1 
ATOM   674  C  CG  . LYS A 1 90  ? 15.857  7.313   -8.450  1.00 23.48 ? 90  LYS A CG  1 
ATOM   675  C  CD  . LYS A 1 90  ? 15.395  8.065   -9.653  1.00 29.79 ? 90  LYS A CD  1 
ATOM   676  C  CE  . LYS A 1 90  ? 16.269  9.268   -9.990  1.00 35.47 ? 90  LYS A CE  1 
ATOM   677  N  NZ  . LYS A 1 90  ? 16.062  10.378  -9.034  1.00 37.69 ? 90  LYS A NZ  1 
ATOM   678  N  N   . HIS A 1 91  ? 11.534  4.879   -7.712  1.00 11.19 ? 91  HIS A N   1 
ATOM   679  C  CA  . HIS A 1 91  ? 10.761  3.621   -7.655  1.00 10.25 ? 91  HIS A CA  1 
ATOM   680  C  C   . HIS A 1 91  ? 9.472   3.815   -8.414  1.00 10.18 ? 91  HIS A C   1 
ATOM   681  O  O   . HIS A 1 91  ? 9.014   4.928   -8.685  1.00 10.99 ? 91  HIS A O   1 
ATOM   682  C  CB  . HIS A 1 91  ? 10.591  3.118   -6.245  1.00 12.09 ? 91  HIS A CB  1 
ATOM   683  C  CG  . HIS A 1 91  ? 9.977   4.023   -5.243  1.00 11.82 ? 91  HIS A CG  1 
ATOM   684  N  ND1 . HIS A 1 91  ? 8.653   4.435   -5.317  1.00 12.70 ? 91  HIS A ND1 1 
ATOM   685  C  CD2 . HIS A 1 91  ? 10.497  4.496   -4.099  1.00 13.07 ? 91  HIS A CD2 1 
ATOM   686  C  CE1 . HIS A 1 91  ? 8.420   5.134   -4.200  1.00 13.86 ? 91  HIS A CE1 1 
ATOM   687  N  NE2 . HIS A 1 91  ? 9.505   5.189   -3.451  1.00 14.19 ? 91  HIS A NE2 1 
ATOM   688  N  N   . ARG A 1 92  ? 8.903   2.690   -8.835  1.00 10.39 ? 92  ARG A N   1 
ATOM   689  C  CA  . ARG A 1 92  ? 7.740   2.633   -9.692  1.00 10.40 ? 92  ARG A CA  1 
ATOM   690  C  C   . ARG A 1 92  ? 6.766   1.602   -9.133  1.00 10.44 ? 92  ARG A C   1 
ATOM   691  O  O   . ARG A 1 92  ? 7.117   0.419   -9.047  1.00 11.04 ? 92  ARG A O   1 
ATOM   692  C  CB  . ARG A 1 92  ? 8.155   2.318   -11.133 1.00 11.92 ? 92  ARG A CB  1 
ATOM   693  C  CG  . ARG A 1 92  ? 6.992   2.295   -12.095 1.00 13.09 ? 92  ARG A CG  1 
ATOM   694  C  CD  . ARG A 1 92  ? 7.404   2.160   -13.573 1.00 14.12 ? 92  ARG A CD  1 
ATOM   695  N  NE  . ARG A 1 92  ? 8.152   3.294   -14.021 1.00 15.63 ? 92  ARG A NE  1 
ATOM   696  C  CZ  . ARG A 1 92  ? 9.473   3.362   -14.242 1.00 15.10 ? 92  ARG A CZ  1 
ATOM   697  N  NH1 . ARG A 1 92  ? 10.262  2.316   -14.075 1.00 15.08 ? 92  ARG A NH1 1 
ATOM   698  N  NH2 . ARG A 1 92  ? 10.031  4.484   -14.620 1.00 16.28 ? 92  ARG A NH2 1 
ATOM   699  N  N   . THR A 1 93  ? 5.574   2.036   -8.747  1.00 9.41  ? 93  THR A N   1 
ATOM   700  C  CA  . THR A 1 93  ? 4.618   1.228   -7.977  1.00 9.14  ? 93  THR A CA  1 
ATOM   701  C  C   . THR A 1 93  ? 3.343   0.959   -8.733  1.00 9.40  ? 93  THR A C   1 
ATOM   702  O  O   . THR A 1 93  ? 2.652   1.902   -9.183  1.00 9.82  ? 93  THR A O   1 
ATOM   703  C  CB  . THR A 1 93  ? 4.290   1.914   -6.639  1.00 9.37  ? 93  THR A CB  1 
ATOM   704  O  OG1 . THR A 1 93  ? 5.478   2.231   -5.938  1.00 10.15 ? 93  THR A OG1 1 
ATOM   705  C  CG2 . THR A 1 93  ? 3.414   1.056   -5.756  1.00 9.87  ? 93  THR A CG2 1 
ATOM   706  N  N   . TYR A 1 94  ? 2.965   -0.310  -8.861  1.00 9.78  ? 94  TYR A N   1 
ATOM   707  C  CA  . TYR A 1 94  ? 1.642   -0.735  -9.341  1.00 9.93  ? 94  TYR A CA  1 
ATOM   708  C  C   . TYR A 1 94  ? 0.680   -0.651  -8.170  1.00 9.57  ? 94  TYR A C   1 
ATOM   709  O  O   . TYR A 1 94  ? 0.973   -1.288  -7.126  1.00 11.24 ? 94  TYR A O   1 
ATOM   710  C  CB  . TYR A 1 94  ? 1.659   -2.181  -9.844  1.00 11.56 ? 94  TYR A CB  1 
ATOM   711  C  CG  . TYR A 1 94  ? 2.318   -2.413  -11.175 1.00 14.08 ? 94  TYR A CG  1 
ATOM   712  C  CD1 . TYR A 1 94  ? 3.668   -2.208  -11.366 1.00 16.09 ? 94  TYR A CD1 1 
ATOM   713  C  CD2 . TYR A 1 94  ? 1.538   -2.847  -12.233 1.00 14.93 ? 94  TYR A CD2 1 
ATOM   714  C  CE1 . TYR A 1 94  ? 4.256   -2.463  -12.614 1.00 20.78 ? 94  TYR A CE1 1 
ATOM   715  C  CE2 . TYR A 1 94  ? 2.116   -3.118  -13.465 1.00 18.08 ? 94  TYR A CE2 1 
ATOM   716  C  CZ  . TYR A 1 94  ? 3.450   -2.907  -13.638 1.00 18.51 ? 94  TYR A CZ  1 
ATOM   717  O  OH  . TYR A 1 94  ? 3.976   -3.198  -14.890 1.00 23.63 ? 94  TYR A OH  1 
ATOM   718  N  N   . VAL A 1 95  ? -0.419  0.048   -8.305  1.00 9.75  ? 95  VAL A N   1 
ATOM   719  C  CA  . VAL A 1 95  ? -1.366  0.257   -7.209  1.00 9.93  ? 95  VAL A CA  1 
ATOM   720  C  C   . VAL A 1 95  ? -2.681  -0.397  -7.594  1.00 10.58 ? 95  VAL A C   1 
ATOM   721  O  O   . VAL A 1 95  ? -3.280  -0.027  -8.618  1.00 11.57 ? 95  VAL A O   1 
ATOM   722  C  CB  . VAL A 1 95  ? -1.549  1.753   -6.932  1.00 10.34 ? 95  VAL A CB  1 
ATOM   723  C  CG1 . VAL A 1 95  ? -2.627  1.980   -5.891  1.00 11.49 ? 95  VAL A CG1 1 
ATOM   724  C  CG2 . VAL A 1 95  ? -0.247  2.402   -6.524  1.00 11.10 ? 95  VAL A CG2 1 
ATOM   725  N  N   . TYR A 1 96  ? -3.149  -1.312  -6.762  1.00 10.30 ? 96  TYR A N   1 
ATOM   726  C  CA  . TYR A 1 96  ? -4.407  -2.060  -6.966  1.00 10.89 ? 96  TYR A CA  1 
ATOM   727  C  C   . TYR A 1 96  ? -5.438  -1.686  -5.935  1.00 11.91 ? 96  TYR A C   1 
ATOM   728  O  O   . TYR A 1 96  ? -5.105  -1.361  -4.784  1.00 12.57 ? 96  TYR A O   1 
ATOM   729  C  CB  . TYR A 1 96  ? -4.201  -3.558  -6.875  1.00 11.44 ? 96  TYR A CB  1 
ATOM   730  C  CG  . TYR A 1 96  ? -3.364  -4.091  -7.979  1.00 11.44 ? 96  TYR A CG  1 
ATOM   731  C  CD1 . TYR A 1 96  ? -1.982  -4.066  -7.886  1.00 12.69 ? 96  TYR A CD1 1 
ATOM   732  C  CD2 . TYR A 1 96  ? -3.955  -4.610  -9.121  1.00 12.42 ? 96  TYR A CD2 1 
ATOM   733  C  CE1 . TYR A 1 96  ? -1.185  -4.546  -8.894  1.00 14.07 ? 96  TYR A CE1 1 
ATOM   734  C  CE2 . TYR A 1 96  ? -3.171  -5.078  -10.157 1.00 13.52 ? 96  TYR A CE2 1 
ATOM   735  C  CZ  . TYR A 1 96  ? -1.790  -5.049  -10.031 1.00 14.20 ? 96  TYR A CZ  1 
ATOM   736  O  OH  . TYR A 1 96  ? -1.031  -5.471  -11.098 1.00 19.45 ? 96  TYR A OH  1 
ATOM   737  N  N   . VAL A 1 97  ? -6.711  -1.831  -6.250  1.00 12.09 ? 97  VAL A N   1 
ATOM   738  C  CA  . VAL A 1 97  ? -7.794  -1.821  -5.244  1.00 12.44 ? 97  VAL A CA  1 
ATOM   739  C  C   . VAL A 1 97  ? -7.864  -3.199  -4.597  1.00 12.29 ? 97  VAL A C   1 
ATOM   740  O  O   . VAL A 1 97  ? -7.769  -4.225  -5.308  1.00 13.22 ? 97  VAL A O   1 
ATOM   741  C  CB  . VAL A 1 97  ? -9.110  -1.513  -5.971  1.00 13.31 ? 97  VAL A CB  1 
ATOM   742  C  CG1 . VAL A 1 97  ? -10.315 -1.798  -5.067  1.00 14.59 ? 97  VAL A CG1 1 
ATOM   743  C  CG2 . VAL A 1 97  ? -9.105  -0.118  -6.511  1.00 15.58 ? 97  VAL A CG2 1 
ATOM   744  N  N   . LEU A 1 98  ? -8.024  -3.209  -3.286  1.00 10.97 ? 98  LEU A N   1 
ATOM   745  C  CA  A LEU A 1 98  ? -8.331  -4.449  -2.533  0.50 10.62 ? 98  LEU A CA  1 
ATOM   746  C  CA  B LEU A 1 98  ? -8.329  -4.447  -2.541  0.50 11.89 ? 98  LEU A CA  1 
ATOM   747  C  C   . LEU A 1 98  ? -9.518  -4.153  -1.629  1.00 11.23 ? 98  LEU A C   1 
ATOM   748  O  O   . LEU A 1 98  ? -9.463  -3.192  -0.878  1.00 11.99 ? 98  LEU A O   1 
ATOM   749  C  CB  A LEU A 1 98  ? -7.128  -4.889  -1.698  0.50 10.45 ? 98  LEU A CB  1 
ATOM   750  C  CB  B LEU A 1 98  ? -7.073  -4.853  -1.771  0.50 13.58 ? 98  LEU A CB  1 
ATOM   751  C  CG  A LEU A 1 98  ? -7.291  -6.164  -0.850  0.50 9.97  ? 98  LEU A CG  1 
ATOM   752  C  CG  B LEU A 1 98  ? -7.132  -6.143  -0.953  0.50 15.42 ? 98  LEU A CG  1 
ATOM   753  C  CD1 A LEU A 1 98  ? -7.102  -7.390  -1.715  0.50 10.03 ? 98  LEU A CD1 1 
ATOM   754  C  CD1 B LEU A 1 98  ? -7.746  -5.908  0.398   0.50 15.56 ? 98  LEU A CD1 1 
ATOM   755  C  CD2 A LEU A 1 98  ? -6.206  -6.244  0.220   0.50 9.94  ? 98  LEU A CD2 1 
ATOM   756  C  CD2 B LEU A 1 98  ? -7.815  -7.241  -1.717  0.50 16.50 ? 98  LEU A CD2 1 
ATOM   757  N  N   . ILE A 1 99  ? -10.584 -4.973  -1.728  1.00 11.20 ? 99  ILE A N   1 
ATOM   758  C  CA  . ILE A 1 99  ? -11.727 -4.844  -0.806  1.00 11.24 ? 99  ILE A CA  1 
ATOM   759  C  C   . ILE A 1 99  ? -11.490 -5.801  0.353   1.00 10.17 ? 99  ILE A C   1 
ATOM   760  O  O   . ILE A 1 99  ? -11.451 -7.036  0.146   1.00 11.46 ? 99  ILE A O   1 
ATOM   761  C  CB  . ILE A 1 99  ? -13.050 -5.083  -1.527  1.00 12.48 ? 99  ILE A CB  1 
ATOM   762  C  CG1 . ILE A 1 99  ? -13.196 -4.230  -2.797  1.00 13.52 ? 99  ILE A CG1 1 
ATOM   763  C  CG2 . ILE A 1 99  ? -14.162 -4.870  -0.544  1.00 15.14 ? 99  ILE A CG2 1 
ATOM   764  C  CD1 . ILE A 1 99  ? -13.024 -2.757  -2.579  1.00 14.85 ? 99  ILE A CD1 1 
ATOM   765  N  N   . VAL A 1 100 ? -11.197 -5.252  1.503   1.00 10.62 ? 100 VAL A N   1 
ATOM   766  C  CA  . VAL A 1 100 ? -10.823 -6.052  2.686   1.00 10.90 ? 100 VAL A CA  1 
ATOM   767  C  C   . VAL A 1 100 ? -11.988 -6.920  3.140   1.00 10.87 ? 100 VAL A C   1 
ATOM   768  O  O   . VAL A 1 100 ? -13.067 -6.402  3.388   1.00 13.29 ? 100 VAL A O   1 
ATOM   769  C  CB  . VAL A 1 100 ? -10.323 -5.139  3.797   1.00 11.68 ? 100 VAL A CB  1 
ATOM   770  C  CG1 . VAL A 1 100 ? -10.014 -5.911  5.077   1.00 11.89 ? 100 VAL A CG1 1 
ATOM   771  C  CG2 . VAL A 1 100 ? -9.070  -4.389  3.344   1.00 12.11 ? 100 VAL A CG2 1 
ATOM   772  N  N   . THR A 1 101 ? -11.695 -8.208  3.305   1.00 11.39 ? 101 THR A N   1 
ATOM   773  C  CA  . THR A 1 101 ? -12.669 -9.166  3.893   1.00 12.91 ? 101 THR A CA  1 
ATOM   774  C  C   . THR A 1 101 ? -12.122 -9.859  5.117   1.00 13.71 ? 101 THR A C   1 
ATOM   775  O  O   . THR A 1 101 ? -12.955 -10.554 5.778   1.00 16.11 ? 101 THR A O   1 
ATOM   776  C  CB  . THR A 1 101 ? -13.176 -10.194 2.871   1.00 15.16 ? 101 THR A CB  1 
ATOM   777  O  OG1 . THR A 1 101 ? -12.063 -11.013 2.554   1.00 16.03 ? 101 THR A OG1 1 
ATOM   778  C  CG2 . THR A 1 101 ? -13.765 -9.546  1.631   1.00 16.80 ? 101 THR A CG2 1 
ATOM   779  N  N   A GLU A 1 102 ? -10.855 -9.752  5.455   0.50 11.85 ? 102 GLU A N   1 
ATOM   780  N  N   B GLU A 1 102 ? -10.860 -9.749  5.451   0.50 12.80 ? 102 GLU A N   1 
ATOM   781  C  CA  A GLU A 1 102 ? -10.276 -10.419 6.646   0.50 11.80 ? 102 GLU A CA  1 
ATOM   782  C  CA  B GLU A 1 102 ? -10.263 -10.438 6.618   0.50 13.38 ? 102 GLU A CA  1 
ATOM   783  C  C   A GLU A 1 102 ? -9.285  -9.491  7.313   0.50 11.90 ? 102 GLU A C   1 
ATOM   784  C  C   B GLU A 1 102 ? -9.355  -9.429  7.292   0.50 12.74 ? 102 GLU A C   1 
ATOM   785  O  O   A GLU A 1 102 ? -8.299  -9.070  6.667   0.50 11.50 ? 102 GLU A O   1 
ATOM   786  O  O   B GLU A 1 102 ? -8.562  -8.802  6.596   0.50 11.96 ? 102 GLU A O   1 
ATOM   787  C  CB  A GLU A 1 102 ? -9.566  -11.712 6.278   0.50 12.27 ? 102 GLU A CB  1 
ATOM   788  C  CB  B GLU A 1 102 ? -9.527  -11.691 6.158   0.50 15.42 ? 102 GLU A CB  1 
ATOM   789  C  CG  A GLU A 1 102 ? -10.472 -12.669 5.516   0.50 12.98 ? 102 GLU A CG  1 
ATOM   790  C  CG  B GLU A 1 102 ? -8.696  -12.355 7.230   0.50 17.42 ? 102 GLU A CG  1 
ATOM   791  C  CD  A GLU A 1 102 ? -9.958  -14.071 5.324   0.50 13.69 ? 102 GLU A CD  1 
ATOM   792  C  CD  B GLU A 1 102 ? -7.892  -13.576 6.803   0.50 21.13 ? 102 GLU A CD  1 
ATOM   793  O  OE1 A GLU A 1 102 ? -8.789  -14.215 5.548   0.50 13.26 ? 102 GLU A OE1 1 
ATOM   794  O  OE1 B GLU A 1 102 ? -8.204  -14.166 5.776   0.50 20.28 ? 102 GLU A OE1 1 
ATOM   795  O  OE2 A GLU A 1 102 ? -10.753 -14.993 4.909   0.50 13.91 ? 102 GLU A OE2 1 
ATOM   796  O  OE2 B GLU A 1 102 ? -6.985  -13.959 7.562   0.50 26.89 ? 102 GLU A OE2 1 
ATOM   797  N  N   . VAL A 1 103 ? -9.494  -9.237  8.596   1.00 12.21 ? 103 VAL A N   1 
ATOM   798  C  CA  . VAL A 1 103 ? -8.620  -8.386  9.401   1.00 12.10 ? 103 VAL A CA  1 
ATOM   799  C  C   . VAL A 1 103 ? -7.953  -9.290  10.412  1.00 12.27 ? 103 VAL A C   1 
ATOM   800  O  O   . VAL A 1 103 ? -8.657  -9.815  11.315  1.00 12.73 ? 103 VAL A O   1 
ATOM   801  C  CB  . VAL A 1 103 ? -9.366  -7.234  10.030  1.00 12.93 ? 103 VAL A CB  1 
ATOM   802  C  CG1 . VAL A 1 103 ? -8.443  -6.393  10.888  1.00 15.16 ? 103 VAL A CG1 1 
ATOM   803  C  CG2 . VAL A 1 103 ? -9.985  -6.332  8.974   1.00 13.69 ? 103 VAL A CG2 1 
ATOM   804  N  N   A LEU A 1 104 ? -6.651  -9.479  10.332  0.50 11.78 ? 104 LEU A N   1 
ATOM   805  N  N   B LEU A 1 104 ? -6.700  -9.650  10.197  0.50 12.51 ? 104 LEU A N   1 
ATOM   806  C  CA  A LEU A 1 104 ? -5.955  -10.515 11.121  0.50 12.31 ? 104 LEU A CA  1 
ATOM   807  C  CA  B LEU A 1 104 ? -5.942  -10.517 11.121  0.50 13.51 ? 104 LEU A CA  1 
ATOM   808  C  C   A LEU A 1 104 ? -5.180  -9.845  12.239  0.50 13.68 ? 104 LEU A C   1 
ATOM   809  C  C   B LEU A 1 104 ? -5.422  -9.721  12.309  0.50 14.69 ? 104 LEU A C   1 
ATOM   810  O  O   A LEU A 1 104 ? -4.524  -8.815  12.047  0.50 11.26 ? 104 LEU A O   1 
ATOM   811  O  O   B LEU A 1 104 ? -5.125  -8.504  12.193  0.50 14.09 ? 104 LEU A O   1 
ATOM   812  C  CB  A LEU A 1 104 ? -5.034  -11.346 10.224  0.50 13.11 ? 104 LEU A CB  1 
ATOM   813  C  CB  B LEU A 1 104 ? -4.758  -11.152 10.392  0.50 14.97 ? 104 LEU A CB  1 
ATOM   814  C  CG  A LEU A 1 104 ? -5.755  -12.043 9.085   0.50 14.34 ? 104 LEU A CG  1 
ATOM   815  C  CG  B LEU A 1 104 ? -5.113  -12.271 9.424   0.50 16.65 ? 104 LEU A CG  1 
ATOM   816  C  CD1 A LEU A 1 104 ? -4.762  -12.716 8.140   0.50 14.98 ? 104 LEU A CD1 1 
ATOM   817  C  CD1 B LEU A 1 104 ? -5.859  -13.386 10.125  0.50 17.89 ? 104 LEU A CD1 1 
ATOM   818  C  CD2 A LEU A 1 104 ? -6.827  -12.984 9.593   0.50 15.13 ? 104 LEU A CD2 1 
ATOM   819  C  CD2 B LEU A 1 104 ? -5.854  -11.757 8.175   0.50 19.26 ? 104 LEU A CD2 1 
ATOM   820  N  N   . GLU A 1 105 ? -5.241  -10.420 13.435  1.00 14.52 ? 105 GLU A N   1 
ATOM   821  C  CA  . GLU A 1 105 ? -4.453  -9.901  14.570  1.00 16.86 ? 105 GLU A CA  1 
ATOM   822  C  C   . GLU A 1 105 ? -3.026  -10.446 14.491  1.00 16.23 ? 105 GLU A C   1 
ATOM   823  O  O   . GLU A 1 105 ? -2.758  -11.481 13.855  1.00 19.11 ? 105 GLU A O   1 
ATOM   824  C  CB  . GLU A 1 105 ? -5.103  -10.365 15.870  1.00 17.29 ? 105 GLU A CB  1 
ATOM   825  C  CG  . GLU A 1 105 ? -6.470  -9.828  16.012  1.00 19.96 ? 105 GLU A CG  1 
ATOM   826  C  CD  . GLU A 1 105 ? -6.349  -8.339  16.234  1.00 29.29 ? 105 GLU A CD  1 
ATOM   827  O  OE1 . GLU A 1 105 ? -6.768  -7.611  15.359  1.00 27.21 ? 105 GLU A OE1 1 
ATOM   828  O  OE2 . GLU A 1 105 ? -5.777  -7.934  17.304  1.00 32.71 ? 105 GLU A OE2 1 
ATOM   829  N  N   . ASP A 1 106 ? -2.122  -9.772  15.143  1.00 20.59 ? 106 ASP A N   1 
ATOM   830  C  CA  . ASP A 1 106 ? -0.735  -10.261 15.336  1.00 23.66 ? 106 ASP A CA  1 
ATOM   831  C  C   . ASP A 1 106 ? -0.075  -10.562 14.012  1.00 22.68 ? 106 ASP A C   1 
ATOM   832  O  O   . ASP A 1 106 ? 0.551   -11.605 13.877  1.00 24.76 ? 106 ASP A O   1 
ATOM   833  C  CB  . ASP A 1 106 ? -0.694  -11.500 16.240  1.00 26.12 ? 106 ASP A CB  1 
ATOM   834  C  CG  . ASP A 1 106 ? -1.314  -11.166 17.557  1.00 32.83 ? 106 ASP A CG  1 
ATOM   835  O  OD1 . ASP A 1 106 ? -1.048  -10.060 18.040  1.00 33.10 ? 106 ASP A OD1 1 
ATOM   836  O  OD2 . ASP A 1 106 ? -2.147  -11.989 18.018  1.00 38.38 ? 106 ASP A OD2 1 
ATOM   837  N  N   . TRP A 1 107 ? -0.170  -9.630  13.052  1.00 17.95 ? 107 TRP A N   1 
ATOM   838  C  CA  . TRP A 1 107 ? 0.365   -9.853  11.694  1.00 17.20 ? 107 TRP A CA  1 
ATOM   839  C  C   . TRP A 1 107 ? 1.878   -9.587  11.701  1.00 16.61 ? 107 TRP A C   1 
ATOM   840  O  O   . TRP A 1 107 ? 2.401   -9.056  12.687  1.00 16.98 ? 107 TRP A O   1 
ATOM   841  C  CB  . TRP A 1 107 ? -0.396  -8.986  10.673  1.00 15.43 ? 107 TRP A CB  1 
ATOM   842  C  CG  . TRP A 1 107 ? -0.185  -7.507  10.781  1.00 14.99 ? 107 TRP A CG  1 
ATOM   843  C  CD1 . TRP A 1 107 ? 0.641   -6.764  9.982   1.00 13.87 ? 107 TRP A CD1 1 
ATOM   844  C  CD2 . TRP A 1 107 ? -0.857  -6.569  11.640  1.00 14.97 ? 107 TRP A CD2 1 
ATOM   845  N  NE1 . TRP A 1 107 ? 0.583   -5.460  10.360  1.00 14.14 ? 107 TRP A NE1 1 
ATOM   846  C  CE2 . TRP A 1 107 ? -0.339  -5.290  11.351  1.00 13.74 ? 107 TRP A CE2 1 
ATOM   847  C  CE3 . TRP A 1 107 ? -1.798  -6.657  12.683  1.00 15.35 ? 107 TRP A CE3 1 
ATOM   848  C  CZ2 . TRP A 1 107 ? -0.719  -4.142  12.022  1.00 15.77 ? 107 TRP A CZ2 1 
ATOM   849  C  CZ3 . TRP A 1 107 ? -2.171  -5.509  13.340  1.00 16.13 ? 107 TRP A CZ3 1 
ATOM   850  C  CH2 . TRP A 1 107 ? -1.629  -4.266  13.049  1.00 16.14 ? 107 TRP A CH2 1 
ATOM   851  N  N   . GLU A 1 108 ? 2.525   -9.894  10.606  1.00 17.11 ? 108 GLU A N   1 
ATOM   852  C  CA  . GLU A 1 108 ? 3.995   -9.927  10.545  1.00 17.50 ? 108 GLU A CA  1 
ATOM   853  C  C   . GLU A 1 108 ? 4.596   -8.625  11.073  1.00 17.23 ? 108 GLU A C   1 
ATOM   854  O  O   . GLU A 1 108 ? 5.390   -8.598  12.046  1.00 18.20 ? 108 GLU A O   1 
ATOM   855  C  CB  . GLU A 1 108 ? 4.420   -10.238 9.121   1.00 19.28 ? 108 GLU A CB  1 
ATOM   856  C  CG  . GLU A 1 108 ? 5.926   -10.188 8.889   1.00 22.24 ? 108 GLU A CG  1 
ATOM   857  C  CD  . GLU A 1 108 ? 6.300   -10.717 7.524   1.00 24.55 ? 108 GLU A CD  1 
ATOM   858  O  OE1 . GLU A 1 108 ? 5.787   -11.787 7.148   1.00 30.43 ? 108 GLU A OE1 1 
ATOM   859  O  OE2 . GLU A 1 108 ? 7.066   -10.052 6.797   1.00 25.12 ? 108 GLU A OE2 1 
ATOM   860  N  N   . ASP A 1 109 ? 4.206   -7.482  10.518  1.00 15.39 ? 109 ASP A N   1 
ATOM   861  C  CA  . ASP A 1 109 ? 4.836   -6.221  10.943  1.00 15.55 ? 109 ASP A CA  1 
ATOM   862  C  C   . ASP A 1 109 ? 4.356   -5.761  12.313  1.00 15.37 ? 109 ASP A C   1 
ATOM   863  O  O   . ASP A 1 109 ? 5.094   -4.995  12.954  1.00 16.14 ? 109 ASP A O   1 
ATOM   864  C  CB  . ASP A 1 109 ? 4.650   -5.134  9.891   1.00 14.69 ? 109 ASP A CB  1 
ATOM   865  C  CG  . ASP A 1 109 ? 5.619   -5.219  8.745   1.00 16.20 ? 109 ASP A CG  1 
ATOM   866  O  OD1 . ASP A 1 109 ? 6.502   -6.125  8.775   1.00 17.88 ? 109 ASP A OD1 1 
ATOM   867  O  OD2 . ASP A 1 109 ? 5.492   -4.375  7.878   1.00 16.74 ? 109 ASP A OD2 1 
ATOM   868  N  N   . SER A 1 110 ? 3.181   -6.136  12.787  1.00 16.02 ? 110 SER A N   1 
ATOM   869  C  CA  A SER A 1 110 ? 2.754   -5.808  14.176  0.50 15.88 ? 110 SER A CA  1 
ATOM   870  C  CA  B SER A 1 110 ? 2.778   -5.767  14.174  0.50 17.59 ? 110 SER A CA  1 
ATOM   871  C  C   . SER A 1 110 ? 3.721   -6.476  15.157  1.00 17.43 ? 110 SER A C   1 
ATOM   872  O  O   . SER A 1 110 ? 4.246   -5.780  16.023  1.00 20.68 ? 110 SER A O   1 
ATOM   873  C  CB  A SER A 1 110 ? 1.344   -6.251  14.426  0.50 15.49 ? 110 SER A CB  1 
ATOM   874  C  CB  B SER A 1 110 ? 1.324   -6.053  14.456  0.50 19.46 ? 110 SER A CB  1 
ATOM   875  O  OG  A SER A 1 110 ? 0.973   -6.013  15.777  0.50 14.33 ? 110 SER A OG  1 
ATOM   876  O  OG  B SER A 1 110 ? 1.089   -7.441  14.638  0.50 23.63 ? 110 SER A OG  1 
ATOM   877  N  N   . VAL A 1 111 ? 3.983   -7.725  14.917  1.00 18.58 ? 111 VAL A N   1 
ATOM   878  C  CA  . VAL A 1 111 ? 4.828   -8.548  15.840  1.00 21.13 ? 111 VAL A CA  1 
ATOM   879  C  C   . VAL A 1 111 ? 6.257   -8.029  15.726  1.00 22.93 ? 111 VAL A C   1 
ATOM   880  O  O   . VAL A 1 111 ? 6.906   -7.836  16.761  1.00 26.75 ? 111 VAL A O   1 
ATOM   881  C  CB  . VAL A 1 111 ? 4.737   -10.047 15.497  1.00 23.64 ? 111 VAL A CB  1 
ATOM   882  C  CG1 . VAL A 1 111 ? 5.769   -10.870 16.298  1.00 26.19 ? 111 VAL A CG1 1 
ATOM   883  C  CG2 . VAL A 1 111 ? 3.349   -10.617 15.767  1.00 25.37 ? 111 VAL A CG2 1 
ATOM   884  N  N   . ASN A 1 112 ? 6.737   -7.791  14.507  1.00 20.49 ? 112 ASN A N   1 
ATOM   885  C  CA  . ASN A 1 112 ? 8.190   -7.563  14.280  1.00 22.67 ? 112 ASN A CA  1 
ATOM   886  C  C   . ASN A 1 112 ? 8.602   -6.121  14.554  1.00 24.39 ? 112 ASN A C   1 
ATOM   887  O  O   . ASN A 1 112 ? 9.718   -5.935  15.127  1.00 26.53 ? 112 ASN A O   1 
ATOM   888  C  CB  . ASN A 1 112 ? 8.631   -8.019  12.902  1.00 23.02 ? 112 ASN A CB  1 
ATOM   889  C  CG  . ASN A 1 112 ? 8.525   -9.511  12.711  1.00 26.92 ? 112 ASN A CG  1 
ATOM   890  O  OD1 . ASN A 1 112 ? 8.317   -10.249 13.668  1.00 34.41 ? 112 ASN A OD1 1 
ATOM   891  N  ND2 . ASN A 1 112 ? 8.660   -9.978  11.481  1.00 29.29 ? 112 ASN A ND2 1 
ATOM   892  N  N   . ILE A 1 113 ? 7.828   -5.110  14.171  1.00 21.57 ? 113 ILE A N   1 
ATOM   893  C  CA  . ILE A 1 113 ? 8.265   -3.693  14.284  1.00 21.91 ? 113 ILE A CA  1 
ATOM   894  C  C   . ILE A 1 113 ? 7.200   -2.831  14.944  1.00 18.78 ? 113 ILE A C   1 
ATOM   895  O  O   . ILE A 1 113 ? 7.404   -1.656  14.995  1.00 21.83 ? 113 ILE A O   1 
ATOM   896  C  CB  . ILE A 1 113 ? 8.696   -3.131  12.910  1.00 21.95 ? 113 ILE A CB  1 
ATOM   897  C  CG1 . ILE A 1 113 ? 7.520   -2.984  11.931  1.00 22.98 ? 113 ILE A CG1 1 
ATOM   898  C  CG2 . ILE A 1 113 ? 9.814   -3.961  12.304  1.00 24.68 ? 113 ILE A CG2 1 
ATOM   899  C  CD1 . ILE A 1 113 ? 7.870   -2.210  10.673  1.00 23.09 ? 113 ILE A CD1 1 
ATOM   900  N  N   . GLY A 1 114 ? 6.101   -3.384  15.468  1.00 18.84 ? 114 GLY A N   1 
ATOM   901  C  CA  . GLY A 1 114 ? 5.024   -2.589  16.098  1.00 18.70 ? 114 GLY A CA  1 
ATOM   902  C  C   . GLY A 1 114 ? 4.297   -1.689  15.122  1.00 17.10 ? 114 GLY A C   1 
ATOM   903  O  O   . GLY A 1 114 ? 3.829   -0.636  15.488  1.00 17.78 ? 114 GLY A O   1 
ATOM   904  N  N   . ARG A 1 115 ? 4.244   -2.126  13.858  1.00 16.86 ? 115 ARG A N   1 
ATOM   905  C  CA  . ARG A 1 115 ? 3.529   -1.331  12.839  1.00 15.24 ? 115 ARG A CA  1 
ATOM   906  C  C   . ARG A 1 115 ? 2.066   -1.186  13.274  1.00 14.45 ? 115 ARG A C   1 
ATOM   907  O  O   . ARG A 1 115 ? 1.443   -2.193  13.698  1.00 17.59 ? 115 ARG A O   1 
ATOM   908  C  CB  . ARG A 1 115 ? 3.592   -2.078  11.518  1.00 15.26 ? 115 ARG A CB  1 
ATOM   909  C  CG  . ARG A 1 115 ? 2.867   -1.423  10.359  1.00 17.87 ? 115 ARG A CG  1 
ATOM   910  C  CD  . ARG A 1 115 ? 3.796   -0.725  9.404   1.00 17.89 ? 115 ARG A CD  1 
ATOM   911  N  NE  . ARG A 1 115 ? 4.624   -1.562  8.540   1.00 16.02 ? 115 ARG A NE  1 
ATOM   912  C  CZ  . ARG A 1 115 ? 5.400   -1.045  7.587   1.00 12.93 ? 115 ARG A CZ  1 
ATOM   913  N  NH1 . ARG A 1 115 ? 5.548   0.260   7.477   1.00 13.68 ? 115 ARG A NH1 1 
ATOM   914  N  NH2 . ARG A 1 115 ? 6.048   -1.853  6.797   1.00 14.87 ? 115 ARG A NH2 1 
ATOM   915  N  N   . LYS A 1 116 ? 1.498   -0.012  13.090  1.00 14.33 ? 116 LYS A N   1 
ATOM   916  C  CA  . LYS A 1 116 ? 0.098   0.298   13.384  1.00 14.80 ? 116 LYS A CA  1 
ATOM   917  C  C   . LYS A 1 116 ? -0.717  0.361   12.087  1.00 13.13 ? 116 LYS A C   1 
ATOM   918  O  O   . LYS A 1 116 ? -0.117  0.639   10.991  1.00 12.44 ? 116 LYS A O   1 
ATOM   919  C  CB  . LYS A 1 116 ? -0.017  1.667   14.058  1.00 18.63 ? 116 LYS A CB  1 
ATOM   920  C  CG  . LYS A 1 116 ? 0.758   1.758   15.381  1.00 25.96 ? 116 LYS A CG  1 
ATOM   921  C  CD  . LYS A 1 116 ? 0.572   3.087   16.081  1.00 33.02 ? 116 LYS A CD  1 
ATOM   922  C  CE  . LYS A 1 116 ? 0.989   4.304   15.266  1.00 37.49 ? 116 LYS A CE  1 
ATOM   923  N  NZ  . LYS A 1 116 ? 2.474   4.434   15.239  1.00 38.88 ? 116 LYS A NZ  1 
ATOM   924  N  N   . ARG A 1 117 ? -2.030  0.242   12.169  1.00 12.78 ? 117 ARG A N   1 
ATOM   925  C  CA  . ARG A 1 117 ? -2.920  0.392   11.007  1.00 12.29 ? 117 ARG A CA  1 
ATOM   926  C  C   . ARG A 1 117 ? -4.142  1.162   11.447  1.00 12.88 ? 117 ARG A C   1 
ATOM   927  O  O   . ARG A 1 117 ? -4.555  1.032   12.654  1.00 14.39 ? 117 ARG A O   1 
ATOM   928  C  CB  . ARG A 1 117 ? -3.274  -0.972  10.411  1.00 11.54 ? 117 ARG A CB  1 
ATOM   929  C  CG  . ARG A 1 117 ? -4.093  -1.828  11.358  1.00 12.23 ? 117 ARG A CG  1 
ATOM   930  C  CD  . ARG A 1 117 ? -4.297  -3.216  10.821  1.00 13.08 ? 117 ARG A CD  1 
ATOM   931  N  NE  . ARG A 1 117 ? -4.955  -4.033  11.851  1.00 13.02 ? 117 ARG A NE  1 
ATOM   932  C  CZ  . ARG A 1 117 ? -5.059  -5.339  11.797  1.00 12.44 ? 117 ARG A CZ  1 
ATOM   933  N  NH1 . ARG A 1 117 ? -4.611  -6.044  10.782  1.00 12.83 ? 117 ARG A NH1 1 
ATOM   934  N  NH2 . ARG A 1 117 ? -5.586  -5.981  12.846  1.00 14.05 ? 117 ARG A NH2 1 
ATOM   935  N  N   . GLU A 1 118 ? -4.783  1.880   10.576  1.00 12.68 ? 118 GLU A N   1 
ATOM   936  C  CA  . GLU A 1 118 ? -5.950  2.687   10.938  1.00 12.48 ? 118 GLU A CA  1 
ATOM   937  C  C   . GLU A 1 118 ? -6.772  2.939   9.673   1.00 12.72 ? 118 GLU A C   1 
ATOM   938  O  O   . GLU A 1 118 ? -6.195  3.163   8.581   1.00 12.35 ? 118 GLU A O   1 
ATOM   939  C  CB  . GLU A 1 118 ? -5.499  3.996   11.602  1.00 15.28 ? 118 GLU A CB  1 
ATOM   940  C  CG  . GLU A 1 118 ? -6.580  4.900   12.079  1.00 19.63 ? 118 GLU A CG  1 
ATOM   941  C  CD  . GLU A 1 118 ? -5.973  5.936   13.034  1.00 21.24 ? 118 GLU A CD  1 
ATOM   942  O  OE1 . GLU A 1 118 ? -5.268  5.548   13.987  1.00 25.12 ? 118 GLU A OE1 1 
ATOM   943  O  OE2 . GLU A 1 118 ? -6.224  7.088   12.780  1.00 28.03 ? 118 GLU A OE2 1 
ATOM   944  N  N   . TRP A 1 119 ? -8.089  2.951   9.798   1.00 12.58 ? 119 TRP A N   1 
ATOM   945  C  CA  . TRP A 1 119 ? -8.998  3.346   8.727   1.00 12.46 ? 119 TRP A CA  1 
ATOM   946  C  C   . TRP A 1 119 ? -9.044  4.859   8.629   1.00 13.53 ? 119 TRP A C   1 
ATOM   947  O  O   . TRP A 1 119 ? -9.214  5.554   9.679   1.00 14.11 ? 119 TRP A O   1 
ATOM   948  C  CB  . TRP A 1 119 ? -10.431 2.827   8.962   1.00 13.74 ? 119 TRP A CB  1 
ATOM   949  C  CG  . TRP A 1 119 ? -10.554 1.337   8.922   1.00 15.28 ? 119 TRP A CG  1 
ATOM   950  C  CD1 . TRP A 1 119 ? -10.881 0.529   9.971   1.00 19.38 ? 119 TRP A CD1 1 
ATOM   951  C  CD2 . TRP A 1 119 ? -10.413 0.477   7.784   1.00 14.79 ? 119 TRP A CD2 1 
ATOM   952  N  NE1 . TRP A 1 119 ? -10.935 -0.772  9.557   1.00 20.12 ? 119 TRP A NE1 1 
ATOM   953  C  CE2 . TRP A 1 119 ? -10.624 -0.841  8.220   1.00 16.57 ? 119 TRP A CE2 1 
ATOM   954  C  CE3 . TRP A 1 119 ? -10.114 0.688   6.433   1.00 14.13 ? 119 TRP A CE3 1 
ATOM   955  C  CZ2 . TRP A 1 119 ? -10.500 -1.943  7.372   1.00 16.74 ? 119 TRP A CZ2 1 
ATOM   956  C  CZ3 . TRP A 1 119 ? -10.046 -0.396  5.587   1.00 14.70 ? 119 TRP A CZ3 1 
ATOM   957  C  CH2 . TRP A 1 119 ? -10.210 -1.690  6.062   1.00 14.93 ? 119 TRP A CH2 1 
ATOM   958  N  N   . PHE A 1 120 ? -9.064  5.359   7.413   1.00 12.00 ? 120 PHE A N   1 
ATOM   959  C  CA  . PHE A 1 120 ? -9.204  6.802   7.122   1.00 12.05 ? 120 PHE A CA  1 
ATOM   960  C  C   . PHE A 1 120 ? -10.249 7.016   6.072   1.00 12.44 ? 120 PHE A C   1 
ATOM   961  O  O   . PHE A 1 120 ? -10.265 6.353   5.020   1.00 13.19 ? 120 PHE A O   1 
ATOM   962  C  CB  . PHE A 1 120 ? -7.898  7.349   6.558   1.00 12.03 ? 120 PHE A CB  1 
ATOM   963  C  CG  . PHE A 1 120 ? -6.801  7.504   7.562   1.00 12.29 ? 120 PHE A CG  1 
ATOM   964  C  CD1 . PHE A 1 120 ? -6.000  6.444   7.949   1.00 12.01 ? 120 PHE A CD1 1 
ATOM   965  C  CD2 . PHE A 1 120 ? -6.539  8.768   8.113   1.00 13.60 ? 120 PHE A CD2 1 
ATOM   966  C  CE1 . PHE A 1 120 ? -5.003  6.615   8.901   1.00 12.48 ? 120 PHE A CE1 1 
ATOM   967  C  CE2 . PHE A 1 120 ? -5.536  8.925   9.048   1.00 14.29 ? 120 PHE A CE2 1 
ATOM   968  C  CZ  . PHE A 1 120 ? -4.773  7.859   9.442   1.00 13.35 ? 120 PHE A CZ  1 
ATOM   969  N  N   . LYS A 1 121 ? -11.127 7.992   6.260   1.00 13.83 ? 121 LYS A N   1 
ATOM   970  C  CA  . LYS A 1 121 ? -11.917 8.464   5.113   1.00 14.95 ? 121 LYS A CA  1 
ATOM   971  C  C   . LYS A 1 121 ? -10.957 8.928   4.024   1.00 13.76 ? 121 LYS A C   1 
ATOM   972  O  O   . LYS A 1 121 ? -9.869  9.453   4.348   1.00 13.10 ? 121 LYS A O   1 
ATOM   973  C  CB  . LYS A 1 121 ? -12.857 9.600   5.529   1.00 17.76 ? 121 LYS A CB  1 
ATOM   974  C  CG  . LYS A 1 121 ? -13.911 9.200   6.541   1.00 22.29 ? 121 LYS A CG  1 
ATOM   975  C  CD  . LYS A 1 121 ? -14.483 10.368  7.325   1.00 30.05 ? 121 LYS A CD  1 
ATOM   976  C  CE  . LYS A 1 121 ? -15.312 11.255  6.448   1.00 37.06 ? 121 LYS A CE  1 
ATOM   977  N  NZ  . LYS A 1 121 ? -16.204 12.105  7.285   1.00 43.29 ? 121 LYS A NZ  1 
ATOM   978  N  N   . ILE A 1 122 ? -11.310 8.795   2.774   1.00 13.51 ? 122 ILE A N   1 
ATOM   979  C  CA  . ILE A 1 122 ? -10.383 9.113   1.658   1.00 13.93 ? 122 ILE A CA  1 
ATOM   980  C  C   . ILE A 1 122 ? -9.813  10.535  1.831   1.00 14.94 ? 122 ILE A C   1 
ATOM   981  O  O   . ILE A 1 122 ? -8.615  10.730  1.645   1.00 14.22 ? 122 ILE A O   1 
ATOM   982  C  CB  . ILE A 1 122 ? -11.041 8.952   0.274   1.00 16.33 ? 122 ILE A CB  1 
ATOM   983  C  CG1 . ILE A 1 122 ? -11.735 7.602   0.104   1.00 17.32 ? 122 ILE A CG1 1 
ATOM   984  C  CG2 . ILE A 1 122 ? -10.027 9.243   -0.824  1.00 17.44 ? 122 ILE A CG2 1 
ATOM   985  C  CD1 . ILE A 1 122 ? -10.909 6.420   0.538   1.00 18.51 ? 122 ILE A CD1 1 
ATOM   986  N  N   A GLU A 1 123 ? -10.640 11.536  2.113   0.50 14.76 ? 123 GLU A N   1 
ATOM   987  N  N   B GLU A 1 123 ? -10.668 11.526  2.112   0.50 14.62 ? 123 GLU A N   1 
ATOM   988  C  CA  A GLU A 1 123 ? -10.087 12.910  2.128   0.50 14.57 ? 123 GLU A CA  1 
ATOM   989  C  CA  B GLU A 1 123 ? -10.221 12.940  2.230   0.50 14.58 ? 123 GLU A CA  1 
ATOM   990  C  C   A GLU A 1 123 ? -9.086  13.022  3.291   0.50 13.95 ? 123 GLU A C   1 
ATOM   991  C  C   B GLU A 1 123 ? -9.117  13.013  3.282   0.50 13.85 ? 123 GLU A C   1 
ATOM   992  O  O   A GLU A 1 123 ? -8.077  13.737  3.147   0.50 13.93 ? 123 GLU A O   1 
ATOM   993  O  O   B GLU A 1 123 ? -8.127  13.728  3.055   0.50 14.35 ? 123 GLU A O   1 
ATOM   994  C  CB  A GLU A 1 123 ? -11.211 13.941  2.182   0.50 17.52 ? 123 GLU A CB  1 
ATOM   995  C  CB  B GLU A 1 123 ? -11.389 13.839  2.655   0.50 16.89 ? 123 GLU A CB  1 
ATOM   996  C  CG  A GLU A 1 123 ? -11.854 14.263  0.844   0.50 22.12 ? 123 GLU A CG  1 
ATOM   997  C  CG  B GLU A 1 123 ? -11.032 15.329  2.740   0.50 19.95 ? 123 GLU A CG  1 
ATOM   998  C  CD  A GLU A 1 123 ? -10.998 14.278  -0.420  0.50 25.20 ? 123 GLU A CD  1 
ATOM   999  C  CD  B GLU A 1 123 ? -12.181 16.219  3.186   0.50 23.87 ? 123 GLU A CD  1 
ATOM   1000 O  OE1 A GLU A 1 123 ? -10.123 15.203  -0.603  0.50 25.70 ? 123 GLU A OE1 1 
ATOM   1001 O  OE1 B GLU A 1 123 ? -13.310 15.730  3.245   0.50 27.00 ? 123 GLU A OE1 1 
ATOM   1002 O  OE2 A GLU A 1 123 ? -11.208 13.363  -1.242  0.50 27.95 ? 123 GLU A OE2 1 
ATOM   1003 O  OE2 B GLU A 1 123 ? -11.918 17.372  3.525   0.50 28.33 ? 123 GLU A OE2 1 
ATOM   1004 N  N   . ASP A 1 124 ? -9.263  12.299  4.395   1.00 13.40 ? 124 ASP A N   1 
ATOM   1005 C  CA  . ASP A 1 124 ? -8.286  12.324  5.498   1.00 13.36 ? 124 ASP A CA  1 
ATOM   1006 C  C   . ASP A 1 124 ? -7.004  11.553  5.154   1.00 12.93 ? 124 ASP A C   1 
ATOM   1007 O  O   . ASP A 1 124 ? -5.900  11.942  5.598   1.00 12.98 ? 124 ASP A O   1 
ATOM   1008 C  CB  . ASP A 1 124 ? -8.913  11.824  6.789   1.00 14.74 ? 124 ASP A CB  1 
ATOM   1009 C  CG  . ASP A 1 124 ? -10.016 12.743  7.278   1.00 18.96 ? 124 ASP A CG  1 
ATOM   1010 O  OD1 . ASP A 1 124 ? -9.803  13.974  7.197   1.00 19.94 ? 124 ASP A OD1 1 
ATOM   1011 O  OD2 . ASP A 1 124 ? -11.105 12.234  7.658   1.00 21.20 ? 124 ASP A OD2 1 
ATOM   1012 N  N   . ALA A 1 125 ? -7.118  10.443  4.415   1.00 12.38 ? 125 ALA A N   1 
ATOM   1013 C  CA  . ALA A 1 125 ? -5.919  9.713   3.945   1.00 12.02 ? 125 ALA A CA  1 
ATOM   1014 C  C   . ALA A 1 125 ? -5.064  10.661  3.101   1.00 11.74 ? 125 ALA A C   1 
ATOM   1015 O  O   . ALA A 1 125 ? -3.844  10.737  3.264   1.00 12.72 ? 125 ALA A O   1 
ATOM   1016 C  CB  . ALA A 1 125 ? -6.339  8.477   3.168   1.00 13.16 ? 125 ALA A CB  1 
ATOM   1017 N  N   . ILE A 1 126 ? -5.679  11.318  2.130   1.00 12.24 ? 126 ILE A N   1 
ATOM   1018 C  CA  . ILE A 1 126 ? -4.946  12.262  1.259   1.00 12.88 ? 126 ILE A CA  1 
ATOM   1019 C  C   . ILE A 1 126 ? -4.237  13.292  2.140   1.00 12.63 ? 126 ILE A C   1 
ATOM   1020 O  O   . ILE A 1 126 ? -3.062  13.544  1.971   1.00 12.87 ? 126 ILE A O   1 
ATOM   1021 C  CB  . ILE A 1 126 ? -5.902  12.905  0.250   1.00 13.45 ? 126 ILE A CB  1 
ATOM   1022 C  CG1 . ILE A 1 126 ? -6.387  11.856  -0.757  1.00 15.14 ? 126 ILE A CG1 1 
ATOM   1023 C  CG2 . ILE A 1 126 ? -5.245  14.129  -0.381  1.00 15.46 ? 126 ILE A CG2 1 
ATOM   1024 C  CD1 . ILE A 1 126 ? -7.534  12.391  -1.594  1.00 16.30 ? 126 ILE A CD1 1 
ATOM   1025 N  N   . LYS A 1 127 ? -4.936  13.848  3.137   1.00 12.13 ? 127 LYS A N   1 
ATOM   1026 C  CA  . LYS A 1 127 ? -4.339  14.869  4.014   1.00 12.64 ? 127 LYS A CA  1 
ATOM   1027 C  C   . LYS A 1 127 ? -3.107  14.335  4.730   1.00 11.99 ? 127 LYS A C   1 
ATOM   1028 O  O   . LYS A 1 127 ? -2.072  15.013  4.703   1.00 12.69 ? 127 LYS A O   1 
ATOM   1029 C  CB  . LYS A 1 127 ? -5.346  15.357  5.065   1.00 13.20 ? 127 LYS A CB  1 
ATOM   1030 C  CG  . LYS A 1 127 ? -6.391  16.287  4.482   1.00 16.13 ? 127 LYS A CG  1 
ATOM   1031 C  CD  . LYS A 1 127 ? -7.405  16.788  5.489   1.00 18.91 ? 127 LYS A CD  1 
ATOM   1032 C  CE  . LYS A 1 127 ? -8.308  17.772  4.813   1.00 23.64 ? 127 LYS A CE  1 
ATOM   1033 N  NZ  . LYS A 1 127 ? -9.340  18.160  5.795   1.00 28.03 ? 127 LYS A NZ  1 
ATOM   1034 N  N   . VAL A 1 128 ? -3.154  13.167  5.346   1.00 10.81 ? 128 VAL A N   1 
ATOM   1035 C  CA  . VAL A 1 128 ? -2.018  12.685  6.142   1.00 11.31 ? 128 VAL A CA  1 
ATOM   1036 C  C   . VAL A 1 128 ? -0.868  12.213  5.240   1.00 10.60 ? 128 VAL A C   1 
ATOM   1037 O  O   . VAL A 1 128 ? 0.246   12.185  5.719   1.00 11.58 ? 128 VAL A O   1 
ATOM   1038 C  CB  . VAL A 1 128 ? -2.391  11.657  7.202   1.00 11.78 ? 128 VAL A CB  1 
ATOM   1039 C  CG1 . VAL A 1 128 ? -3.358  12.243  8.246   1.00 12.56 ? 128 VAL A CG1 1 
ATOM   1040 C  CG2 . VAL A 1 128 ? -2.916  10.364  6.616   1.00 12.21 ? 128 VAL A CG2 1 
ATOM   1041 N  N   . LEU A 1 129 ? -1.165  11.854  4.003   1.00 10.74 ? 129 LEU A N   1 
ATOM   1042 C  CA  . LEU A 1 129 ? -0.072  11.400  3.096   1.00 10.71 ? 129 LEU A CA  1 
ATOM   1043 C  C   . LEU A 1 129 ? 0.664   12.579  2.482   1.00 11.48 ? 129 LEU A C   1 
ATOM   1044 O  O   . LEU A 1 129 ? 1.788   12.406  2.011   1.00 11.54 ? 129 LEU A O   1 
ATOM   1045 C  CB  . LEU A 1 129 ? -0.673  10.523  2.002   1.00 10.23 ? 129 LEU A CB  1 
ATOM   1046 C  CG  . LEU A 1 129 ? -1.200  9.177   2.477   1.00 10.27 ? 129 LEU A CG  1 
ATOM   1047 C  CD1 . LEU A 1 129 ? -2.111  8.567   1.429   1.00 11.00 ? 129 LEU A CD1 1 
ATOM   1048 C  CD2 . LEU A 1 129 ? -0.081  8.233   2.856   1.00 10.31 ? 129 LEU A CD2 1 
ATOM   1049 N  N   . GLN A 1 130 ? 0.039   13.745  2.399   1.00 10.84 ? 130 GLN A N   1 
ATOM   1050 C  CA  . GLN A 1 130 ? 0.546   14.811  1.531   1.00 11.83 ? 130 GLN A CA  1 
ATOM   1051 C  C   . GLN A 1 130 ? 1.957   15.266  1.863   1.00 11.20 ? 130 GLN A C   1 
ATOM   1052 O  O   . GLN A 1 130 ? 2.732   15.567  0.912   1.00 12.72 ? 130 GLN A O   1 
ATOM   1053 C  CB  . GLN A 1 130 ? -0.354  16.039  1.645   1.00 13.58 ? 130 GLN A CB  1 
ATOM   1054 C  CG  . GLN A 1 130 ? -0.195  16.979  0.498   1.00 17.45 ? 130 GLN A CG  1 
ATOM   1055 C  CD  . GLN A 1 130 ? -0.878  16.409  -0.724  1.00 17.05 ? 130 GLN A CD  1 
ATOM   1056 O  OE1 . GLN A 1 130 ? -2.107  16.268  -0.824  1.00 22.33 ? 130 GLN A OE1 1 
ATOM   1057 N  NE2 . GLN A 1 130 ? -0.041  16.129  -1.670  1.00 18.86 ? 130 GLN A NE2 1 
ATOM   1058 N  N   . TYR A 1 131 ? 2.341   15.373  3.120   1.00 10.95 ? 131 TYR A N   1 
ATOM   1059 C  CA  . TYR A 1 131 ? 3.603   16.057  3.436   1.00 11.57 ? 131 TYR A CA  1 
ATOM   1060 C  C   . TYR A 1 131 ? 4.808   15.248  2.977   1.00 11.42 ? 131 TYR A C   1 
ATOM   1061 O  O   . TYR A 1 131 ? 5.729   15.818  2.404   1.00 13.18 ? 131 TYR A O   1 
ATOM   1062 C  CB  . TYR A 1 131 ? 3.683   16.365  4.936   1.00 12.18 ? 131 TYR A CB  1 
ATOM   1063 C  CG  . TYR A 1 131 ? 4.951   17.109  5.280   1.00 11.83 ? 131 TYR A CG  1 
ATOM   1064 C  CD1 . TYR A 1 131 ? 5.154   18.402  4.836   1.00 11.68 ? 131 TYR A CD1 1 
ATOM   1065 C  CD2 . TYR A 1 131 ? 5.942   16.510  6.021   1.00 13.87 ? 131 TYR A CD2 1 
ATOM   1066 C  CE1 . TYR A 1 131 ? 6.317   19.090  5.120   1.00 13.28 ? 131 TYR A CE1 1 
ATOM   1067 C  CE2 . TYR A 1 131 ? 7.135   17.168  6.300   1.00 15.40 ? 131 TYR A CE2 1 
ATOM   1068 C  CZ  . TYR A 1 131 ? 7.301   18.457  5.836   1.00 13.71 ? 131 TYR A CZ  1 
ATOM   1069 O  OH  . TYR A 1 131 ? 8.507   19.078  6.125   1.00 18.42 ? 131 TYR A OH  1 
ATOM   1070 N  N   A HIS A 1 132 ? 4.875   13.960  3.310   0.50 12.01 ? 132 HIS A N   1 
ATOM   1071 N  N   B HIS A 1 132 ? 4.855   13.962  3.365   0.50 11.86 ? 132 HIS A N   1 
ATOM   1072 C  CA  A HIS A 1 132 ? 6.068   13.169  2.962   0.50 12.36 ? 132 HIS A CA  1 
ATOM   1073 C  CA  B HIS A 1 132 ? 6.008   13.054  3.183   0.50 12.24 ? 132 HIS A CA  1 
ATOM   1074 C  C   A HIS A 1 132 ? 5.762   12.125  1.911   0.50 13.07 ? 132 HIS A C   1 
ATOM   1075 C  C   B HIS A 1 132 ? 5.753   12.095  2.016   0.50 12.70 ? 132 HIS A C   1 
ATOM   1076 O  O   A HIS A 1 132 ? 6.737   11.580  1.365   0.50 14.21 ? 132 HIS A O   1 
ATOM   1077 O  O   B HIS A 1 132 ? 6.762   11.586  1.465   0.50 14.09 ? 132 HIS A O   1 
ATOM   1078 C  CB  A HIS A 1 132 ? 6.662   12.468  4.166   0.50 13.88 ? 132 HIS A CB  1 
ATOM   1079 C  CB  B HIS A 1 132 ? 6.292   12.258  4.461   0.50 13.47 ? 132 HIS A CB  1 
ATOM   1080 C  CG  A HIS A 1 132 ? 8.091   12.122  3.939   0.50 15.75 ? 132 HIS A CG  1 
ATOM   1081 C  CG  B HIS A 1 132 ? 6.903   13.052  5.579   0.50 14.76 ? 132 HIS A CG  1 
ATOM   1082 N  ND1 A HIS A 1 132 ? 8.593   10.836  3.979   0.50 19.32 ? 132 HIS A ND1 1 
ATOM   1083 N  ND1 B HIS A 1 132 ? 8.136   13.632  5.476   0.50 16.51 ? 132 HIS A ND1 1 
ATOM   1084 C  CD2 A HIS A 1 132 ? 9.143   12.915  3.659   0.50 17.31 ? 132 HIS A CD2 1 
ATOM   1085 C  CD2 B HIS A 1 132 ? 6.427   13.368  6.806   0.50 16.59 ? 132 HIS A CD2 1 
ATOM   1086 C  CE1 A HIS A 1 132 ? 9.893   10.881  3.732   0.50 17.09 ? 132 HIS A CE1 1 
ATOM   1087 C  CE1 B HIS A 1 132 ? 8.417   14.260  6.610   0.50 18.00 ? 132 HIS A CE1 1 
ATOM   1088 N  NE2 A HIS A 1 132 ? 10.244  12.132  3.550   0.50 20.76 ? 132 HIS A NE2 1 
ATOM   1089 N  NE2 B HIS A 1 132 ? 7.388   14.109  7.443   0.50 18.64 ? 132 HIS A NE2 1 
ATOM   1090 N  N   . LYS A 1 133 ? 4.497   11.861  1.620   1.00 11.68 ? 133 LYS A N   1 
ATOM   1091 C  CA  . LYS A 1 133 ? 4.157   10.832  0.586   1.00 11.50 ? 133 LYS A CA  1 
ATOM   1092 C  C   . LYS A 1 133 ? 3.203   11.430  -0.423  1.00 10.58 ? 133 LYS A C   1 
ATOM   1093 O  O   . LYS A 1 133 ? 2.138   10.880  -0.728  1.00 10.40 ? 133 LYS A O   1 
ATOM   1094 C  CB  . LYS A 1 133 ? 3.550   9.595   1.254   1.00 11.80 ? 133 LYS A CB  1 
ATOM   1095 C  CG  . LYS A 1 133 ? 4.510   8.772   2.093   1.00 13.41 ? 133 LYS A CG  1 
ATOM   1096 C  CD  . LYS A 1 133 ? 5.584   8.114   1.244   1.00 14.41 ? 133 LYS A CD  1 
ATOM   1097 C  CE  . LYS A 1 133 ? 6.152   6.879   1.903   1.00 16.24 ? 133 LYS A CE  1 
ATOM   1098 N  NZ  . LYS A 1 133 ? 7.085   7.155   3.015   1.00 17.89 ? 133 LYS A NZ  1 
ATOM   1099 N  N   . PRO A 1 134 ? 3.525   12.580  -1.079  1.00 11.22 ? 134 PRO A N   1 
ATOM   1100 C  CA  . PRO A 1 134 ? 2.598   13.179  -2.012  1.00 11.32 ? 134 PRO A CA  1 
ATOM   1101 C  C   . PRO A 1 134 ? 2.215   12.279  -3.196  1.00 10.50 ? 134 PRO A C   1 
ATOM   1102 O  O   . PRO A 1 134 ? 1.140   12.383  -3.709  1.00 11.65 ? 134 PRO A O   1 
ATOM   1103 C  CB  . PRO A 1 134 ? 3.337   14.447  -2.487  1.00 12.16 ? 134 PRO A CB  1 
ATOM   1104 C  CG  . PRO A 1 134 ? 4.730   14.169  -2.184  1.00 13.34 ? 134 PRO A CG  1 
ATOM   1105 C  CD  . PRO A 1 134 ? 4.769   13.368  -0.900  1.00 12.52 ? 134 PRO A CD  1 
ATOM   1106 N  N   . VAL A 1 135 ? 3.138   11.416  -3.624  1.00 11.09 ? 135 VAL A N   1 
ATOM   1107 C  CA  . VAL A 1 135 ? 2.785   10.492  -4.752  1.00 11.09 ? 135 VAL A CA  1 
ATOM   1108 C  C   . VAL A 1 135 ? 1.702   9.506   -4.262  1.00 10.36 ? 135 VAL A C   1 
ATOM   1109 O  O   . VAL A 1 135 ? 0.818   9.205   -4.997  1.00 11.16 ? 135 VAL A O   1 
ATOM   1110 C  CB  . VAL A 1 135 ? 4.026   9.768   -5.315  1.00 12.35 ? 135 VAL A CB  1 
ATOM   1111 C  CG1 . VAL A 1 135 ? 3.652   8.813   -6.436  1.00 13.50 ? 135 VAL A CG1 1 
ATOM   1112 C  CG2 . VAL A 1 135 ? 5.061   10.752  -5.833  1.00 12.59 ? 135 VAL A CG2 1 
ATOM   1113 N  N   . GLN A 1 136 ? 1.799   9.056   -3.018  1.00 10.31 ? 136 GLN A N   1 
ATOM   1114 C  CA  . GLN A 1 136 ? 0.773   8.147   -2.425  1.00 9.92  ? 136 GLN A CA  1 
ATOM   1115 C  C   . GLN A 1 136 ? -0.558  8.885   -2.269  1.00 10.25 ? 136 GLN A C   1 
ATOM   1116 O  O   . GLN A 1 136 ? -1.563  8.329   -2.563  1.00 11.29 ? 136 GLN A O   1 
ATOM   1117 C  CB  . GLN A 1 136 ? 1.272   7.541   -1.125  1.00 10.24 ? 136 GLN A CB  1 
ATOM   1118 C  CG  . GLN A 1 136 ? 2.540   6.742   -1.342  1.00 10.15 ? 136 GLN A CG  1 
ATOM   1119 C  CD  . GLN A 1 136 ? 2.953   5.950   -0.136  1.00 12.16 ? 136 GLN A CD  1 
ATOM   1120 O  OE1 . GLN A 1 136 ? 2.285   5.941   0.866   1.00 12.43 ? 136 GLN A OE1 1 
ATOM   1121 N  NE2 . GLN A 1 136 ? 4.090   5.303   -0.265  1.00 14.92 ? 136 GLN A NE2 1 
ATOM   1122 N  N   . ALA A 1 137 ? -0.507  10.179  -1.923  1.00 10.32 ? 137 ALA A N   1 
ATOM   1123 C  CA  . ALA A 1 137 ? -1.754  10.981  -1.876  1.00 10.80 ? 137 ALA A CA  1 
ATOM   1124 C  C   . ALA A 1 137 ? -2.396  11.017  -3.275  1.00 11.44 ? 137 ALA A C   1 
ATOM   1125 O  O   . ALA A 1 137 ? -3.567  10.896  -3.368  1.00 12.98 ? 137 ALA A O   1 
ATOM   1126 C  CB  . ALA A 1 137 ? -1.486  12.386  -1.376  1.00 11.65 ? 137 ALA A CB  1 
ATOM   1127 N  N   . SER A 1 138 ? -1.582  11.086  -4.339  1.00 11.29 ? 138 SER A N   1 
ATOM   1128 C  CA  . SER A 1 138 ? -2.046  11.100  -5.751  1.00 11.75 ? 138 SER A CA  1 
ATOM   1129 C  C   . SER A 1 138 ? -2.670  9.767   -6.178  1.00 11.34 ? 138 SER A C   1 
ATOM   1130 O  O   . SER A 1 138 ? -3.386  9.759   -7.110  1.00 12.57 ? 138 SER A O   1 
ATOM   1131 C  CB  . SER A 1 138 ? -0.956  11.529  -6.709  1.00 13.18 ? 138 SER A CB  1 
ATOM   1132 O  OG  . SER A 1 138 ? -0.127  10.441  -7.067  1.00 14.85 ? 138 SER A OG  1 
ATOM   1133 N  N   . TYR A 1 139 ? -2.449  8.681   -5.434  1.00 10.63 ? 139 TYR A N   1 
ATOM   1134 C  CA  . TYR A 1 139 ? -3.101  7.380   -5.769  1.00 11.53 ? 139 TYR A CA  1 
ATOM   1135 C  C   . TYR A 1 139 ? -4.641  7.495   -5.750  1.00 12.78 ? 139 TYR A C   1 
ATOM   1136 O  O   . TYR A 1 139 ? -5.284  6.743   -6.414  1.00 14.16 ? 139 TYR A O   1 
ATOM   1137 C  CB  . TYR A 1 139 ? -2.752  6.280   -4.751  1.00 10.69 ? 139 TYR A CB  1 
ATOM   1138 C  CG  . TYR A 1 139 ? -1.342  5.767   -4.589  1.00 10.36 ? 139 TYR A CG  1 
ATOM   1139 C  CD1 . TYR A 1 139 ? -0.303  6.119   -5.475  1.00 10.52 ? 139 TYR A CD1 1 
ATOM   1140 C  CD2 . TYR A 1 139 ? -1.028  4.938   -3.556  1.00 10.41 ? 139 TYR A CD2 1 
ATOM   1141 C  CE1 . TYR A 1 139 ? 0.977   5.633   -5.289  1.00 9.86  ? 139 TYR A CE1 1 
ATOM   1142 C  CE2 . TYR A 1 139 ? 0.241   4.425   -3.370  1.00 10.45 ? 139 TYR A CE2 1 
ATOM   1143 C  CZ  . TYR A 1 139 ? 1.257   4.783   -4.234  1.00 10.78 ? 139 TYR A CZ  1 
ATOM   1144 O  OH  . TYR A 1 139 ? 2.496   4.276   -4.030  1.00 11.56 ? 139 TYR A OH  1 
ATOM   1145 N  N   . PHE A 1 140 ? -5.166  8.352   -4.871  1.00 12.76 ? 140 PHE A N   1 
ATOM   1146 C  CA  . PHE A 1 140 ? -6.606  8.605   -4.653  1.00 14.63 ? 140 PHE A CA  1 
ATOM   1147 C  C   . PHE A 1 140 ? -7.129  9.649   -5.641  1.00 19.66 ? 140 PHE A C   1 
ATOM   1148 O  O   . PHE A 1 140 ? -8.318  9.797   -5.554  1.00 22.91 ? 140 PHE A O   1 
ATOM   1149 C  CB  . PHE A 1 140 ? -6.800  9.043   -3.202  1.00 14.80 ? 140 PHE A CB  1 
ATOM   1150 C  CG  . PHE A 1 140 ? -6.351  8.000   -2.211  1.00 12.82 ? 140 PHE A CG  1 
ATOM   1151 C  CD1 . PHE A 1 140 ? -7.189  6.968   -1.849  1.00 13.84 ? 140 PHE A CD1 1 
ATOM   1152 C  CD2 . PHE A 1 140 ? -5.076  8.028   -1.679  1.00 12.95 ? 140 PHE A CD2 1 
ATOM   1153 C  CE1 . PHE A 1 140 ? -6.761  6.004   -0.964  1.00 14.90 ? 140 PHE A CE1 1 
ATOM   1154 C  CE2 . PHE A 1 140 ? -4.644  7.061   -0.798  1.00 13.09 ? 140 PHE A CE2 1 
ATOM   1155 C  CZ  . PHE A 1 140 ? -5.498  6.050   -0.448  1.00 15.17 ? 140 PHE A CZ  1 
ATOM   1156 N  N   A GLU A 1 141 ? -6.436  10.265  -6.487  0.50 19.97 ? 141 GLU A N   1 
ATOM   1157 N  N   B GLU A 1 141 ? -6.459  10.256  -6.497  0.50 20.65 ? 141 GLU A N   1 
ATOM   1158 C  CA  A GLU A 1 141 ? -6.951  11.386  -7.334  0.50 26.15 ? 141 GLU A CA  1 
ATOM   1159 C  CA  B GLU A 1 141 ? -7.013  11.439  -7.214  0.50 27.61 ? 141 GLU A CA  1 
ATOM   1160 C  C   A GLU A 1 141 ? -8.144  10.919  -8.181  0.50 30.57 ? 141 GLU A C   1 
ATOM   1161 C  C   B GLU A 1 141 ? -8.018  10.988  -8.316  0.50 31.98 ? 141 GLU A C   1 
ATOM   1162 O  O   A GLU A 1 141 ? -9.141  11.686  -8.293  0.50 36.51 ? 141 GLU A O   1 
ATOM   1163 O  O   B GLU A 1 141 ? -8.841  11.843  -8.724  0.50 40.52 ? 141 GLU A O   1 
ATOM   1164 C  CB  A GLU A 1 141 ? -5.857  11.965  -8.235  0.50 28.03 ? 141 GLU A CB  1 
ATOM   1165 C  CB  B GLU A 1 141 ? -5.846  12.365  -7.595  0.50 30.28 ? 141 GLU A CB  1 
ATOM   1166 C  CG  A GLU A 1 141 ? -5.000  13.022  -7.530  0.50 28.64 ? 141 GLU A CG  1 
ATOM   1167 C  CG  B GLU A 1 141 ? -5.696  13.629  -6.721  0.50 34.17 ? 141 GLU A CG  1 
ATOM   1168 C  CD  A GLU A 1 141 ? -3.746  13.515  -8.252  0.50 30.08 ? 141 GLU A CD  1 
ATOM   1169 C  CD  B GLU A 1 141 ? -4.733  13.688  -5.527  0.50 36.21 ? 141 GLU A CD  1 
ATOM   1170 O  OE1 A GLU A 1 141 ? -3.404  12.965  -9.304  0.50 31.53 ? 141 GLU A OE1 1 
ATOM   1171 O  OE1 B GLU A 1 141 ? -5.093  13.220  -4.427  0.50 29.24 ? 141 GLU A OE1 1 
ATOM   1172 O  OE2 A GLU A 1 141 ? -3.093  14.437  -7.736  0.50 32.30 ? 141 GLU A OE2 1 
ATOM   1173 O  OE2 B GLU A 1 141 ? -3.610  14.262  -5.669  0.50 38.26 ? 141 GLU A OE2 1 
ATOM   1174 N  N   . THR A 1 142 ? -8.081  9.707   -8.718  1.00 34.15 ? 142 THR A N   1 
ATOM   1175 C  CA  . THR A 1 142 ? -9.106  9.181   -9.674  1.00 42.04 ? 142 THR A CA  1 
ATOM   1176 C  C   . THR A 1 142 ? -10.098 8.247   -8.968  1.00 47.00 ? 142 THR A C   1 
ATOM   1177 O  O   . THR A 1 142 ? -10.487 8.539   -7.828  1.00 49.24 ? 142 THR A O   1 
ATOM   1178 C  CB  . THR A 1 142 ? -8.406  8.503   -10.849 1.00 46.27 ? 142 THR A CB  1 
ATOM   1179 O  OG1 . THR A 1 142 ? -7.802  7.321   -10.324 1.00 48.67 ? 142 THR A OG1 1 
ATOM   1180 C  CG2 . THR A 1 142 ? -7.391  9.420   -11.494 1.00 46.18 ? 142 THR A CG2 1 
HETATM 1181 C  C6  . U6J B 2 .   ? 12.231  1.534   1.773   1.00 14.91 ? 401 U6J A C6  1 
HETATM 1182 C  C5  . U6J B 2 .   ? 10.750  1.180   1.865   1.00 12.30 ? 401 U6J A C5  1 
HETATM 1183 C  C4  . U6J B 2 .   ? 10.339  1.571   3.267   1.00 12.74 ? 401 U6J A C4  1 
HETATM 1184 C  C3  . U6J B 2 .   ? 10.337  3.034   3.397   1.00 12.51 ? 401 U6J A C3  1 
HETATM 1185 C  C2  . U6J B 2 .   ? 11.792  3.519   3.238   1.00 16.24 ? 401 U6J A C2  1 
HETATM 1186 C  C1  . U6J B 2 .   ? 12.299  3.004   1.921   1.00 17.18 ? 401 U6J A C1  1 
HETATM 1187 O  O24 . U6J B 2 .   ? 8.149   -1.248  3.916   1.00 10.92 ? 401 U6J A O24 1 
HETATM 1188 P  PA4 . U6J B 2 .   ? 8.494   0.044   4.606   1.00 11.77 ? 401 U6J A PA4 1 
HETATM 1189 O  O34 . U6J B 2 .   ? 9.638   -0.085  5.592   1.00 14.03 ? 401 U6J A O34 1 
HETATM 1190 O  O44 . U6J B 2 .   ? 7.281   0.716   5.213   1.00 12.00 ? 401 U6J A O44 1 
HETATM 1191 O  O14 . U6J B 2 .   ? 8.955   1.108   3.484   1.00 12.34 ? 401 U6J A O14 1 
HETATM 1192 O  O13 . U6J B 2 .   ? 9.919   3.385   4.732   1.00 13.78 ? 401 U6J A O13 1 
HETATM 1193 P  PA3 . U6J B 2 .   ? 8.562   4.140   5.061   1.00 12.92 ? 401 U6J A PA3 1 
HETATM 1194 O  O23 . U6J B 2 .   ? 8.941   5.270   6.074   1.00 16.06 ? 401 U6J A O23 1 
HETATM 1195 O  O33 . U6J B 2 .   ? 7.930   4.565   3.844   1.00 12.82 ? 401 U6J A O33 1 
HETATM 1196 O  O43 . U6J B 2 .   ? 7.685   3.106   5.866   1.00 13.26 ? 401 U6J A O43 1 
HETATM 1197 O  O12 . U6J B 2 .   ? 11.783  4.951   3.199   1.00 19.45 ? 401 U6J A O12 1 
HETATM 1198 O  O11 . U6J B 2 .   ? 13.747  3.323   2.030   1.00 22.61 ? 401 U6J A O11 1 
HETATM 1199 P  PA1 . U6J B 2 .   ? 14.530  4.346   1.000   1.00 31.55 ? 401 U6J A PA1 1 
HETATM 1200 O  O21 . U6J B 2 .   ? 13.554  4.771   -0.092  1.00 28.61 ? 401 U6J A O21 1 
HETATM 1201 O  O31 . U6J B 2 .   ? 15.211  5.459   1.915   1.00 42.17 ? 401 U6J A O31 1 
HETATM 1202 O  O41 . U6J B 2 .   ? 15.503  3.344   0.241   1.00 33.57 ? 401 U6J A O41 1 
HETATM 1203 O  O16 . U6J B 2 .   ? 12.719  1.126   0.445   1.00 15.65 ? 401 U6J A O16 1 
HETATM 1204 P  PA6 . U6J B 2 .   ? 14.123  0.304   0.310   1.00 17.69 ? 401 U6J A PA6 1 
HETATM 1205 O  O26 . U6J B 2 .   ? 14.317  -0.613  1.427   1.00 23.34 ? 401 U6J A O26 1 
HETATM 1206 O  O36 . U6J B 2 .   ? 15.213  1.367   0.416   1.00 25.15 ? 401 U6J A O36 1 
HETATM 1207 O  O46 . U6J B 2 .   ? 14.083  -0.296  -1.064  1.00 22.18 ? 401 U6J A O46 1 
HETATM 1208 O  O15 . U6J B 2 .   ? 10.543  -0.233  1.603   1.00 11.87 ? 401 U6J A O15 1 
HETATM 1209 P  PA5 . U6J B 2 .   ? 9.477   -0.698  0.509   1.00 10.97 ? 401 U6J A PA5 1 
HETATM 1210 O  O25 . U6J B 2 .   ? 9.796   -0.084  -0.830  1.00 11.86 ? 401 U6J A O25 1 
HETATM 1211 O  O35 . U6J B 2 .   ? 8.057   -0.512  0.994   1.00 10.87 ? 401 U6J A O35 1 
HETATM 1212 O  O45 . U6J B 2 .   ? 9.797   -2.224  0.411   1.00 11.02 ? 401 U6J A O45 1 
HETATM 1213 P  PB5 . U6J B 2 .   ? 9.467   -3.512  1.319   1.00 11.08 ? 401 U6J A PB5 1 
HETATM 1214 O  O75 . U6J B 2 .   ? 10.540  -3.564  2.403   1.00 12.51 ? 401 U6J A O75 1 
HETATM 1215 O  O55 . U6J B 2 .   ? 8.044   -3.241  1.887   1.00 10.86 ? 401 U6J A O55 1 
HETATM 1216 O  O65 . U6J B 2 .   ? 9.482   -4.622  0.339   1.00 11.06 ? 401 U6J A O65 1 
HETATM 1217 MG MG  . MG  C 3 .   ? 6.936   -1.596  2.290   1.00 10.16 ? 402 MG  A MG  1 
HETATM 1218 MG MG  . MG  D 3 .   ? 7.119   -4.724  3.033   1.00 11.24 ? 403 MG  A MG  1 
HETATM 1219 MG MG  . MG  E 3 .   ? 9.039   -6.612  0.837   1.00 12.54 ? 404 MG  A MG  1 
HETATM 1220 CL CL  . CL  F 4 .   ? 5.875   7.307   -2.772  1.00 15.70 ? 405 CL  A CL  1 
HETATM 1221 CL CL  . CL  G 4 .   ? -15.446 1.709   2.408   1.00 18.01 ? 406 CL  A CL  1 
HETATM 1222 F  F   . F   H 5 .   ? 8.593   -5.922  2.613   1.00 12.53 ? 407 F   A F   1 
HETATM 1223 O  O   . HOH I 6 .   ? 13.197  3.360   -1.749  1.00 35.25 ? 501 HOH A O   1 
HETATM 1224 O  O   . HOH I 6 .   ? -20.142 0.344   1.801   1.00 24.82 ? 502 HOH A O   1 
HETATM 1225 O  O   . HOH I 6 .   ? -6.518  -16.015 6.501   1.00 23.71 ? 503 HOH A O   1 
HETATM 1226 O  O   . HOH I 6 .   ? 10.419  -5.277  4.046   1.00 11.95 ? 504 HOH A O   1 
HETATM 1227 O  O   . HOH I 6 .   ? 9.465   -10.837 0.054   1.00 28.40 ? 505 HOH A O   1 
HETATM 1228 O  O   . HOH I 6 .   ? 8.901   -15.174 -5.290  1.00 48.70 ? 506 HOH A O   1 
HETATM 1229 O  O   . HOH I 6 .   ? -5.737  7.987   -9.158  1.00 34.36 ? 507 HOH A O   1 
HETATM 1230 O  O   . HOH I 6 .   ? 13.535  -1.237  7.421   1.00 39.91 ? 508 HOH A O   1 
HETATM 1231 O  O   . HOH I 6 .   ? -18.403 11.235  8.133   1.00 37.92 ? 509 HOH A O   1 
HETATM 1232 O  O   . HOH I 6 .   ? 2.709   -3.181  -17.083 1.00 34.38 ? 510 HOH A O   1 
HETATM 1233 O  O   . HOH I 6 .   ? 14.201  5.657   4.229   1.00 30.00 ? 511 HOH A O   1 
HETATM 1234 O  O   . HOH I 6 .   ? 9.883   1.243   12.790  1.00 28.19 ? 512 HOH A O   1 
HETATM 1235 O  O   . HOH I 6 .   ? -11.042 16.056  6.420   1.00 35.91 ? 513 HOH A O   1 
HETATM 1236 O  O   . HOH I 6 .   ? -8.173  7.629   11.225  1.00 23.75 ? 514 HOH A O   1 
HETATM 1237 O  O   . HOH I 6 .   ? -5.119  9.387   13.042  1.00 42.46 ? 515 HOH A O   1 
HETATM 1238 O  O   . HOH I 6 .   ? 13.200  6.461   -16.646 1.00 29.83 ? 516 HOH A O   1 
HETATM 1239 O  O   . HOH I 6 .   ? 6.383   -13.414 5.243   1.00 38.15 ? 517 HOH A O   1 
HETATM 1240 O  O   . HOH I 6 .   ? 7.311   12.655  11.758  1.00 35.96 ? 518 HOH A O   1 
HETATM 1241 O  O   . HOH I 6 .   ? -2.176  -6.157  -13.315 1.00 35.05 ? 519 HOH A O   1 
HETATM 1242 O  O   . HOH I 6 .   ? 17.558  -0.049  -4.299  1.00 24.42 ? 520 HOH A O   1 
HETATM 1243 O  O   . HOH I 6 .   ? 4.406   5.726   -5.066  1.00 14.25 ? 521 HOH A O   1 
HETATM 1244 O  O   . HOH I 6 .   ? 0.435   15.557  5.217   1.00 11.91 ? 522 HOH A O   1 
HETATM 1245 O  O   . HOH I 6 .   ? -1.175  -12.707 20.344  1.00 46.03 ? 523 HOH A O   1 
HETATM 1246 O  O   . HOH I 6 .   ? -15.028 -1.590  -5.327  1.00 29.56 ? 524 HOH A O   1 
HETATM 1247 O  O   . HOH I 6 .   ? 8.556   -11.059 4.875   1.00 33.70 ? 525 HOH A O   1 
HETATM 1248 O  O   . HOH I 6 .   ? 4.653   -5.623  18.624  1.00 50.08 ? 526 HOH A O   1 
HETATM 1249 O  O   . HOH I 6 .   ? 1.228   -7.958  17.540  1.00 35.58 ? 527 HOH A O   1 
HETATM 1250 O  O   . HOH I 6 .   ? -7.737  6.560   -7.367  1.00 39.71 ? 528 HOH A O   1 
HETATM 1251 O  O   . HOH I 6 .   ? -8.892  -8.379  13.994  1.00 26.65 ? 529 HOH A O   1 
HETATM 1252 O  O   . HOH I 6 .   ? -13.728 6.568   -3.356  1.00 44.29 ? 530 HOH A O   1 
HETATM 1253 O  O   . HOH I 6 .   ? 10.075  -9.131  3.907   1.00 26.79 ? 531 HOH A O   1 
HETATM 1254 O  O   . HOH I 6 .   ? 5.709   0.001   2.979   1.00 10.96 ? 532 HOH A O   1 
HETATM 1255 O  O   . HOH I 6 .   ? 4.593   10.882  -9.727  1.00 29.77 ? 533 HOH A O   1 
HETATM 1256 O  O   . HOH I 6 .   ? 4.920   -13.048 2.943   1.00 20.43 ? 534 HOH A O   1 
HETATM 1257 O  O   . HOH I 6 .   ? 0.935   11.054  14.432  1.00 30.89 ? 535 HOH A O   1 
HETATM 1258 O  O   . HOH I 6 .   ? 12.344  -6.414  3.529   1.00 26.98 ? 536 HOH A O   1 
HETATM 1259 O  O   . HOH I 6 .   ? 13.948  -0.926  4.033   1.00 23.14 ? 537 HOH A O   1 
HETATM 1260 O  O   . HOH I 6 .   ? 4.632   -14.301 -4.031  1.00 20.20 ? 538 HOH A O   1 
HETATM 1261 O  O   . HOH I 6 .   ? 8.283   -14.997 -7.903  1.00 39.24 ? 539 HOH A O   1 
HETATM 1262 O  O   . HOH I 6 .   ? 8.241   8.908   6.997   1.00 28.20 ? 540 HOH A O   1 
HETATM 1263 O  O   . HOH I 6 .   ? -7.794  -1.164  -14.278 1.00 27.21 ? 541 HOH A O   1 
HETATM 1264 O  O   . HOH I 6 .   ? 18.997  1.327   -9.616  1.00 27.16 ? 542 HOH A O   1 
HETATM 1265 O  O   . HOH I 6 .   ? 17.044  5.933   -15.181 1.00 38.91 ? 543 HOH A O   1 
HETATM 1266 O  O   . HOH I 6 .   ? 19.152  1.261   -15.975 1.00 18.74 ? 544 HOH A O   1 
HETATM 1267 O  O   . HOH I 6 .   ? 6.356   4.693   -6.698  1.00 10.79 ? 545 HOH A O   1 
HETATM 1268 O  O   . HOH I 6 .   ? 14.153  -17.247 -15.321 1.00 34.33 ? 546 HOH A O   1 
HETATM 1269 O  O   . HOH I 6 .   ? 5.757   1.660   11.971  1.00 19.81 ? 547 HOH A O   1 
HETATM 1270 O  O   . HOH I 6 .   ? 1.503   17.240  -3.591  1.00 34.04 ? 548 HOH A O   1 
HETATM 1271 O  O   . HOH I 6 .   ? -7.280  -4.975  15.039  1.00 35.65 ? 549 HOH A O   1 
HETATM 1272 O  O   . HOH I 6 .   ? 8.624   -7.452  9.799   1.00 31.09 ? 550 HOH A O   1 
HETATM 1273 O  O   . HOH I 6 .   ? 7.340   -7.346  6.509   1.00 16.94 ? 551 HOH A O   1 
HETATM 1274 O  O   . HOH I 6 .   ? 4.585   2.052   1.024   1.00 18.01 ? 552 HOH A O   1 
HETATM 1275 O  O   . HOH I 6 .   ? 7.302   0.858   13.993  1.00 25.25 ? 553 HOH A O   1 
HETATM 1276 O  O   . HOH I 6 .   ? 10.985  -14.827 -6.552  1.00 35.68 ? 554 HOH A O   1 
HETATM 1277 O  O   . HOH I 6 .   ? 0.762   -3.321  16.068  1.00 33.72 ? 555 HOH A O   1 
HETATM 1278 O  O   . HOH I 6 .   ? -6.703  -6.729  -11.098 1.00 28.46 ? 556 HOH A O   1 
HETATM 1279 O  O   . HOH I 6 .   ? 1.239   6.497   12.490  1.00 21.26 ? 557 HOH A O   1 
HETATM 1280 O  O   . HOH I 6 .   ? -4.432  1.034   1.604   1.00 13.02 ? 558 HOH A O   1 
HETATM 1281 O  O   . HOH I 6 .   ? -14.999 8.930   2.325   1.00 23.22 ? 559 HOH A O   1 
HETATM 1282 O  O   . HOH I 6 .   ? 9.976   7.599   5.101   1.00 33.38 ? 560 HOH A O   1 
HETATM 1283 O  O   . HOH I 6 .   ? 3.824   9.987   5.564   1.00 12.94 ? 561 HOH A O   1 
HETATM 1284 O  O   . HOH I 6 .   ? 9.871   -1.975  7.548   1.00 22.44 ? 562 HOH A O   1 
HETATM 1285 O  O   . HOH I 6 .   ? 6.347   -6.183  4.245   1.00 12.34 ? 563 HOH A O   1 
HETATM 1286 O  O   . HOH I 6 .   ? 16.807  1.429   2.633   1.00 42.28 ? 564 HOH A O   1 
HETATM 1287 O  O   . HOH I 6 .   ? -10.264 -10.848 -7.407  1.00 35.51 ? 565 HOH A O   1 
HETATM 1288 O  O   . HOH I 6 .   ? 6.951   2.995   1.823   1.00 23.20 ? 566 HOH A O   1 
HETATM 1289 O  O   . HOH I 6 .   ? 13.085  -3.239  1.438   1.00 21.89 ? 567 HOH A O   1 
HETATM 1290 O  O   . HOH I 6 .   ? -3.194  -12.031 -8.658  1.00 23.75 ? 568 HOH A O   1 
HETATM 1291 O  O   . HOH I 6 .   ? -10.945 9.671   8.621   1.00 16.52 ? 569 HOH A O   1 
HETATM 1292 O  O   . HOH I 6 .   ? -17.178 4.649   9.800   1.00 36.20 ? 570 HOH A O   1 
HETATM 1293 O  O   . HOH I 6 .   ? -3.138  -7.578  16.453  1.00 38.67 ? 571 HOH A O   1 
HETATM 1294 O  O   . HOH I 6 .   ? -17.117 -4.624  4.376   1.00 34.96 ? 572 HOH A O   1 
HETATM 1295 O  O   . HOH I 6 .   ? 2.836   -12.641 12.742  1.00 48.64 ? 573 HOH A O   1 
HETATM 1296 O  O   . HOH I 6 .   ? 10.083  11.170  -1.946  1.00 43.36 ? 574 HOH A O   1 
HETATM 1297 O  O   . HOH I 6 .   ? 11.434  -1.955  4.452   1.00 17.63 ? 575 HOH A O   1 
HETATM 1298 O  O   . HOH I 6 .   ? -7.463  4.593   -12.326 1.00 25.64 ? 576 HOH A O   1 
HETATM 1299 O  O   . HOH I 6 .   ? -0.373  14.640  -4.191  1.00 24.38 ? 577 HOH A O   1 
HETATM 1300 O  O   . HOH I 6 .   ? 8.327   -12.052 2.259   1.00 41.64 ? 578 HOH A O   1 
HETATM 1301 O  O   . HOH I 6 .   ? 12.934  -16.503 -9.616  1.00 41.57 ? 579 HOH A O   1 
HETATM 1302 O  O   . HOH I 6 .   ? 8.600   -8.545  1.600   1.00 13.73 ? 580 HOH A O   1 
HETATM 1303 O  O   . HOH I 6 .   ? 8.274   -3.910  4.655   1.00 12.62 ? 581 HOH A O   1 
HETATM 1304 O  O   . HOH I 6 .   ? -12.225 13.333  9.943   1.00 42.31 ? 582 HOH A O   1 
HETATM 1305 O  O   . HOH I 6 .   ? 9.538   -7.317  -1.068  1.00 14.23 ? 583 HOH A O   1 
HETATM 1306 O  O   . HOH I 6 .   ? -16.991 6.839   6.097   1.00 44.81 ? 584 HOH A O   1 
HETATM 1307 O  O   . HOH I 6 .   ? -13.631 12.224  -0.485  1.00 40.08 ? 585 HOH A O   1 
HETATM 1308 O  O   . HOH I 6 .   ? 10.638  11.567  -14.208 1.00 27.11 ? 586 HOH A O   1 
HETATM 1309 O  O   . HOH I 6 .   ? -12.190 -11.881 -0.169  1.00 28.69 ? 587 HOH A O   1 
HETATM 1310 O  O   . HOH I 6 .   ? -15.160 -7.104  -4.041  1.00 27.25 ? 588 HOH A O   1 
HETATM 1311 O  O   . HOH I 6 .   ? 6.780   -14.602 -1.767  1.00 37.08 ? 589 HOH A O   1 
HETATM 1312 O  O   . HOH I 6 .   ? -8.042  15.840  1.218   1.00 19.36 ? 590 HOH A O   1 
HETATM 1313 O  O   . HOH I 6 .   ? 19.359  -4.260  -4.623  1.00 21.97 ? 591 HOH A O   1 
HETATM 1314 O  O   . HOH I 6 .   ? -14.571 13.311  3.882   1.00 38.86 ? 592 HOH A O   1 
HETATM 1315 O  O   . HOH I 6 .   ? 10.380  2.571   -1.505  1.00 19.28 ? 593 HOH A O   1 
HETATM 1316 O  O   . HOH I 6 .   ? 11.776  -4.440  -1.270  1.00 17.88 ? 594 HOH A O   1 
HETATM 1317 O  O   . HOH I 6 .   ? -15.675 -5.865  2.488   1.00 28.14 ? 595 HOH A O   1 
HETATM 1318 O  O   . HOH I 6 .   ? -13.378 4.162   10.761  1.00 39.62 ? 596 HOH A O   1 
HETATM 1319 O  O   . HOH I 6 .   ? -2.734  -12.463 1.263   1.00 24.20 ? 597 HOH A O   1 
HETATM 1320 O  O   . HOH I 6 .   ? 2.983   12.719  5.342   1.00 12.26 ? 598 HOH A O   1 
HETATM 1321 O  O   . HOH I 6 .   ? -6.527  -10.599 -2.771  1.00 20.30 ? 599 HOH A O   1 
HETATM 1322 O  O   . HOH I 6 .   ? -3.551  -9.583  1.388   1.00 15.23 ? 600 HOH A O   1 
HETATM 1323 O  O   . HOH I 6 .   ? 1.318   11.147  8.118   1.00 13.28 ? 601 HOH A O   1 
HETATM 1324 O  O   . HOH I 6 .   ? -13.657 -4.742  5.793   1.00 25.41 ? 602 HOH A O   1 
HETATM 1325 O  O   . HOH I 6 .   ? 5.266   -14.516 -13.202 1.00 46.06 ? 603 HOH A O   1 
HETATM 1326 O  O   . HOH I 6 .   ? -8.320  19.278  8.184   1.00 35.17 ? 604 HOH A O   1 
HETATM 1327 O  O   . HOH I 6 .   ? 0.285   -12.840 -2.832  1.00 16.16 ? 605 HOH A O   1 
HETATM 1328 O  O   . HOH I 6 .   ? -0.444  -8.962  -12.002 1.00 19.99 ? 606 HOH A O   1 
HETATM 1329 O  O   . HOH I 6 .   ? 10.640  -4.521  -16.002 1.00 21.13 ? 607 HOH A O   1 
HETATM 1330 O  O   . HOH I 6 .   ? 15.406  1.026   -3.207  1.00 32.38 ? 608 HOH A O   1 
HETATM 1331 O  O   . HOH I 6 .   ? 6.088   -5.201  -14.211 1.00 32.05 ? 609 HOH A O   1 
HETATM 1332 O  O   . HOH I 6 .   ? 1.077   -10.891 8.179   1.00 18.04 ? 610 HOH A O   1 
HETATM 1333 O  O   . HOH I 6 .   ? -15.260 -8.484  -1.646  1.00 31.75 ? 611 HOH A O   1 
HETATM 1334 O  O   . HOH I 6 .   ? 13.277  -5.392  -15.559 1.00 15.59 ? 612 HOH A O   1 
HETATM 1335 O  O   . HOH I 6 .   ? -8.483  -13.197 0.045   1.00 34.68 ? 613 HOH A O   1 
HETATM 1336 O  O   . HOH I 6 .   ? 15.710  5.989   -2.965  1.00 47.11 ? 614 HOH A O   1 
HETATM 1337 O  O   . HOH I 6 .   ? 13.902  3.014   -4.577  1.00 28.29 ? 615 HOH A O   1 
HETATM 1338 O  O   . HOH I 6 .   ? 3.151   2.424   -1.932  1.00 13.22 ? 616 HOH A O   1 
HETATM 1339 O  O   . HOH I 6 .   ? -19.341 5.226   -2.629  1.00 51.50 ? 617 HOH A O   1 
HETATM 1340 O  O   . HOH I 6 .   ? 11.631  -2.291  -17.728 1.00 21.43 ? 618 HOH A O   1 
HETATM 1341 O  O   . HOH I 6 .   ? 18.606  -7.131  -7.831  1.00 25.55 ? 619 HOH A O   1 
HETATM 1342 O  O   . HOH I 6 .   ? -18.311 -4.575  0.134   1.00 27.02 ? 620 HOH A O   1 
HETATM 1343 O  O   . HOH I 6 .   ? 15.903  -13.207 0.545   1.00 47.51 ? 621 HOH A O   1 
HETATM 1344 O  O   . HOH I 6 .   ? 9.558   18.300  8.694   1.00 33.69 ? 622 HOH A O   1 
HETATM 1345 O  O   . HOH I 6 .   ? -5.792  -10.652 -0.055  1.00 15.71 ? 623 HOH A O   1 
HETATM 1346 O  O   . HOH I 6 .   ? 9.078   15.558  3.498   1.00 39.31 ? 624 HOH A O   1 
HETATM 1347 O  O   . HOH I 6 .   ? 16.214  2.579   -7.607  1.00 25.51 ? 625 HOH A O   1 
HETATM 1348 O  O   . HOH I 6 .   ? -12.181 -3.129  10.744  1.00 34.83 ? 626 HOH A O   1 
HETATM 1349 O  O   . HOH I 6 .   ? 11.661  -4.830  -5.548  1.00 13.15 ? 627 HOH A O   1 
HETATM 1350 O  O   . HOH I 6 .   ? 7.450   -1.427  -11.428 1.00 19.28 ? 628 HOH A O   1 
HETATM 1351 O  O   . HOH I 6 .   ? 17.348  -13.752 -5.474  1.00 47.97 ? 629 HOH A O   1 
HETATM 1352 O  O   . HOH I 6 .   ? 15.947  5.094   6.668   1.00 54.50 ? 630 HOH A O   1 
HETATM 1353 O  O   . HOH I 6 .   ? -13.602 11.322  2.150   1.00 19.95 ? 631 HOH A O   1 
HETATM 1354 O  O   . HOH I 6 .   ? -0.525  13.551  -9.474  1.00 38.53 ? 632 HOH A O   1 
HETATM 1355 O  O   . HOH I 6 .   ? 6.327   8.746   5.374   1.00 20.14 ? 633 HOH A O   1 
HETATM 1356 O  O   . HOH I 6 .   ? -12.065 -2.659  -8.612  1.00 16.32 ? 634 HOH A O   1 
HETATM 1357 O  O   . HOH I 6 .   ? -12.613 -6.391  -5.420  1.00 21.12 ? 635 HOH A O   1 
HETATM 1358 O  O   . HOH I 6 .   ? 17.323  5.032   -11.932 1.00 40.77 ? 636 HOH A O   1 
HETATM 1359 O  O   . HOH I 6 .   ? -7.325  -3.908  -13.773 1.00 24.92 ? 637 HOH A O   1 
HETATM 1360 O  O   . HOH I 6 .   ? 5.559   10.375  -2.271  1.00 15.01 ? 638 HOH A O   1 
HETATM 1361 O  O   . HOH I 6 .   ? -9.115  -11.848 -4.856  1.00 24.95 ? 639 HOH A O   1 
HETATM 1362 O  O   . HOH I 6 .   ? -7.054  14.366  8.251   1.00 29.96 ? 640 HOH A O   1 
HETATM 1363 O  O   . HOH I 6 .   ? -3.911  16.432  -3.189  1.00 48.05 ? 641 HOH A O   1 
HETATM 1364 O  O   . HOH I 6 .   ? -13.374 13.690  6.377   1.00 43.88 ? 642 HOH A O   1 
HETATM 1365 O  O   . HOH I 6 .   ? 18.792  -5.094  2.127   1.00 50.64 ? 643 HOH A O   1 
HETATM 1366 O  O   . HOH I 6 .   ? 7.500   11.736  -8.736  1.00 26.27 ? 644 HOH A O   1 
HETATM 1367 O  O   . HOH I 6 .   ? -8.363  16.164  -2.828  1.00 43.75 ? 645 HOH A O   1 
HETATM 1368 O  O   . HOH I 6 .   ? 10.776  5.780   -0.800  1.00 41.18 ? 646 HOH A O   1 
HETATM 1369 O  O   . HOH I 6 .   ? -5.055  -2.900  14.628  1.00 29.53 ? 647 HOH A O   1 
HETATM 1370 O  O   . HOH I 6 .   ? 13.465  -5.890  -0.005  1.00 35.62 ? 648 HOH A O   1 
HETATM 1371 O  O   . HOH I 6 .   ? 3.691   -14.344 -9.237  1.00 20.07 ? 649 HOH A O   1 
HETATM 1372 O  O   . HOH I 6 .   ? 2.872   -12.311 6.584   1.00 32.31 ? 650 HOH A O   1 
HETATM 1373 O  O   . HOH I 6 .   ? 8.453   -4.349  7.255   1.00 18.56 ? 651 HOH A O   1 
HETATM 1374 O  O   . HOH I 6 .   ? 8.511   9.852   -0.383  1.00 41.30 ? 652 HOH A O   1 
HETATM 1375 O  O   . HOH I 6 .   ? 4.574   5.071   -14.350 1.00 24.60 ? 653 HOH A O   1 
HETATM 1376 O  O   . HOH I 6 .   ? -9.125  2.428   12.607  1.00 20.75 ? 654 HOH A O   1 
HETATM 1377 O  O   . HOH I 6 .   ? -3.966  3.027   15.079  1.00 45.88 ? 655 HOH A O   1 
HETATM 1378 O  O   . HOH I 6 .   ? -13.001 -7.697  -7.828  1.00 30.32 ? 656 HOH A O   1 
HETATM 1379 O  O   . HOH I 6 .   ? 8.137   9.161   14.432  1.00 35.64 ? 657 HOH A O   1 
HETATM 1380 O  O   . HOH I 6 .   ? 11.829  12.476  6.464   1.00 46.08 ? 658 HOH A O   1 
HETATM 1381 O  O   . HOH I 6 .   ? 11.050  -7.049  1.333   1.00 15.12 ? 659 HOH A O   1 
HETATM 1382 O  O   . HOH I 6 .   ? -1.769  -12.866 11.304  1.00 33.75 ? 660 HOH A O   1 
HETATM 1383 O  O   . HOH I 6 .   ? 6.772   -0.936  -14.083 1.00 40.08 ? 661 HOH A O   1 
HETATM 1384 O  O   . HOH I 6 .   ? -2.836  -0.867  14.917  1.00 19.62 ? 662 HOH A O   1 
HETATM 1385 O  O   . HOH I 6 .   ? 16.732  3.644   -2.585  1.00 48.89 ? 663 HOH A O   1 
HETATM 1386 O  O   . HOH I 6 .   ? 8.249   6.644   -1.014  1.00 23.35 ? 664 HOH A O   1 
HETATM 1387 O  O   . HOH I 6 .   ? -16.307 -3.179  8.479   1.00 36.12 ? 665 HOH A O   1 
HETATM 1388 O  O   . HOH I 6 .   ? -20.445 -1.428  0.392   1.00 39.78 ? 666 HOH A O   1 
HETATM 1389 O  O   . HOH I 6 .   ? 14.022  1.731   9.910   1.00 52.72 ? 667 HOH A O   1 
HETATM 1390 O  O   . HOH I 6 .   ? 11.632  -8.497  -2.183  1.00 36.47 ? 668 HOH A O   1 
HETATM 1391 O  O   . HOH I 6 .   ? 7.125   15.646  10.172  1.00 32.52 ? 669 HOH A O   1 
HETATM 1392 O  O   . HOH I 6 .   ? 16.570  1.683   -19.868 1.00 29.83 ? 670 HOH A O   1 
HETATM 1393 O  O   . HOH I 6 .   ? 18.232  -6.202  -2.636  1.00 22.72 ? 671 HOH A O   1 
HETATM 1394 O  O   . HOH I 6 .   ? 13.964  -18.657 -13.604 1.00 40.61 ? 672 HOH A O   1 
HETATM 1395 O  O   . HOH I 6 .   ? 11.462  8.491   13.914  1.00 44.29 ? 673 HOH A O   1 
HETATM 1396 O  O   . HOH I 6 .   ? -3.014  -11.575 -6.078  1.00 23.70 ? 674 HOH A O   1 
HETATM 1397 O  O   . HOH I 6 .   ? 9.451   8.218   1.136   1.00 37.03 ? 675 HOH A O   1 
HETATM 1398 O  O   . HOH I 6 .   ? 9.062   12.636  -6.787  1.00 34.19 ? 676 HOH A O   1 
HETATM 1399 O  O   . HOH I 6 .   ? -11.937 -15.398 1.922   1.00 49.04 ? 677 HOH A O   1 
HETATM 1400 O  O   . HOH I 6 .   ? 12.100  1.068   -17.621 1.00 31.85 ? 678 HOH A O   1 
HETATM 1401 O  O   . HOH I 6 .   ? 12.202  8.571   -15.633 1.00 45.53 ? 679 HOH A O   1 
HETATM 1402 O  O   . HOH I 6 .   ? -9.922  6.426   -5.342  1.00 48.35 ? 680 HOH A O   1 
HETATM 1403 O  O   . HOH I 6 .   ? 9.289   11.069  13.614  1.00 44.51 ? 681 HOH A O   1 
HETATM 1404 O  O   . HOH I 6 .   ? -17.851 4.397   5.515   1.00 45.26 ? 682 HOH A O   1 
HETATM 1405 O  O   . HOH I 6 .   ? -20.357 -0.942  3.859   1.00 31.44 ? 683 HOH A O   1 
HETATM 1406 O  O   . HOH I 6 .   ? -9.674  -5.928  14.280  1.00 31.60 ? 684 HOH A O   1 
HETATM 1407 O  O   . HOH I 6 .   ? 7.049   8.350   16.590  1.00 45.45 ? 685 HOH A O   1 
HETATM 1408 O  O   . HOH I 6 .   ? 14.800  -18.421 -11.403 1.00 43.63 ? 686 HOH A O   1 
HETATM 1409 O  O   . HOH I 6 .   ? 11.309  8.505   3.327   1.00 48.94 ? 687 HOH A O   1 
HETATM 1410 O  O   . HOH I 6 .   ? 8.331   3.937   -0.263  1.00 25.54 ? 688 HOH A O   1 
HETATM 1411 O  O   . HOH I 6 .   ? 11.687  -4.073  5.849   1.00 27.62 ? 689 HOH A O   1 
HETATM 1412 O  O   . HOH I 6 .   ? 2.749   14.087  -6.621  1.00 43.19 ? 690 HOH A O   1 
HETATM 1413 O  O   . HOH I 6 .   ? -2.149  4.661   15.864  1.00 47.16 ? 691 HOH A O   1 
HETATM 1414 O  O   . HOH I 6 .   ? -0.403  -13.127 -0.101  1.00 24.94 ? 692 HOH A O   1 
HETATM 1415 O  O   . HOH I 6 .   ? 5.915   4.584   -18.056 1.00 33.35 ? 693 HOH A O   1 
HETATM 1416 O  O   . HOH I 6 .   ? 19.101  -0.673  -1.891  1.00 44.79 ? 694 HOH A O   1 
HETATM 1417 O  O   . HOH I 6 .   ? 11.696  -1.709  9.403   1.00 29.28 ? 695 HOH A O   1 
HETATM 1418 O  O   . HOH I 6 .   ? 0.155   7.502   14.759  1.00 37.42 ? 696 HOH A O   1 
HETATM 1419 O  O   . HOH I 6 .   ? 11.657  -0.560  11.674  1.00 34.55 ? 697 HOH A O   1 
HETATM 1420 O  O   . HOH I 6 .   ? 2.351   -12.800 3.656   1.00 36.44 ? 698 HOH A O   1 
HETATM 1421 O  O   . HOH I 6 .   ? 9.830   -6.928  5.495   1.00 25.40 ? 699 HOH A O   1 
HETATM 1422 O  O   . HOH I 6 .   ? 2.280   -2.864  18.535  1.00 42.18 ? 700 HOH A O   1 
HETATM 1423 O  O   . HOH I 6 .   ? -8.822  10.195  10.399  1.00 21.92 ? 701 HOH A O   1 
HETATM 1424 O  O   . HOH I 6 .   ? -18.299 0.037   5.806   1.00 35.08 ? 702 HOH A O   1 
HETATM 1425 O  O   . HOH I 6 .   ? -1.417  -12.014 8.669   1.00 35.63 ? 703 HOH A O   1 
HETATM 1426 O  O   . HOH I 6 .   ? -16.824 2.216   4.994   1.00 29.90 ? 704 HOH A O   1 
HETATM 1427 O  O   . HOH I 6 .   ? 5.614   0.655   -16.274 1.00 37.11 ? 705 HOH A O   1 
HETATM 1428 O  O   . HOH I 6 .   ? -6.049  17.511  -2.063  1.00 45.04 ? 706 HOH A O   1 
HETATM 1429 O  O   . HOH I 6 .   ? -13.309 -3.820  -6.462  1.00 23.09 ? 707 HOH A O   1 
HETATM 1430 O  O   . HOH I 6 .   ? -1.767  -2.534  16.692  1.00 34.46 ? 708 HOH A O   1 
HETATM 1431 O  O   . HOH I 6 .   ? -12.906 8.836   10.206  1.00 37.13 ? 709 HOH A O   1 
HETATM 1432 O  O   . HOH I 6 .   ? 20.741  1.183   -13.980 1.00 22.20 ? 710 HOH A O   1 
HETATM 1433 O  O   . HOH I 6 .   ? 4.396   3.017   -16.340 1.00 31.26 ? 711 HOH A O   1 
HETATM 1434 O  O   . HOH I 6 .   ? -13.429 -3.270  -10.867 1.00 35.76 ? 712 HOH A O   1 
HETATM 1435 O  O   . HOH I 6 .   ? 4.552   -15.611 -6.610  1.00 35.68 ? 713 HOH A O   1 
HETATM 1436 O  O   . HOH I 6 .   ? -5.080  -13.438 -0.098  1.00 31.56 ? 714 HOH A O   1 
HETATM 1437 O  O   . HOH I 6 .   ? 3.045   -8.375  19.436  1.00 55.10 ? 715 HOH A O   1 
HETATM 1438 O  O   . HOH I 6 .   ? 2.310   -14.657 -2.610  1.00 22.04 ? 716 HOH A O   1 
HETATM 1439 O  O   . HOH I 6 .   ? 5.347   -14.875 0.890   1.00 25.73 ? 717 HOH A O   1 
HETATM 1440 O  O   . HOH I 6 .   ? -1.879  -13.666 -4.356  1.00 23.56 ? 718 HOH A O   1 
HETATM 1441 O  O   . HOH I 6 .   ? -15.975 9.032   -0.504  1.00 43.22 ? 719 HOH A O   1 
HETATM 1442 O  O   . HOH I 6 .   ? 16.972  4.402   -18.826 1.00 35.57 ? 720 HOH A O   1 
HETATM 1443 O  O   . HOH I 6 .   ? -6.192  17.835  1.206   1.00 28.34 ? 721 HOH A O   1 
HETATM 1444 O  O   . HOH I 6 .   ? 1.252   -13.783 1.674   1.00 39.61 ? 722 HOH A O   1 
HETATM 1445 O  O   . HOH I 6 .   ? 3.576   17.707  -4.202  1.00 42.52 ? 723 HOH A O   1 
HETATM 1446 O  O   . HOH I 6 .   ? -5.452  -12.143 -4.723  1.00 26.10 ? 724 HOH A O   1 
HETATM 1447 O  O   . HOH I 6 .   ? 4.889   14.927  -6.749  1.00 46.61 ? 725 HOH A O   1 
HETATM 1448 O  O   . HOH I 6 .   ? 1.528   -15.759 -10.127 1.00 36.61 ? 726 HOH A O   1 
HETATM 1449 O  O   . HOH I 6 .   ? -11.612 -4.981  12.337  1.00 33.99 ? 727 HOH A O   1 
HETATM 1450 O  O   . HOH I 6 .   ? 2.854   -15.247 -0.007  1.00 32.75 ? 728 HOH A O   1 
HETATM 1451 O  O   . HOH I 6 .   ? -1.102  -16.088 -5.701  1.00 35.90 ? 729 HOH A O   1 
HETATM 1452 O  O   . HOH I 6 .   ? 0.992   -16.804 -3.940  1.00 41.73 ? 730 HOH A O   1 
# 
